data_5HHT
#
_entry.id   5HHT
#
_cell.length_a   89.944
_cell.length_b   102.044
_cell.length_c   133.076
_cell.angle_alpha   90.00
_cell.angle_beta   90.00
_cell.angle_gamma   90.00
#
_symmetry.space_group_name_H-M   'P 21 21 21'
#
loop_
_entity.id
_entity.type
_entity.pdbx_description
1 polymer 'Transketolase 1'
2 non-polymer 1,2-ETHANEDIOL
3 non-polymer 'CALCIUM ION'
4 non-polymer 'THIAMINE DIPHOSPHATE'
5 water water
#
_entity_poly.entity_id   1
_entity_poly.type   'polypeptide(L)'
_entity_poly.pdbx_seq_one_letter_code
;MSSRKELANAIRALSMDAVQKAKSGHPGAPMGMADIAEVLWRDFLKHNPQNPSWADRDRFVLSNGHGSMLIYSLLHLTGY
DLPMEELKNFRQLHSKTPGHPEVGYTAGVETTTGPLGQGIANAVGMAIAEKTLAAQFNRPGHDIVDHYTYAFMGDGCMME
GISHEVCSLAGTLKLGKLIAFYDDNGISIDGHVEGWFTDDTAMRFEAYGWHVIRDIDGHDAASIKRAVEEARAVTDKPSL
LMCKTIIGFGSPNKAGTHDSHGAPLGDAEIALTREQLGWKYAPFEIPSEIYAQWDAKEAGQAKESAWNEKFAAYAKAYPQ
EAAEFTRRMKGEMPSDFDAKAKEFIAKLQANPAKIASRKASQNAIEAFGPLLPEFLGGSADLAPYNLTLWSGSKAINEDA
AGNYIHYGVREFGMTAIANGISLHGGFLPYTSTFLMFVEYARNAVRMAALMKQRQVMVYTHDSIGLGETGPTHQPVEQVA
SLRVTPNMSTWRPCDQVESAVAWKYGVERQDGPTALILSQQNLAQQERTEEQLANIARGGYVLKDCAGQPELIFIATGSE
VELAVAAYEKLTAEGVKARVVSMPSTDAFDKQDAAYRESVLPKAVTARVAVEAGIADYWYKYVGLNGAIVGMTTFGESAP
AELLFEEFGFTVDNVVAKAKELLHHHHHH
;
_entity_poly.pdbx_strand_id   A,B
#
loop_
_chem_comp.id
_chem_comp.type
_chem_comp.name
_chem_comp.formula
CA non-polymer 'CALCIUM ION' 'Ca 2'
EDO non-polymer 1,2-ETHANEDIOL 'C2 H6 O2'
TPP non-polymer 'THIAMINE DIPHOSPHATE' 'C12 H19 N4 O7 P2 S 1'
#
# COMPACT_ATOMS: atom_id res chain seq x y z
N SER A 2 19.30 14.83 40.24
CA SER A 2 19.69 13.67 41.04
C SER A 2 20.21 12.55 40.14
N SER A 3 19.98 11.32 40.56
CA SER A 3 20.49 10.18 39.83
C SER A 3 19.77 10.04 38.50
N ARG A 4 20.54 9.71 37.48
CA ARG A 4 19.95 9.57 36.16
C ARG A 4 18.97 8.45 36.14
N LYS A 5 19.22 7.38 36.91
CA LYS A 5 18.27 6.25 36.91
C LYS A 5 16.96 6.69 37.57
N GLU A 6 17.02 7.49 38.63
CA GLU A 6 15.79 8.01 39.23
C GLU A 6 15.00 8.88 38.22
N LEU A 7 15.74 9.68 37.46
CA LEU A 7 15.11 10.60 36.49
C LEU A 7 14.45 9.79 35.39
N ALA A 8 15.13 8.74 34.92
CA ALA A 8 14.50 7.85 33.91
C ALA A 8 13.28 7.10 34.49
N ASN A 9 13.37 6.74 35.78
CA ASN A 9 12.28 6.03 36.39
C ASN A 9 11.03 6.89 36.49
N ALA A 10 11.17 8.22 36.45
CA ALA A 10 9.96 9.03 36.40
C ALA A 10 9.15 8.77 35.14
N ILE A 11 9.82 8.56 34.00
CA ILE A 11 9.14 8.16 32.76
C ILE A 11 8.49 6.81 32.96
N ARG A 12 9.22 5.90 33.58
CA ARG A 12 8.64 4.57 33.78
C ARG A 12 7.35 4.64 34.62
N ALA A 13 7.38 5.40 35.72
CA ALA A 13 6.23 5.52 36.58
C ALA A 13 5.06 6.18 35.87
N LEU A 14 5.30 7.34 35.26
CA LEU A 14 4.19 7.99 34.58
C LEU A 14 3.60 7.12 33.50
N SER A 15 4.44 6.38 32.78
CA SER A 15 3.96 5.56 31.68
CA SER A 15 3.95 5.56 31.67
C SER A 15 3.13 4.38 32.18
N MET A 16 3.67 3.63 33.16
CA MET A 16 2.90 2.48 33.61
C MET A 16 1.61 2.89 34.31
N ASP A 17 1.64 4.01 35.03
CA ASP A 17 0.46 4.49 35.75
C ASP A 17 -0.59 5.07 34.79
N ALA A 18 -0.16 5.79 33.76
CA ALA A 18 -1.16 6.33 32.84
C ALA A 18 -1.84 5.23 32.03
N VAL A 19 -1.05 4.24 31.62
CA VAL A 19 -1.62 3.08 30.95
C VAL A 19 -2.60 2.38 31.90
N GLN A 20 -2.20 2.23 33.17
CA GLN A 20 -3.08 1.51 34.10
C GLN A 20 -4.40 2.25 34.29
N LYS A 21 -4.33 3.57 34.42
CA LYS A 21 -5.53 4.37 34.65
C LYS A 21 -6.48 4.30 33.44
N ALA A 22 -5.89 4.31 32.24
CA ALA A 22 -6.71 4.20 31.02
C ALA A 22 -7.23 2.77 30.78
N LYS A 23 -6.65 1.80 31.47
CA LYS A 23 -6.84 0.37 31.21
C LYS A 23 -6.59 0.03 29.77
N SER A 24 -5.64 0.72 29.16
CA SER A 24 -5.37 0.60 27.73
C SER A 24 -4.01 1.20 27.44
N GLY A 25 -3.24 0.56 26.55
CA GLY A 25 -1.98 1.12 26.09
C GLY A 25 -0.76 0.26 26.31
N HIS A 26 0.40 0.89 26.13
CA HIS A 26 1.63 0.14 25.94
C HIS A 26 2.70 0.55 26.93
N PRO A 27 2.90 -0.23 27.98
CA PRO A 27 3.93 0.19 28.98
C PRO A 27 5.34 -0.24 28.58
N GLY A 28 5.45 -1.25 27.72
CA GLY A 28 6.71 -1.93 27.52
C GLY A 28 7.80 -1.09 26.92
N ALA A 29 7.56 -0.54 25.75
CA ALA A 29 8.61 0.27 25.11
C ALA A 29 8.98 1.56 25.88
N PRO A 30 7.99 2.27 26.50
CA PRO A 30 8.42 3.43 27.31
C PRO A 30 9.33 2.99 28.47
N MET A 31 8.98 1.87 29.11
CA MET A 31 9.85 1.40 30.20
C MET A 31 11.20 0.92 29.68
N GLY A 32 11.24 0.31 28.50
CA GLY A 32 12.49 -0.15 27.93
C GLY A 32 13.39 0.97 27.44
N MET A 33 12.83 2.09 26.99
CA MET A 33 13.65 3.15 26.37
CA MET A 33 13.61 3.16 26.37
C MET A 33 13.84 4.33 27.30
N ALA A 34 13.33 4.26 28.53
CA ALA A 34 13.45 5.44 29.38
C ALA A 34 14.88 5.94 29.65
N ASP A 35 15.85 5.05 29.83
CA ASP A 35 17.23 5.54 30.10
C ASP A 35 17.84 6.22 28.84
N ILE A 36 17.49 5.68 27.66
CA ILE A 36 17.98 6.27 26.42
C ILE A 36 17.37 7.67 26.27
N ALA A 37 16.06 7.76 26.53
CA ALA A 37 15.40 9.04 26.40
C ALA A 37 15.96 10.05 27.40
N GLU A 38 16.28 9.63 28.61
CA GLU A 38 16.81 10.56 29.62
C GLU A 38 18.14 11.14 29.14
N VAL A 39 19.02 10.29 28.59
CA VAL A 39 20.29 10.86 28.09
C VAL A 39 20.07 11.77 26.87
N LEU A 40 19.29 11.31 25.89
CA LEU A 40 19.06 12.11 24.70
C LEU A 40 18.45 13.46 25.04
N TRP A 41 17.35 13.46 25.78
CA TRP A 41 16.64 14.69 26.03
C TRP A 41 17.39 15.60 27.02
N ARG A 42 18.01 15.04 28.05
CA ARG A 42 18.61 15.95 29.04
C ARG A 42 19.99 16.43 28.62
N ASP A 43 20.73 15.63 27.86
CA ASP A 43 22.09 16.01 27.54
C ASP A 43 22.31 16.53 26.13
N PHE A 44 21.42 16.23 25.18
CA PHE A 44 21.71 16.59 23.79
C PHE A 44 20.63 17.40 23.09
N LEU A 45 19.38 17.08 23.32
CA LEU A 45 18.32 17.63 22.51
C LEU A 45 18.19 19.15 22.64
N LYS A 46 18.24 19.84 21.51
CA LYS A 46 18.11 21.29 21.46
C LYS A 46 16.69 21.68 21.20
N HIS A 47 16.00 22.22 22.21
CA HIS A 47 14.58 22.53 22.06
C HIS A 47 14.12 23.55 23.08
N ASN A 48 13.00 24.19 22.80
CA ASN A 48 12.44 25.15 23.76
C ASN A 48 10.98 24.81 24.02
N PRO A 49 10.67 24.28 25.21
CA PRO A 49 9.27 23.96 25.57
C PRO A 49 8.34 25.16 25.44
N GLN A 50 8.87 26.38 25.56
CA GLN A 50 8.01 27.56 25.47
C GLN A 50 7.70 27.96 24.04
N ASN A 51 8.41 27.38 23.07
CA ASN A 51 8.05 27.56 21.68
C ASN A 51 8.35 26.31 20.85
N PRO A 52 7.39 25.38 20.82
CA PRO A 52 7.56 24.14 20.06
C PRO A 52 7.69 24.37 18.55
N SER A 53 7.44 25.60 18.05
CA SER A 53 7.59 25.90 16.64
C SER A 53 8.88 26.62 16.27
N TRP A 54 9.81 26.75 17.22
CA TRP A 54 11.12 27.32 16.95
C TRP A 54 11.75 26.69 15.70
N ALA A 55 12.08 27.51 14.71
CA ALA A 55 12.47 26.99 13.39
C ALA A 55 13.69 26.10 13.46
N ASP A 56 14.61 26.38 14.39
CA ASP A 56 15.89 25.68 14.37
C ASP A 56 16.00 24.64 15.48
N ARG A 57 14.87 24.27 16.06
CA ARG A 57 14.91 23.19 17.05
C ARG A 57 15.40 21.87 16.44
N ASP A 58 16.01 21.01 17.26
CA ASP A 58 16.13 19.62 16.86
C ASP A 58 14.73 19.01 16.73
N ARG A 59 14.62 18.01 15.85
CA ARG A 59 13.37 17.25 15.68
C ARG A 59 13.53 15.86 16.27
N PHE A 60 12.60 15.44 17.13
CA PHE A 60 12.56 14.10 17.69
C PHE A 60 11.33 13.38 17.14
N VAL A 61 11.51 12.12 16.71
CA VAL A 61 10.44 11.28 16.16
C VAL A 61 10.39 9.93 16.86
N LEU A 62 9.22 9.58 17.36
CA LEU A 62 9.00 8.27 17.97
C LEU A 62 8.37 7.37 16.91
N SER A 63 9.18 6.59 16.19
CA SER A 63 8.62 5.75 15.12
C SER A 63 7.85 4.56 15.70
N ASN A 64 8.27 4.07 16.85
CA ASN A 64 7.53 3.03 17.56
C ASN A 64 6.43 3.71 18.40
N GLY A 65 5.48 4.28 17.68
CA GLY A 65 4.51 5.21 18.26
C GLY A 65 3.53 4.67 19.27
N HIS A 66 3.38 3.35 19.30
CA HIS A 66 2.57 2.75 20.37
C HIS A 66 3.13 3.13 21.74
N GLY A 67 4.43 3.36 21.83
CA GLY A 67 5.01 3.86 23.07
C GLY A 67 4.77 5.32 23.39
N SER A 68 3.55 5.78 23.11
CA SER A 68 3.22 7.18 23.22
C SER A 68 3.42 7.79 24.63
N MET A 69 3.21 7.00 25.69
CA MET A 69 3.49 7.56 27.02
C MET A 69 4.96 7.99 27.19
N LEU A 70 5.90 7.43 26.40
CA LEU A 70 7.27 7.90 26.49
C LEU A 70 7.32 9.39 26.10
N ILE A 71 6.71 9.74 24.95
CA ILE A 71 6.83 11.13 24.51
CA ILE A 71 6.83 11.13 24.52
C ILE A 71 5.95 12.03 25.40
N TYR A 72 4.79 11.55 25.85
CA TYR A 72 4.01 12.42 26.74
C TYR A 72 4.74 12.65 28.07
N SER A 73 5.41 11.63 28.61
CA SER A 73 6.20 11.81 29.83
C SER A 73 7.29 12.83 29.57
N LEU A 74 8.02 12.71 28.46
CA LEU A 74 9.08 13.65 28.17
C LEU A 74 8.60 15.10 28.01
N LEU A 75 7.49 15.27 27.28
CA LEU A 75 6.95 16.62 27.09
C LEU A 75 6.51 17.23 28.42
N HIS A 76 5.83 16.42 29.23
CA HIS A 76 5.38 16.90 30.53
C HIS A 76 6.57 17.24 31.43
N LEU A 77 7.52 16.34 31.57
CA LEU A 77 8.64 16.54 32.50
C LEU A 77 9.53 17.71 32.09
N THR A 78 9.70 17.92 30.78
CA THR A 78 10.61 18.98 30.39
C THR A 78 9.94 20.34 30.33
N GLY A 79 8.62 20.43 30.58
CA GLY A 79 7.99 21.74 30.71
C GLY A 79 7.13 22.25 29.56
N TYR A 80 6.78 21.36 28.63
CA TYR A 80 5.82 21.72 27.59
C TYR A 80 4.42 21.92 28.18
N ASP A 81 3.56 22.57 27.42
CA ASP A 81 2.18 22.78 27.88
C ASP A 81 1.38 21.48 27.77
N LEU A 82 1.67 20.54 28.67
CA LEU A 82 1.01 19.24 28.70
C LEU A 82 0.89 18.85 30.19
N PRO A 83 -0.17 19.33 30.84
CA PRO A 83 -0.23 19.15 32.29
C PRO A 83 -0.53 17.72 32.74
N MET A 84 -0.32 17.50 34.04
CA MET A 84 -0.52 16.17 34.60
C MET A 84 -1.97 15.69 34.37
N GLU A 85 -2.96 16.59 34.40
CA GLU A 85 -4.33 16.15 34.14
C GLU A 85 -4.49 15.51 32.76
N GLU A 86 -3.69 15.98 31.78
CA GLU A 86 -3.77 15.36 30.44
C GLU A 86 -3.17 13.96 30.47
N LEU A 87 -2.11 13.74 31.26
CA LEU A 87 -1.55 12.39 31.36
C LEU A 87 -2.54 11.46 32.07
N LYS A 88 -3.30 12.01 33.01
CA LYS A 88 -4.36 11.27 33.68
C LYS A 88 -5.53 11.00 32.76
N ASN A 89 -5.56 11.67 31.61
CA ASN A 89 -6.64 11.48 30.61
C ASN A 89 -6.10 10.79 29.32
N PHE A 90 -4.99 10.08 29.46
CA PHE A 90 -4.45 9.27 28.36
C PHE A 90 -5.52 8.40 27.72
N ARG A 91 -5.63 8.48 26.40
CA ARG A 91 -6.58 7.70 25.60
C ARG A 91 -8.06 8.03 25.85
N GLN A 92 -8.34 9.14 26.50
CA GLN A 92 -9.74 9.55 26.75
C GLN A 92 -10.24 10.56 25.75
N LEU A 93 -11.56 10.62 25.60
CA LEU A 93 -12.16 11.48 24.60
C LEU A 93 -11.66 12.93 24.68
N HIS A 94 -11.09 13.38 23.57
CA HIS A 94 -10.62 14.75 23.32
C HIS A 94 -9.50 15.19 24.25
N SER A 95 -8.76 14.23 24.78
CA SER A 95 -7.58 14.62 25.54
C SER A 95 -6.44 15.04 24.64
N LYS A 96 -5.41 15.65 25.24
CA LYS A 96 -4.18 15.98 24.52
C LYS A 96 -3.21 14.83 24.50
N THR A 97 -3.67 13.66 24.94
CA THR A 97 -2.84 12.47 25.01
C THR A 97 -3.52 11.29 24.35
N PRO A 98 -3.76 11.39 23.04
CA PRO A 98 -4.33 10.22 22.34
C PRO A 98 -3.41 9.01 22.31
N GLY A 99 -3.97 7.84 22.00
CA GLY A 99 -3.26 6.59 22.13
C GLY A 99 -1.99 6.51 21.31
N HIS A 100 -1.98 7.14 20.13
CA HIS A 100 -0.75 7.33 19.39
CA HIS A 100 -0.77 7.37 19.35
C HIS A 100 -0.55 8.83 19.23
N PRO A 101 0.71 9.30 19.20
CA PRO A 101 0.91 10.76 19.17
C PRO A 101 0.43 11.37 17.87
N GLU A 102 -0.17 12.54 17.97
CA GLU A 102 -0.75 13.22 16.81
CA GLU A 102 -0.78 13.23 16.82
C GLU A 102 -0.26 14.65 16.73
N VAL A 103 0.33 15.00 15.59
CA VAL A 103 0.83 16.34 15.39
C VAL A 103 -0.36 17.30 15.38
N GLY A 104 -0.17 18.41 16.08
CA GLY A 104 -1.26 19.36 16.24
C GLY A 104 -2.09 19.15 17.51
N TYR A 105 -2.11 17.95 18.08
CA TYR A 105 -2.99 17.69 19.23
C TYR A 105 -2.30 18.12 20.50
N THR A 106 -0.98 18.17 20.41
CA THR A 106 -0.16 18.10 21.60
C THR A 106 1.09 18.90 21.38
N ALA A 107 1.40 19.83 22.28
CA ALA A 107 2.55 20.67 22.11
C ALA A 107 3.82 19.82 22.06
N GLY A 108 4.64 20.00 21.04
CA GLY A 108 5.90 19.27 20.99
C GLY A 108 5.89 18.01 20.15
N VAL A 109 4.72 17.51 19.78
CA VAL A 109 4.68 16.30 18.93
C VAL A 109 4.96 16.69 17.49
N GLU A 110 5.93 16.04 16.86
CA GLU A 110 6.40 16.49 15.55
C GLU A 110 5.68 15.84 14.37
N THR A 111 5.05 14.69 14.63
CA THR A 111 4.45 13.92 13.55
C THR A 111 3.50 12.94 14.20
N THR A 112 2.59 12.38 13.42
CA THR A 112 1.64 11.37 13.90
C THR A 112 2.19 10.02 13.54
N THR A 113 2.46 9.17 14.54
CA THR A 113 3.00 7.86 14.25
C THR A 113 2.13 6.78 14.86
N GLY A 114 2.52 5.51 14.72
CA GLY A 114 1.60 4.42 14.98
C GLY A 114 1.73 3.36 13.91
N PRO A 115 1.47 3.72 12.65
CA PRO A 115 1.78 2.82 11.53
C PRO A 115 3.29 2.64 11.41
N LEU A 116 3.74 1.42 11.66
CA LEU A 116 5.16 1.19 11.85
C LEU A 116 5.96 1.48 10.59
N GLY A 117 7.16 1.99 10.80
CA GLY A 117 8.06 2.32 9.68
C GLY A 117 7.92 3.74 9.20
N GLN A 118 6.75 4.33 9.35
CA GLN A 118 6.57 5.67 8.79
C GLN A 118 7.21 6.77 9.60
N GLY A 119 7.41 6.57 10.91
CA GLY A 119 8.13 7.57 11.67
C GLY A 119 9.58 7.72 11.20
N ILE A 120 10.32 6.62 11.02
CA ILE A 120 11.67 6.75 10.52
C ILE A 120 11.66 7.38 9.12
N ALA A 121 10.66 7.08 8.28
CA ALA A 121 10.56 7.75 7.00
C ALA A 121 10.39 9.27 7.15
N ASN A 122 9.52 9.66 8.09
CA ASN A 122 9.28 11.08 8.32
C ASN A 122 10.59 11.72 8.80
N ALA A 123 11.32 11.02 9.66
CA ALA A 123 12.56 11.58 10.17
C ALA A 123 13.61 11.74 9.05
N VAL A 124 13.67 10.79 8.13
CA VAL A 124 14.55 10.95 6.96
C VAL A 124 14.12 12.22 6.17
N GLY A 125 12.82 12.43 6.00
CA GLY A 125 12.35 13.65 5.34
C GLY A 125 12.73 14.92 6.10
N MET A 126 12.65 14.90 7.43
CA MET A 126 13.02 16.07 8.23
C MET A 126 14.52 16.33 8.12
N ALA A 127 15.32 15.26 8.03
CA ALA A 127 16.75 15.46 7.90
C ALA A 127 17.11 15.97 6.48
N ILE A 128 16.39 15.48 5.46
CA ILE A 128 16.59 16.03 4.12
C ILE A 128 16.22 17.51 4.09
N ALA A 129 15.11 17.86 4.74
CA ALA A 129 14.71 19.24 4.78
C ALA A 129 15.76 20.10 5.47
N GLU A 130 16.31 19.65 6.60
CA GLU A 130 17.31 20.46 7.27
C GLU A 130 18.56 20.66 6.42
N LYS A 131 19.00 19.57 5.79
CA LYS A 131 20.23 19.64 4.97
C LYS A 131 20.04 20.62 3.79
N THR A 132 18.87 20.52 3.18
CA THR A 132 18.57 21.32 1.98
C THR A 132 18.38 22.78 2.36
N LEU A 133 17.65 23.03 3.46
CA LEU A 133 17.41 24.38 3.92
C LEU A 133 18.73 25.04 4.33
N ALA A 134 19.60 24.30 5.02
CA ALA A 134 20.90 24.85 5.39
C ALA A 134 21.69 25.23 4.13
N ALA A 135 21.71 24.33 3.14
CA ALA A 135 22.45 24.65 1.91
C ALA A 135 21.87 25.87 1.18
N GLN A 136 20.54 26.01 1.21
CA GLN A 136 19.90 27.16 0.54
C GLN A 136 20.16 28.47 1.27
N PHE A 137 20.06 28.44 2.62
CA PHE A 137 20.02 29.71 3.36
C PHE A 137 21.30 30.07 4.11
N ASN A 138 22.10 29.11 4.55
CA ASN A 138 23.28 29.50 5.33
C ASN A 138 24.24 30.32 4.48
N ARG A 139 24.95 31.24 5.13
CA ARG A 139 25.93 32.09 4.44
C ARG A 139 27.15 32.15 5.31
N PRO A 140 28.30 32.55 4.74
CA PRO A 140 29.50 32.57 5.58
C PRO A 140 29.35 33.48 6.79
N GLY A 141 29.67 32.97 7.97
CA GLY A 141 29.45 33.70 9.22
C GLY A 141 28.03 33.67 9.75
N HIS A 142 27.13 33.00 9.02
CA HIS A 142 25.70 33.04 9.32
C HIS A 142 25.05 31.68 9.11
N ASP A 143 25.27 30.72 10.02
CA ASP A 143 24.65 29.40 9.88
C ASP A 143 23.32 29.27 10.64
N ILE A 144 22.26 29.81 10.05
CA ILE A 144 20.96 29.95 10.72
C ILE A 144 20.20 28.63 10.73
N VAL A 145 20.60 27.66 9.92
CA VAL A 145 20.00 26.33 9.96
C VAL A 145 21.05 25.35 10.42
N ASP A 146 20.83 24.76 11.58
CA ASP A 146 21.78 23.77 12.14
C ASP A 146 21.12 22.97 13.22
N HIS A 147 20.45 21.89 12.85
CA HIS A 147 19.81 21.07 13.88
C HIS A 147 19.79 19.62 13.49
N TYR A 148 19.66 18.79 14.52
CA TYR A 148 19.65 17.32 14.37
C TYR A 148 18.24 16.77 14.27
N THR A 149 18.17 15.58 13.69
CA THR A 149 16.95 14.78 13.65
C THR A 149 17.23 13.46 14.36
N TYR A 150 16.49 13.22 15.44
CA TYR A 150 16.64 12.00 16.24
C TYR A 150 15.41 11.15 16.13
N ALA A 151 15.58 9.85 15.94
CA ALA A 151 14.43 8.97 15.84
C ALA A 151 14.61 7.76 16.73
N PHE A 152 13.54 7.33 17.39
CA PHE A 152 13.49 6.04 18.07
C PHE A 152 12.70 5.07 17.20
N MET A 153 13.14 3.83 17.11
CA MET A 153 12.43 2.83 16.32
C MET A 153 12.65 1.44 16.94
N GLY A 154 11.75 0.52 16.65
CA GLY A 154 11.85 -0.83 17.18
C GLY A 154 11.89 -1.90 16.11
N ASP A 155 11.65 -3.15 16.53
CA ASP A 155 11.73 -4.30 15.60
C ASP A 155 10.69 -4.18 14.51
N GLY A 156 9.49 -3.67 14.83
CA GLY A 156 8.46 -3.60 13.80
C GLY A 156 8.85 -2.64 12.69
N CYS A 157 9.38 -1.49 13.05
CA CYS A 157 9.87 -0.54 12.04
C CYS A 157 10.99 -1.14 11.21
N MET A 158 11.88 -1.88 11.86
CA MET A 158 12.97 -2.53 11.14
C MET A 158 12.52 -3.61 10.18
N MET A 159 11.45 -4.34 10.54
CA MET A 159 10.95 -5.38 9.62
C MET A 159 10.23 -4.80 8.42
N GLU A 160 9.57 -3.66 8.60
CA GLU A 160 8.77 -3.09 7.52
C GLU A 160 9.63 -2.69 6.33
N GLY A 161 9.13 -2.96 5.13
CA GLY A 161 9.85 -2.62 3.92
C GLY A 161 10.20 -1.16 3.81
N ILE A 162 9.32 -0.29 4.34
CA ILE A 162 9.57 1.14 4.17
C ILE A 162 10.88 1.54 4.84
N SER A 163 11.30 0.82 5.90
CA SER A 163 12.60 1.16 6.50
C SER A 163 13.77 0.96 5.52
N HIS A 164 13.67 -0.08 4.69
CA HIS A 164 14.66 -0.32 3.66
C HIS A 164 14.66 0.82 2.64
N GLU A 165 13.48 1.22 2.23
CA GLU A 165 13.47 2.32 1.23
C GLU A 165 14.12 3.60 1.75
N VAL A 166 13.70 4.02 2.95
CA VAL A 166 14.12 5.36 3.38
C VAL A 166 15.52 5.34 3.97
N CYS A 167 15.93 4.23 4.57
CA CYS A 167 17.29 4.22 5.13
C CYS A 167 18.36 3.96 4.03
N SER A 168 17.98 3.26 2.96
CA SER A 168 18.82 3.21 1.79
C SER A 168 19.06 4.62 1.25
N LEU A 169 17.95 5.33 1.03
CA LEU A 169 18.12 6.67 0.46
C LEU A 169 18.85 7.63 1.41
N ALA A 170 18.61 7.50 2.72
CA ALA A 170 19.34 8.32 3.69
C ALA A 170 20.85 8.10 3.59
N GLY A 171 21.26 6.85 3.35
CA GLY A 171 22.68 6.61 3.16
C GLY A 171 23.21 7.28 1.90
N THR A 172 22.50 7.14 0.78
CA THR A 172 22.93 7.85 -0.44
C THR A 172 23.11 9.36 -0.24
N LEU A 173 22.18 9.96 0.52
CA LEU A 173 22.20 11.41 0.70
C LEU A 173 23.09 11.88 1.86
N LYS A 174 23.75 10.94 2.54
CA LYS A 174 24.83 11.23 3.50
C LYS A 174 24.28 12.17 4.60
N LEU A 175 23.14 11.76 5.19
CA LEU A 175 22.45 12.60 6.17
C LEU A 175 23.12 12.53 7.54
N GLY A 176 24.24 13.23 7.69
CA GLY A 176 25.01 13.14 8.91
C GLY A 176 24.39 13.71 10.16
N LYS A 177 23.27 14.40 10.04
CA LYS A 177 22.59 14.88 11.23
C LYS A 177 21.36 14.06 11.59
N LEU A 178 21.18 12.92 10.94
CA LEU A 178 20.19 11.94 11.34
C LEU A 178 20.80 10.88 12.25
N ILE A 179 20.22 10.74 13.44
CA ILE A 179 20.68 9.75 14.42
C ILE A 179 19.46 8.95 14.88
N ALA A 180 19.51 7.66 14.63
CA ALA A 180 18.42 6.77 15.00
C ALA A 180 18.86 5.80 16.08
N PHE A 181 17.94 5.54 17.00
CA PHE A 181 18.14 4.61 18.11
C PHE A 181 17.24 3.42 17.89
N TYR A 182 17.84 2.24 17.77
CA TYR A 182 17.07 1.01 17.60
C TYR A 182 16.87 0.34 18.96
N ASP A 183 15.62 0.20 19.37
CA ASP A 183 15.25 -0.47 20.61
C ASP A 183 15.33 -1.99 20.38
N ASP A 184 16.52 -2.54 20.57
CA ASP A 184 16.80 -3.94 20.25
C ASP A 184 16.44 -4.78 21.48
N ASN A 185 15.15 -5.10 21.63
CA ASN A 185 14.68 -5.75 22.85
C ASN A 185 14.23 -7.23 22.66
N GLY A 186 14.34 -7.73 21.42
CA GLY A 186 14.12 -9.14 21.17
C GLY A 186 12.67 -9.61 21.18
N ILE A 187 11.72 -8.69 21.35
CA ILE A 187 10.30 -9.06 21.56
C ILE A 187 9.42 -8.35 20.57
N SER A 188 8.45 -9.07 19.98
CA SER A 188 7.39 -8.40 19.23
C SER A 188 6.10 -9.05 19.68
N ILE A 189 4.97 -8.80 19.01
CA ILE A 189 3.69 -9.21 19.59
C ILE A 189 3.58 -10.74 19.63
N ASP A 190 4.13 -11.42 18.61
CA ASP A 190 4.02 -12.87 18.59
C ASP A 190 4.99 -13.57 19.55
N GLY A 191 5.89 -12.80 20.19
CA GLY A 191 6.84 -13.37 21.13
C GLY A 191 8.30 -13.05 20.86
N HIS A 192 9.15 -14.05 21.05
CA HIS A 192 10.60 -13.87 20.81
C HIS A 192 10.87 -13.75 19.30
N VAL A 193 11.47 -12.62 18.89
CA VAL A 193 11.51 -12.31 17.46
C VAL A 193 12.34 -13.26 16.64
N GLU A 194 13.22 -14.06 17.25
CA GLU A 194 14.07 -14.96 16.46
C GLU A 194 13.29 -15.93 15.55
N GLY A 195 12.01 -16.19 15.85
CA GLY A 195 11.24 -17.06 14.98
C GLY A 195 10.88 -16.46 13.63
N TRP A 196 11.01 -15.13 13.51
CA TRP A 196 10.61 -14.45 12.28
C TRP A 196 11.51 -13.27 11.90
N PHE A 197 12.52 -12.96 12.70
CA PHE A 197 13.34 -11.78 12.43
C PHE A 197 14.76 -12.07 12.92
N THR A 198 15.66 -12.29 11.98
CA THR A 198 17.01 -12.77 12.30
C THR A 198 18.09 -11.96 11.60
N ASP A 199 17.73 -10.84 10.98
CA ASP A 199 18.72 -9.98 10.28
C ASP A 199 19.87 -9.61 11.17
N ASP A 200 21.06 -9.55 10.57
CA ASP A 200 22.16 -8.79 11.17
C ASP A 200 21.88 -7.34 10.83
N THR A 201 21.09 -6.69 11.67
CA THR A 201 20.62 -5.34 11.36
C THR A 201 21.77 -4.34 11.25
N ALA A 202 22.82 -4.51 12.05
CA ALA A 202 23.95 -3.61 11.93
C ALA A 202 24.63 -3.75 10.56
N MET A 203 24.84 -4.99 10.11
CA MET A 203 25.42 -5.21 8.79
C MET A 203 24.55 -4.63 7.68
N ARG A 204 23.22 -4.79 7.81
CA ARG A 204 22.29 -4.23 6.86
C ARG A 204 22.47 -2.72 6.76
N PHE A 205 22.56 -2.06 7.91
CA PHE A 205 22.66 -0.60 7.85
C PHE A 205 24.03 -0.13 7.39
N GLU A 206 25.08 -0.91 7.69
CA GLU A 206 26.38 -0.58 7.07
C GLU A 206 26.30 -0.74 5.54
N ALA A 207 25.50 -1.69 5.02
CA ALA A 207 25.32 -1.82 3.58
C ALA A 207 24.68 -0.56 2.99
N TYR A 208 23.88 0.13 3.80
CA TYR A 208 23.29 1.40 3.35
C TYR A 208 24.22 2.56 3.45
N GLY A 209 25.40 2.38 4.00
CA GLY A 209 26.27 3.54 4.17
C GLY A 209 26.04 4.29 5.48
N TRP A 210 25.38 3.65 6.46
CA TRP A 210 25.26 4.26 7.77
C TRP A 210 26.46 3.94 8.65
N HIS A 211 26.69 4.82 9.62
CA HIS A 211 27.61 4.56 10.71
C HIS A 211 26.81 3.80 11.76
N VAL A 212 27.26 2.62 12.17
CA VAL A 212 26.48 1.83 13.11
C VAL A 212 27.31 1.61 14.38
N ILE A 213 26.67 1.81 15.53
CA ILE A 213 27.30 1.59 16.83
C ILE A 213 26.61 0.41 17.48
N ARG A 214 27.32 -0.73 17.53
CA ARG A 214 26.81 -1.97 18.11
C ARG A 214 26.93 -2.05 19.63
N ASP A 215 26.06 -2.90 20.18
CA ASP A 215 26.22 -3.42 21.56
C ASP A 215 26.21 -2.34 22.61
N ILE A 216 25.31 -1.39 22.43
CA ILE A 216 25.10 -0.37 23.44
C ILE A 216 24.21 -0.93 24.54
N ASP A 217 24.62 -0.74 25.79
CA ASP A 217 23.77 -1.12 26.92
C ASP A 217 22.75 -0.02 27.12
N GLY A 218 21.53 -0.27 26.63
CA GLY A 218 20.47 0.72 26.68
C GLY A 218 19.94 1.06 28.07
N HIS A 219 20.47 0.38 29.10
CA HIS A 219 20.14 0.74 30.48
C HIS A 219 21.33 1.32 31.24
N ASP A 220 22.34 1.78 30.50
CA ASP A 220 23.51 2.38 31.14
C ASP A 220 23.76 3.75 30.53
N ALA A 221 23.53 4.79 31.34
CA ALA A 221 23.66 6.16 30.85
C ALA A 221 25.06 6.39 30.26
N ALA A 222 26.13 5.91 30.89
CA ALA A 222 27.46 6.17 30.28
C ALA A 222 27.60 5.57 28.87
N SER A 223 27.13 4.32 28.69
CA SER A 223 27.17 3.65 27.38
CA SER A 223 27.17 3.67 27.38
C SER A 223 26.40 4.45 26.31
N ILE A 224 25.19 4.86 26.68
CA ILE A 224 24.34 5.60 25.75
C ILE A 224 24.99 6.93 25.40
N LYS A 225 25.47 7.67 26.41
CA LYS A 225 26.02 9.00 26.17
C LYS A 225 27.24 8.90 25.26
N ARG A 226 28.13 7.93 25.52
CA ARG A 226 29.30 7.81 24.65
C ARG A 226 28.89 7.53 23.20
N ALA A 227 27.86 6.68 23.04
CA ALA A 227 27.39 6.38 21.67
C ALA A 227 26.80 7.61 20.96
N VAL A 228 26.03 8.43 21.68
CA VAL A 228 25.48 9.63 21.05
C VAL A 228 26.61 10.59 20.67
N GLU A 229 27.61 10.73 21.55
CA GLU A 229 28.75 11.60 21.20
C GLU A 229 29.45 11.13 19.92
N GLU A 230 29.61 9.81 19.81
CA GLU A 230 30.29 9.26 18.63
C GLU A 230 29.46 9.51 17.38
N ALA A 231 28.15 9.31 17.47
CA ALA A 231 27.29 9.54 16.30
C ALA A 231 27.27 11.01 15.87
N ARG A 232 27.30 11.92 16.84
CA ARG A 232 27.32 13.35 16.52
C ARG A 232 28.67 13.75 15.89
N ALA A 233 29.73 13.01 16.18
CA ALA A 233 31.03 13.33 15.56
C ALA A 233 31.17 12.83 14.12
N VAL A 234 30.33 11.90 13.72
CA VAL A 234 30.31 11.39 12.36
C VAL A 234 29.42 12.29 11.51
N THR A 235 29.99 13.15 10.69
CA THR A 235 29.15 14.15 10.03
C THR A 235 28.74 13.81 8.59
N ASP A 236 29.23 12.70 8.03
CA ASP A 236 28.99 12.41 6.63
C ASP A 236 28.13 11.17 6.39
N LYS A 237 27.58 10.64 7.47
CA LYS A 237 26.76 9.43 7.42
CA LYS A 237 26.76 9.42 7.43
C LYS A 237 25.67 9.53 8.47
N PRO A 238 24.46 9.07 8.15
CA PRO A 238 23.47 8.90 9.21
C PRO A 238 23.95 7.77 10.16
N SER A 239 23.52 7.82 11.41
CA SER A 239 24.00 6.89 12.42
C SER A 239 22.87 6.07 13.02
N LEU A 240 23.15 4.78 13.24
CA LEU A 240 22.22 3.87 13.91
C LEU A 240 22.87 3.39 15.20
N LEU A 241 22.17 3.60 16.32
CA LEU A 241 22.65 3.15 17.62
C LEU A 241 21.89 1.89 18.00
N MET A 242 22.58 0.76 18.11
CA MET A 242 21.96 -0.53 18.43
C MET A 242 21.82 -0.64 19.95
N CYS A 243 20.66 -0.30 20.48
CA CYS A 243 20.49 -0.23 21.92
C CYS A 243 19.84 -1.47 22.50
N LYS A 244 20.61 -2.26 23.23
CA LYS A 244 20.04 -3.46 23.86
C LYS A 244 19.24 -3.05 25.06
N THR A 245 17.95 -3.33 25.03
CA THR A 245 17.05 -2.98 26.14
C THR A 245 16.22 -4.15 26.51
N ILE A 246 15.60 -4.01 27.67
CA ILE A 246 14.67 -4.97 28.20
C ILE A 246 13.28 -4.34 28.17
N ILE A 247 12.37 -4.91 27.37
CA ILE A 247 11.01 -4.38 27.29
C ILE A 247 10.36 -4.47 28.69
N GLY A 248 9.68 -3.41 29.12
CA GLY A 248 9.03 -3.44 30.42
C GLY A 248 10.03 -3.43 31.58
N PHE A 249 11.25 -2.93 31.35
CA PHE A 249 12.30 -2.84 32.37
C PHE A 249 11.74 -2.35 33.70
N GLY A 250 11.97 -3.13 34.77
CA GLY A 250 11.48 -2.74 36.08
C GLY A 250 10.44 -3.72 36.61
N SER A 251 9.69 -4.34 35.70
CA SER A 251 8.64 -5.28 36.07
C SER A 251 9.24 -6.66 36.37
N PRO A 252 9.12 -7.15 37.61
CA PRO A 252 9.78 -8.44 37.86
C PRO A 252 9.20 -9.60 37.08
N ASN A 253 7.92 -9.57 36.80
CA ASN A 253 7.30 -10.71 36.12
C ASN A 253 6.96 -10.49 34.66
N LYS A 254 6.99 -9.23 34.19
CA LYS A 254 6.65 -9.01 32.79
C LYS A 254 7.77 -8.39 31.96
N ALA A 255 8.85 -7.91 32.60
CA ALA A 255 9.99 -7.46 31.80
C ALA A 255 10.53 -8.57 30.91
N GLY A 256 10.84 -8.24 29.67
CA GLY A 256 11.42 -9.21 28.76
C GLY A 256 10.40 -10.15 28.14
N THR A 257 9.11 -9.84 28.31
CA THR A 257 8.04 -10.69 27.78
C THR A 257 7.11 -9.89 26.90
N HIS A 258 6.42 -10.59 26.02
CA HIS A 258 5.45 -9.91 25.19
C HIS A 258 4.29 -9.40 26.03
N ASP A 259 4.12 -9.92 27.23
CA ASP A 259 3.04 -9.45 28.09
C ASP A 259 3.19 -7.98 28.48
N SER A 260 4.40 -7.41 28.40
CA SER A 260 4.53 -5.99 28.72
C SER A 260 4.35 -5.08 27.51
N HIS A 261 4.18 -5.64 26.31
CA HIS A 261 4.11 -4.83 25.10
C HIS A 261 2.91 -3.90 25.08
N GLY A 262 1.73 -4.45 25.35
CA GLY A 262 0.52 -3.80 24.82
C GLY A 262 -0.68 -3.87 25.70
N ALA A 263 -0.46 -4.14 26.97
CA ALA A 263 -1.56 -4.13 27.94
C ALA A 263 -1.08 -3.57 29.26
N PRO A 264 -2.01 -3.03 30.07
CA PRO A 264 -1.66 -2.65 31.44
C PRO A 264 -0.95 -3.79 32.19
N LEU A 265 0.04 -3.40 33.00
CA LEU A 265 0.76 -4.37 33.80
C LEU A 265 -0.12 -5.01 34.86
N GLY A 266 -1.11 -4.25 35.38
CA GLY A 266 -2.00 -4.68 36.44
C GLY A 266 -1.55 -4.07 37.77
N ASP A 267 -2.47 -3.85 38.69
CA ASP A 267 -2.12 -3.16 39.93
C ASP A 267 -1.06 -3.88 40.78
N ALA A 268 -1.20 -5.20 40.92
CA ALA A 268 -0.20 -5.93 41.71
C ALA A 268 1.21 -5.81 41.11
N GLU A 269 1.28 -6.00 39.80
CA GLU A 269 2.59 -5.93 39.12
C GLU A 269 3.16 -4.52 39.18
N ILE A 270 2.31 -3.50 39.08
CA ILE A 270 2.82 -2.13 39.27
C ILE A 270 3.40 -1.94 40.65
N ALA A 271 2.74 -2.50 41.67
CA ALA A 271 3.32 -2.39 43.02
C ALA A 271 4.72 -3.06 43.11
N LEU A 272 4.82 -4.23 42.50
CA LEU A 272 6.11 -4.93 42.47
C LEU A 272 7.19 -4.15 41.69
N THR A 273 6.75 -3.46 40.65
CA THR A 273 7.62 -2.67 39.80
C THR A 273 8.14 -1.47 40.59
N ARG A 274 7.27 -0.81 41.33
CA ARG A 274 7.70 0.28 42.21
C ARG A 274 8.75 -0.24 43.17
N GLU A 275 8.51 -1.43 43.75
CA GLU A 275 9.52 -1.98 44.66
C GLU A 275 10.86 -2.26 43.97
N GLN A 276 10.83 -2.85 42.78
CA GLN A 276 12.07 -3.20 42.10
C GLN A 276 12.84 -1.94 41.66
N LEU A 277 12.13 -0.90 41.24
CA LEU A 277 12.76 0.34 40.79
C LEU A 277 13.17 1.23 41.94
N GLY A 278 12.63 0.98 43.12
CA GLY A 278 12.80 1.87 44.24
C GLY A 278 12.10 3.21 44.06
N TRP A 279 10.95 3.18 43.38
CA TRP A 279 10.17 4.39 43.09
C TRP A 279 9.15 4.61 44.18
N LYS A 280 9.33 5.69 44.93
CA LYS A 280 8.54 5.85 46.15
C LYS A 280 7.35 6.75 46.03
N TYR A 281 7.03 7.19 44.82
CA TYR A 281 5.98 8.18 44.63
C TYR A 281 4.71 7.54 44.11
N ALA A 282 3.58 8.07 44.56
CA ALA A 282 2.26 7.59 44.19
C ALA A 282 1.96 7.90 42.72
N PRO A 283 0.96 7.25 42.12
CA PRO A 283 0.66 7.55 40.72
C PRO A 283 0.44 9.03 40.51
N PHE A 284 1.09 9.61 39.51
CA PHE A 284 0.95 11.01 39.09
C PHE A 284 1.51 11.97 40.11
N GLU A 285 2.34 11.45 41.02
CA GLU A 285 3.16 12.27 41.90
C GLU A 285 4.60 12.36 41.36
N ILE A 286 5.07 13.58 41.17
CA ILE A 286 6.46 13.85 40.78
C ILE A 286 6.97 14.92 41.74
N PRO A 287 8.05 14.63 42.47
CA PRO A 287 8.57 15.66 43.38
C PRO A 287 9.20 16.85 42.65
N SER A 288 9.24 17.99 43.32
CA SER A 288 9.76 19.21 42.73
CA SER A 288 9.75 19.20 42.68
C SER A 288 11.18 19.09 42.22
N GLU A 289 12.02 18.34 42.92
CA GLU A 289 13.41 18.28 42.48
C GLU A 289 13.57 17.45 41.20
N ILE A 290 12.65 16.53 40.95
CA ILE A 290 12.75 15.75 39.72
C ILE A 290 12.31 16.66 38.57
N TYR A 291 11.26 17.47 38.78
CA TYR A 291 10.96 18.49 37.77
C TYR A 291 12.15 19.45 37.54
N ALA A 292 12.82 19.83 38.61
CA ALA A 292 13.91 20.78 38.47
C ALA A 292 15.02 20.19 37.62
N GLN A 293 15.27 18.89 37.79
CA GLN A 293 16.30 18.25 36.98
C GLN A 293 15.88 18.05 35.52
N TRP A 294 14.58 17.86 35.29
CA TRP A 294 14.09 17.60 33.94
C TRP A 294 13.79 18.88 33.18
N ASP A 295 13.55 20.00 33.87
CA ASP A 295 12.92 21.11 33.17
C ASP A 295 13.89 21.71 32.13
N ALA A 296 13.35 22.01 30.95
CA ALA A 296 14.13 22.55 29.84
C ALA A 296 13.74 23.99 29.48
N LYS A 297 12.83 24.60 30.24
CA LYS A 297 12.42 25.97 29.92
C LYS A 297 13.54 27.00 29.98
N GLU A 298 14.36 26.95 31.03
CA GLU A 298 15.40 27.96 31.14
C GLU A 298 16.49 27.82 30.04
N ALA A 299 17.02 26.60 29.89
CA ALA A 299 18.04 26.39 28.86
C ALA A 299 17.44 26.57 27.47
N GLY A 300 16.21 26.13 27.29
CA GLY A 300 15.57 26.19 25.99
C GLY A 300 15.35 27.63 25.54
N GLN A 301 14.91 28.45 26.48
CA GLN A 301 14.70 29.85 26.13
C GLN A 301 16.05 30.52 25.87
N ALA A 302 17.10 30.14 26.61
CA ALA A 302 18.42 30.73 26.31
C ALA A 302 18.90 30.38 24.91
N LYS A 303 18.73 29.13 24.53
CA LYS A 303 19.17 28.70 23.19
C LYS A 303 18.35 29.35 22.08
N GLU A 304 17.03 29.42 22.25
CA GLU A 304 16.22 30.05 21.21
C GLU A 304 16.52 31.55 21.14
N SER A 305 16.72 32.21 22.28
CA SER A 305 17.07 33.63 22.24
C SER A 305 18.40 33.87 21.53
N ALA A 306 19.38 33.01 21.80
CA ALA A 306 20.64 33.09 21.08
C ALA A 306 20.43 32.94 19.57
N TRP A 307 19.55 32.02 19.19
CA TRP A 307 19.25 31.82 17.76
C TRP A 307 18.55 33.02 17.17
N ASN A 308 17.63 33.61 17.90
CA ASN A 308 16.96 34.81 17.42
C ASN A 308 17.95 35.92 17.16
N GLU A 309 18.95 36.02 18.03
CA GLU A 309 19.99 37.05 17.82
C GLU A 309 20.81 36.77 16.57
N LYS A 310 21.11 35.48 16.36
CA LYS A 310 21.81 35.09 15.14
C LYS A 310 20.97 35.41 13.89
N PHE A 311 19.68 35.14 13.97
CA PHE A 311 18.82 35.38 12.84
C PHE A 311 18.72 36.89 12.56
N ALA A 312 18.68 37.69 13.61
CA ALA A 312 18.57 39.13 13.40
C ALA A 312 19.84 39.63 12.68
N ALA A 313 20.98 39.10 13.07
CA ALA A 313 22.23 39.50 12.37
C ALA A 313 22.24 39.07 10.87
N TYR A 314 21.77 37.84 10.65
CA TYR A 314 21.56 37.35 9.30
C TYR A 314 20.66 38.29 8.50
N ALA A 315 19.56 38.71 9.09
CA ALA A 315 18.61 39.52 8.35
C ALA A 315 19.18 40.87 8.02
N LYS A 316 20.07 41.36 8.88
CA LYS A 316 20.78 42.59 8.49
C LYS A 316 21.71 42.39 7.29
N ALA A 317 22.45 41.27 7.25
CA ALA A 317 23.36 41.05 6.10
C ALA A 317 22.65 40.55 4.84
N TYR A 318 21.55 39.82 5.05
CA TYR A 318 20.81 39.15 3.95
C TYR A 318 19.30 39.38 4.07
N PRO A 319 18.84 40.62 3.89
CA PRO A 319 17.44 40.95 4.18
C PRO A 319 16.39 40.18 3.33
N GLN A 320 16.66 40.02 2.04
CA GLN A 320 15.70 39.34 1.19
C GLN A 320 15.65 37.85 1.52
N GLU A 321 16.82 37.29 1.79
CA GLU A 321 16.91 35.87 2.16
C GLU A 321 16.20 35.63 3.48
N ALA A 322 16.37 36.53 4.44
CA ALA A 322 15.72 36.33 5.72
C ALA A 322 14.21 36.43 5.58
N ALA A 323 13.73 37.37 4.76
CA ALA A 323 12.29 37.44 4.55
C ALA A 323 11.74 36.15 3.88
N GLU A 324 12.50 35.63 2.93
CA GLU A 324 12.12 34.34 2.33
C GLU A 324 12.11 33.18 3.35
N PHE A 325 13.12 33.15 4.21
CA PHE A 325 13.17 32.12 5.25
C PHE A 325 11.94 32.18 6.14
N THR A 326 11.60 33.38 6.62
CA THR A 326 10.42 33.50 7.47
C THR A 326 9.11 33.10 6.77
N ARG A 327 8.96 33.60 5.55
CA ARG A 327 7.79 33.24 4.75
C ARG A 327 7.66 31.71 4.58
N ARG A 328 8.76 31.08 4.21
CA ARG A 328 8.71 29.66 3.94
C ARG A 328 8.54 28.85 5.20
N MET A 329 9.16 29.26 6.29
CA MET A 329 8.97 28.49 7.51
C MET A 329 7.55 28.60 8.03
N LYS A 330 6.89 29.73 7.78
CA LYS A 330 5.49 29.87 8.16
C LYS A 330 4.53 29.18 7.19
N GLY A 331 5.00 28.75 6.02
CA GLY A 331 4.17 28.06 5.06
C GLY A 331 3.27 29.01 4.27
N GLU A 332 3.60 30.29 4.29
CA GLU A 332 2.86 31.32 3.54
C GLU A 332 3.20 31.34 2.06
N MET A 333 2.20 31.65 1.23
CA MET A 333 2.44 31.80 -0.20
C MET A 333 2.94 33.21 -0.54
N PRO A 334 3.70 33.33 -1.63
CA PRO A 334 4.10 34.70 -2.03
C PRO A 334 2.85 35.54 -2.30
N SER A 335 2.91 36.83 -1.98
CA SER A 335 1.70 37.63 -1.99
C SER A 335 1.11 37.79 -3.38
N ASP A 336 1.96 37.72 -4.40
CA ASP A 336 1.44 37.87 -5.77
C ASP A 336 1.28 36.54 -6.50
N PHE A 337 1.41 35.41 -5.80
CA PHE A 337 1.26 34.13 -6.46
C PHE A 337 -0.14 33.93 -7.05
N ASP A 338 -1.20 34.25 -6.30
CA ASP A 338 -2.55 34.07 -6.82
C ASP A 338 -2.75 34.82 -8.13
N ALA A 339 -2.33 36.07 -8.19
CA ALA A 339 -2.53 36.83 -9.42
C ALA A 339 -1.67 36.28 -10.58
N LYS A 340 -0.43 35.89 -10.31
CA LYS A 340 0.42 35.40 -11.39
C LYS A 340 -0.08 34.05 -11.92
N ALA A 341 -0.56 33.22 -11.00
CA ALA A 341 -1.09 31.92 -11.41
C ALA A 341 -2.37 32.10 -12.21
N LYS A 342 -3.23 33.03 -11.79
CA LYS A 342 -4.44 33.29 -12.58
C LYS A 342 -4.10 33.83 -13.96
N GLU A 343 -3.08 34.66 -14.06
CA GLU A 343 -2.63 35.14 -15.38
C GLU A 343 -2.16 33.97 -16.27
N PHE A 344 -1.47 33.01 -15.67
CA PHE A 344 -1.02 31.83 -16.43
C PHE A 344 -2.22 31.03 -16.93
N ILE A 345 -3.13 30.74 -16.01
CA ILE A 345 -4.35 30.00 -16.39
C ILE A 345 -5.13 30.67 -17.54
N ALA A 346 -5.28 32.01 -17.43
CA ALA A 346 -5.99 32.77 -18.48
C ALA A 346 -5.28 32.67 -19.83
N LYS A 347 -3.93 32.72 -19.77
CA LYS A 347 -3.11 32.58 -20.98
C LYS A 347 -3.37 31.22 -21.64
N LEU A 348 -3.41 30.17 -20.82
CA LEU A 348 -3.67 28.85 -21.39
C LEU A 348 -5.04 28.78 -22.05
N GLN A 349 -6.05 29.33 -21.37
CA GLN A 349 -7.39 29.25 -21.99
C GLN A 349 -7.43 30.01 -23.33
N ALA A 350 -6.69 31.12 -23.39
CA ALA A 350 -6.67 31.93 -24.61
C ALA A 350 -5.81 31.36 -25.72
N ASN A 351 -4.95 30.38 -25.39
CA ASN A 351 -4.02 29.82 -26.37
C ASN A 351 -4.07 28.29 -26.37
N PRO A 352 -5.06 27.74 -27.04
CA PRO A 352 -5.33 26.31 -26.86
C PRO A 352 -4.21 25.39 -27.27
N ALA A 353 -4.09 24.25 -26.57
CA ALA A 353 -3.08 23.23 -26.86
C ALA A 353 -3.67 21.89 -26.54
N LYS A 354 -3.44 20.92 -27.41
CA LYS A 354 -3.87 19.53 -27.20
C LYS A 354 -2.62 18.79 -26.75
N ILE A 355 -2.47 18.67 -25.43
CA ILE A 355 -1.31 18.01 -24.83
C ILE A 355 -1.79 17.04 -23.74
N ALA A 356 -0.93 16.12 -23.33
CA ALA A 356 -1.32 15.21 -22.23
C ALA A 356 -1.41 16.00 -20.95
N SER A 357 -2.28 15.60 -20.03
CA SER A 357 -2.28 16.38 -18.79
C SER A 357 -0.98 16.13 -17.98
N ARG A 358 -0.21 15.05 -18.24
CA ARG A 358 1.12 14.98 -17.61
C ARG A 358 2.05 16.09 -18.12
N LYS A 359 1.93 16.44 -19.39
CA LYS A 359 2.71 17.55 -19.94
C LYS A 359 2.20 18.89 -19.42
N ALA A 360 0.88 19.02 -19.31
CA ALA A 360 0.32 20.24 -18.74
C ALA A 360 0.76 20.44 -17.29
N SER A 361 0.96 19.31 -16.59
CA SER A 361 1.47 19.35 -15.23
C SER A 361 2.91 19.87 -15.23
N GLN A 362 3.76 19.29 -16.08
CA GLN A 362 5.12 19.82 -16.21
C GLN A 362 5.12 21.32 -16.53
N ASN A 363 4.18 21.75 -17.36
CA ASN A 363 4.15 23.15 -17.75
C ASN A 363 3.74 24.03 -16.56
N ALA A 364 2.87 23.52 -15.71
CA ALA A 364 2.53 24.28 -14.51
C ALA A 364 3.71 24.34 -13.55
N ILE A 365 4.44 23.24 -13.38
CA ILE A 365 5.66 23.27 -12.57
C ILE A 365 6.65 24.30 -13.12
N GLU A 366 6.83 24.33 -14.44
CA GLU A 366 7.69 25.33 -15.07
C GLU A 366 7.21 26.76 -14.78
N ALA A 367 5.91 26.99 -14.87
CA ALA A 367 5.39 28.33 -14.57
C ALA A 367 5.50 28.73 -13.12
N PHE A 368 5.29 27.77 -12.20
CA PHE A 368 5.25 28.07 -10.77
C PHE A 368 6.63 28.06 -10.16
N GLY A 369 7.53 27.30 -10.77
CA GLY A 369 8.91 27.12 -10.26
C GLY A 369 9.62 28.39 -9.84
N PRO A 370 9.67 29.38 -10.72
CA PRO A 370 10.36 30.62 -10.35
C PRO A 370 9.65 31.35 -9.21
N LEU A 371 8.37 31.06 -8.98
CA LEU A 371 7.57 31.76 -7.98
C LEU A 371 7.62 31.07 -6.62
N LEU A 372 7.88 29.75 -6.63
CA LEU A 372 7.85 28.93 -5.44
C LEU A 372 9.18 28.25 -5.20
N PRO A 373 10.17 29.00 -4.72
CA PRO A 373 11.46 28.39 -4.40
C PRO A 373 11.36 27.36 -3.31
N GLU A 374 10.25 27.30 -2.57
CA GLU A 374 10.06 26.24 -1.58
C GLU A 374 9.77 24.85 -2.17
N PHE A 375 9.55 24.73 -3.49
CA PHE A 375 9.36 23.38 -4.07
C PHE A 375 10.53 22.48 -3.70
N LEU A 376 10.20 21.28 -3.24
CA LEU A 376 11.18 20.20 -3.12
C LEU A 376 10.48 18.99 -3.71
N GLY A 377 10.74 18.77 -5.00
CA GLY A 377 9.93 17.85 -5.78
C GLY A 377 10.69 16.59 -6.14
N GLY A 378 10.01 15.60 -6.68
CA GLY A 378 10.74 14.43 -7.14
C GLY A 378 9.81 13.37 -7.68
N SER A 379 10.41 12.30 -8.21
CA SER A 379 9.67 11.15 -8.78
C SER A 379 10.36 9.89 -8.35
N ALA A 380 9.57 8.83 -8.23
CA ALA A 380 10.11 7.52 -7.90
C ALA A 380 10.64 6.80 -9.16
N ASP A 381 11.78 7.29 -9.64
CA ASP A 381 12.48 6.75 -10.84
C ASP A 381 11.66 6.86 -12.11
N LEU A 382 10.80 7.87 -12.21
CA LEU A 382 10.00 8.04 -13.43
C LEU A 382 10.00 9.47 -13.92
N ALA A 383 11.08 10.22 -13.69
CA ALA A 383 11.10 11.61 -14.23
C ALA A 383 10.75 11.74 -15.72
N PRO A 384 11.26 10.88 -16.60
CA PRO A 384 10.93 11.04 -18.01
C PRO A 384 9.49 10.72 -18.36
N TYR A 385 8.76 10.06 -17.46
CA TYR A 385 7.37 9.66 -17.72
C TYR A 385 6.39 10.53 -16.98
N ASN A 386 6.71 10.81 -15.71
CA ASN A 386 5.85 11.67 -14.88
C ASN A 386 6.01 13.16 -15.22
N LEU A 387 7.15 13.53 -15.79
CA LEU A 387 7.44 14.88 -16.26
C LEU A 387 7.50 15.87 -15.09
N THR A 388 8.29 15.49 -14.09
CA THR A 388 8.47 16.26 -12.86
C THR A 388 9.63 17.25 -12.86
N LEU A 389 10.48 17.22 -13.88
CA LEU A 389 11.60 18.16 -14.01
C LEU A 389 11.16 19.40 -14.75
N TRP A 390 11.56 20.56 -14.25
CA TRP A 390 11.41 21.80 -15.02
C TRP A 390 12.80 22.39 -15.23
N SER A 391 12.87 23.49 -15.98
CA SER A 391 14.19 23.99 -16.37
C SER A 391 15.07 24.36 -15.16
N GLY A 392 14.45 24.69 -14.03
CA GLY A 392 15.18 25.07 -12.84
C GLY A 392 15.34 23.95 -11.84
N SER A 393 14.96 22.73 -12.19
CA SER A 393 15.19 21.58 -11.30
C SER A 393 16.68 21.35 -11.10
N LYS A 394 17.07 21.14 -9.85
CA LYS A 394 18.45 20.81 -9.48
C LYS A 394 18.40 19.69 -8.46
N ALA A 395 18.94 18.53 -8.83
CA ALA A 395 18.88 17.37 -7.95
C ALA A 395 19.77 17.51 -6.71
N ILE A 396 19.24 17.18 -5.54
CA ILE A 396 19.98 17.43 -4.31
C ILE A 396 21.15 16.48 -4.10
N ASN A 397 21.21 15.38 -4.85
CA ASN A 397 22.37 14.50 -4.77
C ASN A 397 23.54 15.12 -5.52
N GLU A 398 23.27 16.10 -6.38
CA GLU A 398 24.30 16.82 -7.10
C GLU A 398 24.60 18.18 -6.48
N ASP A 399 23.56 18.83 -5.95
CA ASP A 399 23.71 20.19 -5.39
C ASP A 399 22.82 20.26 -4.16
N ALA A 400 23.44 20.29 -2.97
CA ALA A 400 22.64 20.22 -1.74
C ALA A 400 21.64 21.36 -1.62
N ALA A 401 21.89 22.48 -2.31
CA ALA A 401 20.92 23.59 -2.24
C ALA A 401 19.82 23.47 -3.29
N GLY A 402 19.72 22.31 -3.92
CA GLY A 402 18.70 22.11 -4.95
C GLY A 402 17.28 21.93 -4.47
N ASN A 403 16.45 21.44 -5.39
CA ASN A 403 15.01 21.47 -5.22
C ASN A 403 14.35 20.20 -5.78
N TYR A 404 15.13 19.16 -6.07
CA TYR A 404 14.60 17.98 -6.74
C TYR A 404 15.24 16.75 -6.11
N ILE A 405 14.46 15.70 -5.91
CA ILE A 405 14.96 14.42 -5.35
C ILE A 405 14.69 13.27 -6.30
N HIS A 406 15.76 12.57 -6.69
CA HIS A 406 15.60 11.28 -7.34
C HIS A 406 15.33 10.24 -6.28
N TYR A 407 14.06 9.86 -6.12
CA TYR A 407 13.69 8.97 -5.02
C TYR A 407 13.99 7.49 -5.24
N GLY A 408 14.29 7.11 -6.49
CA GLY A 408 14.45 5.70 -6.81
C GLY A 408 13.10 5.00 -6.79
N VAL A 409 13.13 3.67 -6.90
CA VAL A 409 11.88 2.90 -7.03
C VAL A 409 11.34 2.61 -5.61
N ARG A 410 10.81 3.66 -4.99
CA ARG A 410 10.52 3.67 -3.54
C ARG A 410 9.26 4.49 -3.29
N GLU A 411 8.11 4.05 -3.79
CA GLU A 411 6.94 4.95 -3.72
C GLU A 411 6.46 5.23 -2.29
N PHE A 412 6.45 4.22 -1.43
CA PHE A 412 5.97 4.40 -0.05
C PHE A 412 6.93 5.26 0.72
N GLY A 413 8.21 4.90 0.64
CA GLY A 413 9.22 5.73 1.27
C GLY A 413 9.24 7.18 0.79
N MET A 414 9.11 7.38 -0.52
CA MET A 414 9.03 8.73 -1.08
C MET A 414 7.91 9.54 -0.42
N THR A 415 6.72 8.92 -0.34
CA THR A 415 5.57 9.67 0.12
C THR A 415 5.71 10.00 1.61
N ALA A 416 6.20 9.05 2.40
CA ALA A 416 6.34 9.34 3.83
C ALA A 416 7.54 10.27 4.11
N ILE A 417 8.58 10.23 3.28
CA ILE A 417 9.67 11.19 3.36
C ILE A 417 9.09 12.58 3.08
N ALA A 418 8.25 12.70 2.06
CA ALA A 418 7.66 13.99 1.75
C ALA A 418 6.74 14.46 2.88
N ASN A 419 6.09 13.54 3.59
CA ASN A 419 5.36 13.95 4.81
C ASN A 419 6.32 14.58 5.81
N GLY A 420 7.49 13.97 5.99
CA GLY A 420 8.50 14.62 6.84
C GLY A 420 8.98 15.99 6.35
N ILE A 421 9.16 16.10 5.05
CA ILE A 421 9.50 17.40 4.47
C ILE A 421 8.42 18.45 4.77
N SER A 422 7.13 18.12 4.59
CA SER A 422 6.08 19.10 4.83
CA SER A 422 6.06 19.06 4.86
C SER A 422 6.01 19.41 6.34
N LEU A 423 6.20 18.41 7.20
CA LEU A 423 6.14 18.63 8.65
C LEU A 423 7.27 19.54 9.13
N HIS A 424 8.42 19.45 8.48
CA HIS A 424 9.56 20.23 8.92
C HIS A 424 9.32 21.73 8.83
N GLY A 425 8.65 22.16 7.77
CA GLY A 425 8.59 23.58 7.46
C GLY A 425 9.68 24.00 6.47
N GLY A 426 9.35 24.98 5.64
CA GLY A 426 10.31 25.52 4.73
C GLY A 426 10.14 25.12 3.28
N PHE A 427 9.36 24.07 3.04
CA PHE A 427 9.25 23.46 1.71
C PHE A 427 7.81 23.15 1.37
N LEU A 428 7.59 22.96 0.07
CA LEU A 428 6.33 22.46 -0.48
C LEU A 428 6.73 21.25 -1.32
N PRO A 429 6.52 20.06 -0.76
CA PRO A 429 6.96 18.87 -1.50
C PRO A 429 5.97 18.44 -2.58
N TYR A 430 6.50 17.94 -3.71
CA TYR A 430 5.64 17.17 -4.62
C TYR A 430 6.31 15.87 -4.90
N THR A 431 5.48 14.83 -5.07
CA THR A 431 6.00 13.48 -5.30
C THR A 431 5.32 12.93 -6.52
N SER A 432 5.82 11.86 -7.11
CA SER A 432 5.24 11.39 -8.35
C SER A 432 5.54 9.95 -8.64
N THR A 433 4.54 9.25 -9.23
CA THR A 433 4.76 7.90 -9.75
C THR A 433 3.59 7.66 -10.70
N PHE A 434 3.60 6.51 -11.38
CA PHE A 434 2.40 6.07 -12.11
C PHE A 434 1.27 5.90 -11.10
N LEU A 435 0.03 6.27 -11.48
CA LEU A 435 -1.09 6.21 -10.55
C LEU A 435 -1.25 4.80 -9.93
N MET A 436 -1.03 3.73 -10.69
CA MET A 436 -1.19 2.42 -10.06
C MET A 436 -0.44 2.28 -8.75
N PHE A 437 0.75 2.86 -8.73
CA PHE A 437 1.61 2.59 -7.57
C PHE A 437 1.37 3.55 -6.42
N VAL A 438 0.33 4.39 -6.52
CA VAL A 438 -0.26 4.95 -5.30
C VAL A 438 -0.61 3.78 -4.36
N GLU A 439 -0.89 2.60 -4.91
CA GLU A 439 -1.21 1.48 -4.00
C GLU A 439 -0.03 1.04 -3.14
N TYR A 440 1.21 1.21 -3.61
CA TYR A 440 2.39 0.92 -2.79
C TYR A 440 2.54 1.93 -1.67
N ALA A 441 2.08 3.16 -1.88
CA ALA A 441 2.26 4.26 -0.94
C ALA A 441 1.01 4.59 -0.14
N ARG A 442 -0.02 3.75 -0.23
CA ARG A 442 -1.35 4.16 0.15
C ARG A 442 -1.49 4.68 1.58
N ASN A 443 -0.82 4.04 2.54
CA ASN A 443 -1.04 4.54 3.90
C ASN A 443 -0.28 5.84 4.16
N ALA A 444 0.78 6.10 3.41
CA ALA A 444 1.46 7.40 3.57
C ALA A 444 0.65 8.54 2.99
N VAL A 445 -0.08 8.25 1.92
CA VAL A 445 -1.04 9.21 1.39
C VAL A 445 -2.13 9.51 2.43
N ARG A 446 -2.65 8.44 3.04
CA ARG A 446 -3.64 8.60 4.10
C ARG A 446 -3.09 9.44 5.24
N MET A 447 -1.86 9.14 5.65
CA MET A 447 -1.25 9.91 6.73
C MET A 447 -1.03 11.39 6.40
N ALA A 448 -0.72 11.73 5.15
CA ALA A 448 -0.68 13.14 4.76
C ALA A 448 -2.03 13.79 5.01
N ALA A 449 -3.11 13.08 4.63
CA ALA A 449 -4.43 13.66 4.86
C ALA A 449 -4.77 13.76 6.35
N LEU A 450 -4.48 12.71 7.11
CA LEU A 450 -4.77 12.72 8.57
C LEU A 450 -4.01 13.83 9.29
N MET A 451 -2.76 14.05 8.88
CA MET A 451 -1.90 15.07 9.48
C MET A 451 -2.11 16.48 8.91
N LYS A 452 -3.02 16.63 7.95
CA LYS A 452 -3.39 17.93 7.38
C LYS A 452 -2.18 18.59 6.72
N GLN A 453 -1.40 17.77 6.00
CA GLN A 453 -0.17 18.26 5.38
C GLN A 453 -0.35 18.60 3.92
N ARG A 454 0.28 19.68 3.50
CA ARG A 454 0.34 20.09 2.12
C ARG A 454 1.42 19.32 1.38
N GLN A 455 1.00 18.56 0.38
CA GLN A 455 1.88 17.78 -0.51
C GLN A 455 1.09 17.59 -1.81
N VAL A 456 1.73 17.85 -2.94
CA VAL A 456 1.08 17.63 -4.22
C VAL A 456 1.60 16.30 -4.76
N MET A 457 0.69 15.39 -5.03
CA MET A 457 0.99 14.03 -5.48
C MET A 457 0.63 13.96 -6.94
N VAL A 458 1.63 13.76 -7.78
CA VAL A 458 1.52 13.84 -9.24
C VAL A 458 1.44 12.41 -9.78
N TYR A 459 0.23 11.94 -10.09
CA TYR A 459 0.03 10.53 -10.46
C TYR A 459 -0.32 10.45 -11.93
N THR A 460 0.59 9.95 -12.71
CA THR A 460 0.36 9.98 -14.17
C THR A 460 0.03 8.61 -14.73
N HIS A 461 -0.42 8.55 -15.98
CA HIS A 461 -0.74 7.31 -16.66
C HIS A 461 -1.95 6.65 -15.98
N ASP A 462 -3.10 7.30 -16.16
CA ASP A 462 -4.21 7.17 -15.20
C ASP A 462 -5.30 6.18 -15.57
N SER A 463 -5.18 5.52 -16.72
CA SER A 463 -6.26 4.63 -17.14
C SER A 463 -5.81 3.65 -18.19
N ILE A 464 -6.79 2.92 -18.74
CA ILE A 464 -6.53 2.05 -19.87
C ILE A 464 -5.93 2.85 -21.03
N GLY A 465 -6.02 4.17 -21.01
CA GLY A 465 -5.39 4.98 -22.05
C GLY A 465 -3.89 4.82 -22.14
N LEU A 466 -3.26 4.20 -21.15
CA LEU A 466 -1.84 4.03 -21.26
C LEU A 466 -1.50 2.87 -22.20
N GLY A 467 -2.48 2.00 -22.50
CA GLY A 467 -2.30 1.02 -23.58
C GLY A 467 -1.62 -0.28 -23.23
N GLU A 468 -0.65 -0.64 -24.06
CA GLU A 468 -0.12 -2.01 -24.13
C GLU A 468 0.49 -2.57 -22.84
N THR A 469 0.92 -1.71 -21.93
CA THR A 469 1.47 -2.19 -20.67
C THR A 469 0.54 -3.15 -19.94
N GLY A 470 -0.77 -2.94 -20.04
CA GLY A 470 -1.70 -3.96 -19.57
C GLY A 470 -2.19 -3.80 -18.14
N PRO A 471 -2.95 -4.79 -17.67
CA PRO A 471 -3.78 -4.59 -16.47
C PRO A 471 -3.00 -4.44 -15.15
N THR A 472 -1.76 -4.89 -15.06
CA THR A 472 -1.02 -4.61 -13.81
C THR A 472 -0.72 -3.13 -13.59
N HIS A 473 -0.77 -2.34 -14.65
CA HIS A 473 -0.41 -0.93 -14.57
C HIS A 473 -1.58 0.01 -14.87
N GLN A 474 -2.64 -0.50 -15.49
CA GLN A 474 -3.80 0.35 -15.87
C GLN A 474 -4.72 0.57 -14.68
N PRO A 475 -4.76 1.79 -14.16
CA PRO A 475 -5.66 2.05 -13.01
C PRO A 475 -7.11 1.87 -13.38
N VAL A 476 -7.88 1.37 -12.42
CA VAL A 476 -9.34 1.29 -12.57
C VAL A 476 -10.00 1.86 -11.30
N GLU A 477 -9.62 1.32 -10.16
CA GLU A 477 -10.28 1.65 -8.90
C GLU A 477 -9.51 2.57 -7.96
N GLN A 478 -8.34 3.04 -8.39
CA GLN A 478 -7.50 3.83 -7.50
C GLN A 478 -8.02 5.25 -7.24
N VAL A 479 -8.57 5.87 -8.28
CA VAL A 479 -9.10 7.24 -8.11
C VAL A 479 -10.28 7.21 -7.14
N ALA A 480 -11.18 6.23 -7.26
CA ALA A 480 -12.33 6.12 -6.35
C ALA A 480 -11.86 6.00 -4.91
N SER A 481 -10.76 5.28 -4.69
CA SER A 481 -10.21 5.13 -3.33
C SER A 481 -9.70 6.45 -2.80
N LEU A 482 -9.03 7.23 -3.65
CA LEU A 482 -8.60 8.56 -3.21
C LEU A 482 -9.79 9.47 -2.90
N ARG A 483 -10.83 9.38 -3.73
CA ARG A 483 -11.97 10.30 -3.61
C ARG A 483 -12.71 10.09 -2.31
N VAL A 484 -12.68 8.88 -1.74
CA VAL A 484 -13.42 8.70 -0.50
C VAL A 484 -12.50 8.80 0.71
N THR A 485 -11.26 9.25 0.53
CA THR A 485 -10.34 9.42 1.67
C THR A 485 -10.63 10.79 2.35
N PRO A 486 -10.93 10.78 3.66
CA PRO A 486 -11.15 12.07 4.32
C PRO A 486 -9.96 13.04 4.17
N ASN A 487 -10.31 14.29 3.94
CA ASN A 487 -9.35 15.38 3.76
C ASN A 487 -8.38 15.23 2.58
N MET A 488 -8.67 14.33 1.64
CA MET A 488 -7.88 14.29 0.43
C MET A 488 -8.55 15.14 -0.64
N SER A 489 -7.76 15.83 -1.44
CA SER A 489 -8.28 16.53 -2.62
C SER A 489 -7.76 15.80 -3.83
N THR A 490 -8.66 15.46 -4.75
CA THR A 490 -8.28 14.70 -5.95
C THR A 490 -8.76 15.42 -7.20
N TRP A 491 -7.86 15.66 -8.14
CA TRP A 491 -8.21 16.37 -9.39
C TRP A 491 -7.89 15.51 -10.59
N ARG A 492 -8.85 15.37 -11.51
CA ARG A 492 -8.60 14.62 -12.75
C ARG A 492 -8.88 15.57 -13.93
N PRO A 493 -7.92 16.45 -14.26
CA PRO A 493 -8.17 17.52 -15.23
C PRO A 493 -8.38 17.03 -16.64
N CYS A 494 -9.26 17.72 -17.39
CA CYS A 494 -9.56 17.27 -18.75
C CYS A 494 -8.72 17.91 -19.84
N ASP A 495 -7.92 18.92 -19.49
CA ASP A 495 -7.08 19.62 -20.47
C ASP A 495 -6.03 20.43 -19.77
N GLN A 496 -5.25 21.22 -20.51
CA GLN A 496 -4.12 21.89 -19.87
C GLN A 496 -4.56 22.98 -18.91
N VAL A 497 -5.75 23.53 -19.13
CA VAL A 497 -6.28 24.63 -18.32
C VAL A 497 -6.73 24.07 -16.96
N GLU A 498 -7.57 23.03 -17.00
CA GLU A 498 -7.93 22.40 -15.73
C GLU A 498 -6.69 21.89 -15.00
N SER A 499 -5.66 21.46 -15.73
CA SER A 499 -4.42 20.98 -15.08
C SER A 499 -3.76 22.09 -14.28
N ALA A 500 -3.66 23.28 -14.90
CA ALA A 500 -3.08 24.41 -14.17
C ALA A 500 -3.92 24.84 -12.97
N VAL A 501 -5.25 24.82 -13.13
CA VAL A 501 -6.12 25.15 -11.98
C VAL A 501 -5.92 24.14 -10.84
N ALA A 502 -5.78 22.86 -11.19
CA ALA A 502 -5.61 21.83 -10.16
C ALA A 502 -4.26 22.00 -9.45
N TRP A 503 -3.21 22.29 -10.20
CA TRP A 503 -1.93 22.56 -9.58
C TRP A 503 -1.99 23.77 -8.63
N LYS A 504 -2.66 24.83 -9.07
CA LYS A 504 -2.83 26.01 -8.19
C LYS A 504 -3.59 25.66 -6.91
N TYR A 505 -4.65 24.87 -7.05
CA TYR A 505 -5.42 24.45 -5.88
C TYR A 505 -4.53 23.67 -4.92
N GLY A 506 -3.71 22.78 -5.49
CA GLY A 506 -2.85 21.95 -4.64
C GLY A 506 -1.82 22.77 -3.87
N VAL A 507 -1.16 23.72 -4.55
CA VAL A 507 -0.13 24.46 -3.82
C VAL A 507 -0.74 25.46 -2.85
N GLU A 508 -1.98 25.89 -3.09
CA GLU A 508 -2.65 26.81 -2.17
C GLU A 508 -3.37 26.13 -1.01
N ARG A 509 -3.45 24.79 -1.01
CA ARG A 509 -4.03 24.14 0.17
C ARG A 509 -3.17 24.42 1.43
N GLN A 510 -3.80 24.66 2.55
CA GLN A 510 -3.03 24.93 3.76
C GLN A 510 -3.17 23.77 4.70
N ASP A 511 -4.06 22.83 4.38
CA ASP A 511 -4.44 21.90 5.43
C ASP A 511 -4.66 20.50 4.92
N GLY A 512 -4.04 20.15 3.80
CA GLY A 512 -4.09 18.76 3.35
C GLY A 512 -3.50 18.61 1.97
N PRO A 513 -3.40 17.36 1.52
CA PRO A 513 -2.71 17.01 0.27
C PRO A 513 -3.64 17.04 -0.93
N THR A 514 -3.02 17.06 -2.10
CA THR A 514 -3.77 17.10 -3.35
C THR A 514 -3.16 16.11 -4.31
N ALA A 515 -4.00 15.21 -4.82
CA ALA A 515 -3.58 14.22 -5.83
C ALA A 515 -4.04 14.68 -7.20
N LEU A 516 -3.12 14.69 -8.15
CA LEU A 516 -3.40 15.04 -9.55
C LEU A 516 -3.40 13.78 -10.36
N ILE A 517 -4.49 13.54 -11.11
CA ILE A 517 -4.71 12.31 -11.88
C ILE A 517 -4.54 12.66 -13.34
N LEU A 518 -3.40 12.25 -13.92
CA LEU A 518 -2.92 12.82 -15.18
C LEU A 518 -2.78 11.76 -16.27
N SER A 519 -3.12 12.17 -17.49
CA SER A 519 -3.14 11.24 -18.63
C SER A 519 -1.79 11.02 -19.25
N GLN A 520 -1.59 9.82 -19.78
CA GLN A 520 -0.48 9.56 -20.68
C GLN A 520 -0.64 10.34 -21.98
N GLN A 521 -1.88 10.38 -22.49
CA GLN A 521 -2.16 10.75 -23.86
C GLN A 521 -2.70 12.16 -24.03
N ASN A 522 -2.62 12.70 -25.25
CA ASN A 522 -3.02 14.10 -25.48
C ASN A 522 -4.51 14.30 -25.28
N LEU A 523 -4.87 15.43 -24.64
CA LEU A 523 -6.26 15.77 -24.33
C LEU A 523 -6.61 17.07 -25.02
N ALA A 524 -7.73 17.08 -25.75
CA ALA A 524 -8.19 18.31 -26.38
C ALA A 524 -8.57 19.38 -25.40
N GLN A 525 -8.26 20.63 -25.74
CA GLN A 525 -8.66 21.74 -24.87
C GLN A 525 -10.11 22.13 -25.12
N GLN A 526 -10.84 22.33 -24.02
CA GLN A 526 -12.24 22.78 -24.12
C GLN A 526 -12.37 24.27 -24.15
N GLU A 527 -13.34 24.77 -24.93
CA GLU A 527 -13.62 26.20 -24.93
CA GLU A 527 -13.71 26.18 -24.97
C GLU A 527 -14.38 26.56 -23.66
N ARG A 528 -14.05 27.75 -23.12
CA ARG A 528 -14.68 28.22 -21.88
C ARG A 528 -14.95 29.69 -21.91
N THR A 529 -16.13 30.05 -21.40
CA THR A 529 -16.40 31.47 -21.09
C THR A 529 -15.59 31.91 -19.89
N GLU A 530 -15.58 33.22 -19.61
CA GLU A 530 -14.88 33.66 -18.40
C GLU A 530 -15.47 33.01 -17.14
N GLU A 531 -16.79 32.87 -17.12
CA GLU A 531 -17.47 32.29 -15.96
C GLU A 531 -17.10 30.81 -15.78
N GLN A 532 -17.05 30.07 -16.89
CA GLN A 532 -16.64 28.66 -16.83
C GLN A 532 -15.18 28.52 -16.34
N LEU A 533 -14.33 29.38 -16.90
CA LEU A 533 -12.93 29.36 -16.53
C LEU A 533 -12.75 29.58 -15.04
N ALA A 534 -13.49 30.55 -14.49
CA ALA A 534 -13.43 30.83 -13.05
C ALA A 534 -14.02 29.69 -12.21
N ASN A 535 -14.97 28.94 -12.80
CA ASN A 535 -15.64 27.88 -12.08
C ASN A 535 -14.90 26.55 -12.12
N ILE A 536 -13.81 26.43 -12.90
CA ILE A 536 -13.03 25.19 -12.81
C ILE A 536 -12.60 24.91 -11.35
N ALA A 537 -12.20 25.96 -10.63
CA ALA A 537 -11.72 25.78 -9.27
C ALA A 537 -12.81 25.33 -8.29
N ARG A 538 -14.07 25.38 -8.73
CA ARG A 538 -15.18 24.85 -7.90
C ARG A 538 -15.38 23.36 -8.09
N GLY A 539 -14.52 22.72 -8.89
CA GLY A 539 -14.43 21.26 -8.93
C GLY A 539 -15.42 20.59 -9.89
N GLY A 540 -16.60 21.18 -10.07
CA GLY A 540 -17.58 20.68 -11.01
C GLY A 540 -18.27 21.88 -11.60
N TYR A 541 -18.48 21.88 -12.91
CA TYR A 541 -19.10 23.07 -13.54
C TYR A 541 -19.76 22.67 -14.84
N VAL A 542 -20.70 23.51 -15.27
CA VAL A 542 -21.36 23.28 -16.54
C VAL A 542 -20.46 23.69 -17.70
N LEU A 543 -20.06 22.71 -18.51
CA LEU A 543 -19.18 22.94 -19.64
C LEU A 543 -19.95 23.15 -20.96
N LYS A 544 -21.02 22.34 -21.16
CA LYS A 544 -21.90 22.52 -22.32
C LYS A 544 -23.31 22.52 -21.83
N ASP A 545 -24.18 23.35 -22.39
CA ASP A 545 -25.51 23.46 -21.79
C ASP A 545 -26.62 23.50 -22.84
N CYS A 546 -27.83 23.66 -22.34
CA CYS A 546 -29.03 23.78 -23.16
C CYS A 546 -29.84 24.95 -22.63
N ALA A 547 -30.83 25.41 -23.39
CA ALA A 547 -31.81 26.35 -22.87
C ALA A 547 -32.78 25.57 -21.99
N GLY A 548 -33.08 26.09 -20.81
CA GLY A 548 -34.07 25.47 -19.95
C GLY A 548 -33.51 24.33 -19.13
N GLN A 549 -34.40 23.61 -18.46
CA GLN A 549 -34.04 22.49 -17.60
C GLN A 549 -33.53 21.38 -18.50
N PRO A 550 -32.32 20.88 -18.23
CA PRO A 550 -31.88 19.77 -19.06
C PRO A 550 -32.73 18.52 -18.95
N GLU A 551 -32.79 17.77 -20.06
CA GLU A 551 -33.43 16.46 -20.09
CA GLU A 551 -33.40 16.44 -20.14
C GLU A 551 -32.41 15.36 -19.76
N LEU A 552 -31.11 15.67 -19.93
CA LEU A 552 -30.06 14.67 -19.85
C LEU A 552 -28.78 15.40 -19.44
N ILE A 553 -28.11 14.90 -18.41
CA ILE A 553 -26.82 15.49 -18.02
C ILE A 553 -25.72 14.44 -18.08
N PHE A 554 -24.65 14.70 -18.83
CA PHE A 554 -23.42 13.91 -18.79
C PHE A 554 -22.53 14.50 -17.74
N ILE A 555 -21.92 13.64 -16.95
CA ILE A 555 -20.92 14.05 -15.96
C ILE A 555 -19.66 13.35 -16.39
N ALA A 556 -18.58 14.07 -16.61
CA ALA A 556 -17.37 13.42 -17.08
C ALA A 556 -16.13 14.04 -16.48
N THR A 557 -15.05 13.29 -16.51
CA THR A 557 -13.78 13.73 -15.93
C THR A 557 -12.65 13.45 -16.91
N GLY A 558 -11.56 14.21 -16.78
CA GLY A 558 -10.29 13.84 -17.40
C GLY A 558 -10.42 13.56 -18.89
N SER A 559 -9.78 12.48 -19.31
CA SER A 559 -9.75 12.14 -20.73
C SER A 559 -11.11 11.81 -21.33
N GLU A 560 -12.14 11.63 -20.51
CA GLU A 560 -13.45 11.26 -21.05
C GLU A 560 -14.35 12.47 -21.28
N VAL A 561 -13.89 13.68 -20.92
CA VAL A 561 -14.72 14.86 -21.26
C VAL A 561 -14.95 14.98 -22.76
N GLU A 562 -13.93 14.74 -23.59
CA GLU A 562 -14.13 14.87 -25.03
CA GLU A 562 -14.08 14.83 -25.05
C GLU A 562 -15.20 13.91 -25.53
N LEU A 563 -15.19 12.68 -24.99
CA LEU A 563 -16.19 11.69 -25.40
C LEU A 563 -17.57 12.16 -25.00
N ALA A 564 -17.71 12.70 -23.78
CA ALA A 564 -19.01 13.18 -23.33
C ALA A 564 -19.47 14.36 -24.17
N VAL A 565 -18.53 15.22 -24.59
CA VAL A 565 -18.93 16.35 -25.42
C VAL A 565 -19.42 15.82 -26.78
N ALA A 566 -18.74 14.79 -27.31
CA ALA A 566 -19.16 14.25 -28.61
C ALA A 566 -20.57 13.70 -28.51
N ALA A 567 -20.88 13.03 -27.39
CA ALA A 567 -22.22 12.46 -27.23
C ALA A 567 -23.24 13.58 -27.09
N TYR A 568 -22.85 14.62 -26.36
CA TYR A 568 -23.71 15.79 -26.21
C TYR A 568 -24.01 16.40 -27.57
N GLU A 569 -23.01 16.45 -28.45
CA GLU A 569 -23.25 17.11 -29.73
C GLU A 569 -24.26 16.28 -30.52
N LYS A 570 -24.14 14.94 -30.45
CA LYS A 570 -25.07 14.09 -31.20
CA LYS A 570 -25.07 14.10 -31.20
C LYS A 570 -26.47 14.29 -30.68
N LEU A 571 -26.61 14.31 -29.36
CA LEU A 571 -27.96 14.36 -28.82
C LEU A 571 -28.52 15.76 -29.04
N THR A 572 -27.64 16.77 -29.00
CA THR A 572 -28.14 18.13 -29.16
C THR A 572 -28.66 18.27 -30.60
N ALA A 573 -27.99 17.61 -31.54
CA ALA A 573 -28.41 17.78 -32.93
C ALA A 573 -29.74 17.10 -33.15
N GLU A 574 -30.04 16.06 -32.36
CA GLU A 574 -31.36 15.42 -32.45
C GLU A 574 -32.45 16.22 -31.82
N GLY A 575 -32.08 17.22 -31.00
CA GLY A 575 -33.06 18.04 -30.34
C GLY A 575 -33.25 17.75 -28.87
N VAL A 576 -32.32 17.00 -28.29
CA VAL A 576 -32.35 16.77 -26.83
C VAL A 576 -31.80 17.98 -26.07
N LYS A 577 -32.44 18.35 -24.95
CA LYS A 577 -31.87 19.37 -24.06
C LYS A 577 -30.81 18.71 -23.18
N ALA A 578 -29.58 18.68 -23.66
CA ALA A 578 -28.48 17.98 -22.98
C ALA A 578 -27.51 18.96 -22.36
N ARG A 579 -26.78 18.46 -21.37
CA ARG A 579 -25.75 19.24 -20.67
C ARG A 579 -24.54 18.38 -20.46
N VAL A 580 -23.35 18.98 -20.43
CA VAL A 580 -22.14 18.31 -19.99
C VAL A 580 -21.59 19.07 -18.82
N VAL A 581 -21.41 18.30 -17.74
CA VAL A 581 -20.73 18.79 -16.53
C VAL A 581 -19.32 18.20 -16.53
N SER A 582 -18.29 19.05 -16.45
CA SER A 582 -16.93 18.57 -16.19
C SER A 582 -16.73 18.58 -14.69
N MET A 583 -16.26 17.44 -14.15
CA MET A 583 -16.09 17.27 -12.71
CA MET A 583 -16.05 17.36 -12.70
C MET A 583 -14.63 16.94 -12.37
N PRO A 584 -13.72 17.88 -12.56
CA PRO A 584 -12.30 17.58 -12.26
C PRO A 584 -12.08 17.26 -10.78
N SER A 585 -12.86 17.81 -9.86
CA SER A 585 -12.67 17.46 -8.45
C SER A 585 -13.99 17.37 -7.73
N THR A 586 -14.31 16.15 -7.37
CA THR A 586 -15.51 15.90 -6.60
C THR A 586 -15.42 16.52 -5.20
N ASP A 587 -14.26 16.51 -4.56
CA ASP A 587 -14.19 17.10 -3.23
C ASP A 587 -14.37 18.62 -3.28
N ALA A 588 -13.79 19.29 -4.27
CA ALA A 588 -14.01 20.73 -4.37
C ALA A 588 -15.47 21.03 -4.71
N PHE A 589 -16.08 20.19 -5.54
CA PHE A 589 -17.50 20.40 -5.87
C PHE A 589 -18.36 20.26 -4.61
N ASP A 590 -18.09 19.22 -3.82
CA ASP A 590 -18.93 18.92 -2.66
C ASP A 590 -18.88 20.05 -1.64
N LYS A 591 -17.77 20.79 -1.60
CA LYS A 591 -17.63 21.92 -0.69
C LYS A 591 -18.33 23.19 -1.14
N GLN A 592 -18.87 23.20 -2.34
CA GLN A 592 -19.56 24.39 -2.82
C GLN A 592 -20.90 24.58 -2.14
N ASP A 593 -21.38 25.81 -2.13
CA ASP A 593 -22.71 26.06 -1.60
C ASP A 593 -23.77 25.30 -2.38
N ALA A 594 -24.89 25.05 -1.74
CA ALA A 594 -25.93 24.23 -2.35
C ALA A 594 -26.58 24.86 -3.56
N ALA A 595 -26.61 26.19 -3.64
CA ALA A 595 -27.17 26.80 -4.85
C ALA A 595 -26.28 26.53 -6.04
N TYR A 596 -24.97 26.61 -5.83
CA TYR A 596 -24.05 26.28 -6.90
C TYR A 596 -24.19 24.83 -7.34
N ARG A 597 -24.18 23.89 -6.38
CA ARG A 597 -24.30 22.48 -6.75
CA ARG A 597 -24.29 22.47 -6.74
C ARG A 597 -25.61 22.19 -7.49
N GLU A 598 -26.70 22.83 -7.06
CA GLU A 598 -27.97 22.73 -7.80
C GLU A 598 -27.92 23.31 -9.20
N SER A 599 -27.16 24.39 -9.39
CA SER A 599 -27.05 24.99 -10.70
C SER A 599 -26.35 24.04 -11.66
N VAL A 600 -25.49 23.17 -11.12
CA VAL A 600 -24.74 22.23 -11.99
C VAL A 600 -25.47 20.88 -12.18
N LEU A 601 -25.91 20.29 -11.08
CA LEU A 601 -26.66 19.03 -11.04
C LEU A 601 -28.02 19.26 -10.37
N PRO A 602 -28.99 19.74 -11.14
CA PRO A 602 -30.30 20.03 -10.52
C PRO A 602 -30.96 18.78 -9.99
N LYS A 603 -31.51 18.85 -8.78
CA LYS A 603 -32.10 17.68 -8.14
C LYS A 603 -33.29 17.08 -8.91
N ALA A 604 -34.01 17.87 -9.70
CA ALA A 604 -35.10 17.34 -10.47
C ALA A 604 -34.66 16.51 -11.67
N VAL A 605 -33.40 16.61 -12.08
CA VAL A 605 -32.97 15.91 -13.30
C VAL A 605 -32.33 14.61 -12.85
N THR A 606 -33.02 13.50 -13.09
CA THR A 606 -32.51 12.18 -12.68
C THR A 606 -31.77 11.47 -13.80
N ALA A 607 -31.93 11.95 -15.03
CA ALA A 607 -31.33 11.29 -16.19
C ALA A 607 -29.88 11.79 -16.35
N ARG A 608 -29.00 11.12 -15.62
CA ARG A 608 -27.61 11.52 -15.49
C ARG A 608 -26.74 10.38 -15.94
N VAL A 609 -25.74 10.66 -16.75
CA VAL A 609 -24.84 9.65 -17.30
C VAL A 609 -23.41 10.03 -16.94
N ALA A 610 -22.75 9.25 -16.09
CA ALA A 610 -21.35 9.48 -15.76
C ALA A 610 -20.46 8.77 -16.75
N VAL A 611 -19.35 9.40 -17.13
CA VAL A 611 -18.41 8.85 -18.12
C VAL A 611 -16.99 9.04 -17.59
N GLU A 612 -16.35 7.94 -17.22
CA GLU A 612 -14.98 7.97 -16.69
C GLU A 612 -14.36 6.59 -16.89
N ALA A 613 -13.13 6.54 -17.38
CA ALA A 613 -12.41 5.26 -17.51
C ALA A 613 -11.83 4.80 -16.15
N GLY A 614 -12.73 4.61 -15.21
CA GLY A 614 -12.36 4.09 -13.89
C GLY A 614 -13.58 3.36 -13.35
N ILE A 615 -13.46 2.84 -12.14
CA ILE A 615 -14.48 1.93 -11.62
C ILE A 615 -15.87 2.62 -11.54
N ALA A 616 -16.87 1.93 -12.06
CA ALA A 616 -18.19 2.53 -12.18
C ALA A 616 -18.84 2.82 -10.84
N ASP A 617 -18.59 1.96 -9.83
CA ASP A 617 -19.35 2.00 -8.58
C ASP A 617 -19.29 3.35 -7.89
N TYR A 618 -18.21 4.10 -8.08
CA TYR A 618 -18.08 5.38 -7.42
C TYR A 618 -19.24 6.33 -7.76
N TRP A 619 -19.65 6.25 -9.03
CA TRP A 619 -20.43 7.35 -9.59
C TRP A 619 -21.88 7.32 -9.20
N TYR A 620 -22.32 6.27 -8.49
CA TYR A 620 -23.68 6.30 -7.92
C TYR A 620 -23.88 7.51 -7.02
N LYS A 621 -22.77 8.01 -6.45
CA LYS A 621 -22.93 9.20 -5.62
C LYS A 621 -23.55 10.39 -6.37
N TYR A 622 -23.28 10.50 -7.67
CA TYR A 622 -23.83 11.62 -8.43
C TYR A 622 -24.93 11.20 -9.40
N VAL A 623 -25.04 9.93 -9.76
CA VAL A 623 -26.09 9.56 -10.71
C VAL A 623 -27.25 8.87 -10.07
N GLY A 624 -27.09 8.45 -8.82
CA GLY A 624 -28.17 7.76 -8.14
C GLY A 624 -28.57 6.45 -8.81
N LEU A 625 -29.82 6.08 -8.60
CA LEU A 625 -30.31 4.75 -9.01
C LEU A 625 -31.00 4.80 -10.36
N ASN A 626 -31.19 5.98 -10.93
CA ASN A 626 -31.98 6.10 -12.15
C ASN A 626 -31.21 6.73 -13.28
N GLY A 627 -29.90 6.55 -13.25
CA GLY A 627 -29.04 7.09 -14.28
C GLY A 627 -28.29 5.99 -14.99
N ALA A 628 -27.11 6.34 -15.50
CA ALA A 628 -26.28 5.38 -16.19
C ALA A 628 -24.82 5.72 -15.90
N ILE A 629 -23.96 4.71 -15.99
CA ILE A 629 -22.54 4.90 -15.76
C ILE A 629 -21.82 4.16 -16.89
N VAL A 630 -21.03 4.90 -17.65
CA VAL A 630 -20.13 4.35 -18.65
C VAL A 630 -18.74 4.39 -17.99
N GLY A 631 -18.38 3.25 -17.40
CA GLY A 631 -17.17 3.14 -16.60
C GLY A 631 -16.58 1.76 -16.79
N MET A 632 -15.62 1.47 -15.95
CA MET A 632 -14.97 0.15 -15.96
C MET A 632 -15.59 -0.71 -14.87
N THR A 633 -15.73 -2.00 -15.13
CA THR A 633 -16.15 -2.94 -14.08
C THR A 633 -15.21 -4.12 -13.91
N THR A 634 -14.10 -4.06 -14.64
CA THR A 634 -13.12 -5.13 -14.71
C THR A 634 -11.72 -4.56 -14.68
N PHE A 635 -10.74 -5.44 -14.61
CA PHE A 635 -9.36 -5.07 -14.89
C PHE A 635 -9.20 -4.71 -16.37
N GLY A 636 -8.07 -4.09 -16.70
CA GLY A 636 -7.80 -3.78 -18.11
C GLY A 636 -7.27 -4.97 -18.91
N GLU A 637 -6.65 -4.64 -20.05
CA GLU A 637 -6.09 -5.65 -20.96
C GLU A 637 -4.89 -5.06 -21.62
N SER A 638 -3.96 -5.91 -22.08
CA SER A 638 -2.81 -5.42 -22.84
C SER A 638 -3.15 -5.32 -24.33
N ALA A 639 -3.26 -4.09 -24.83
CA ALA A 639 -3.55 -3.80 -26.23
C ALA A 639 -3.35 -2.30 -26.46
N PRO A 640 -3.26 -1.86 -27.73
CA PRO A 640 -3.23 -0.42 -28.00
C PRO A 640 -4.44 0.29 -27.40
N ALA A 641 -4.21 1.49 -26.88
CA ALA A 641 -5.24 2.21 -26.15
C ALA A 641 -6.50 2.46 -26.94
N GLU A 642 -6.38 2.79 -28.22
CA GLU A 642 -7.58 3.05 -29.02
C GLU A 642 -8.51 1.84 -29.02
N LEU A 643 -7.92 0.64 -29.12
CA LEU A 643 -8.70 -0.59 -29.13
C LEU A 643 -9.27 -0.87 -27.76
N LEU A 644 -8.54 -0.57 -26.70
CA LEU A 644 -9.11 -0.75 -25.37
C LEU A 644 -10.31 0.16 -25.14
N PHE A 645 -10.20 1.43 -25.52
CA PHE A 645 -11.35 2.32 -25.29
C PHE A 645 -12.55 1.78 -26.05
N GLU A 646 -12.34 1.29 -27.28
CA GLU A 646 -13.46 0.69 -28.00
C GLU A 646 -14.03 -0.56 -27.30
N GLU A 647 -13.14 -1.45 -26.86
CA GLU A 647 -13.49 -2.72 -26.27
CA GLU A 647 -13.55 -2.72 -26.30
C GLU A 647 -14.32 -2.55 -25.01
N PHE A 648 -13.95 -1.54 -24.22
CA PHE A 648 -14.59 -1.32 -22.93
C PHE A 648 -15.77 -0.34 -22.93
N GLY A 649 -16.16 0.10 -24.12
CA GLY A 649 -17.39 0.87 -24.27
C GLY A 649 -17.27 2.38 -24.27
N PHE A 650 -16.05 2.89 -24.35
CA PHE A 650 -15.83 4.33 -24.37
C PHE A 650 -15.87 4.81 -25.81
N THR A 651 -17.08 4.72 -26.34
CA THR A 651 -17.36 5.08 -27.72
C THR A 651 -18.55 6.03 -27.75
N VAL A 652 -18.62 6.89 -28.75
CA VAL A 652 -19.79 7.77 -28.86
C VAL A 652 -21.08 6.97 -28.98
N ASP A 653 -21.07 5.89 -29.77
CA ASP A 653 -22.29 5.11 -29.91
C ASP A 653 -22.75 4.52 -28.57
N ASN A 654 -21.83 4.02 -27.75
CA ASN A 654 -22.26 3.43 -26.50
C ASN A 654 -22.72 4.47 -25.51
N VAL A 655 -22.03 5.61 -25.46
CA VAL A 655 -22.45 6.65 -24.53
C VAL A 655 -23.84 7.20 -24.92
N VAL A 656 -24.05 7.44 -26.21
CA VAL A 656 -25.36 7.88 -26.70
C VAL A 656 -26.44 6.82 -26.43
N ALA A 657 -26.14 5.55 -26.66
CA ALA A 657 -27.14 4.50 -26.40
C ALA A 657 -27.52 4.44 -24.92
N LYS A 658 -26.51 4.54 -24.04
CA LYS A 658 -26.81 4.49 -22.61
C LYS A 658 -27.64 5.70 -22.19
N ALA A 659 -27.35 6.86 -22.77
CA ALA A 659 -28.19 8.01 -22.51
C ALA A 659 -29.63 7.84 -23.03
N LYS A 660 -29.79 7.28 -24.22
CA LYS A 660 -31.13 7.18 -24.77
C LYS A 660 -31.97 6.20 -23.97
N GLU A 661 -31.34 5.23 -23.30
CA GLU A 661 -32.11 4.35 -22.39
C GLU A 661 -32.80 5.09 -21.23
N LEU A 662 -32.34 6.29 -20.89
CA LEU A 662 -32.93 7.10 -19.81
C LEU A 662 -34.03 8.04 -20.25
N LEU A 663 -34.17 8.20 -21.57
CA LEU A 663 -35.09 9.22 -22.10
C LEU A 663 -36.36 8.62 -22.67
N SER B 2 25.88 -24.54 -32.96
CA SER B 2 25.80 -23.22 -32.36
C SER B 2 26.50 -23.11 -31.02
N SER B 3 27.24 -22.01 -30.83
CA SER B 3 27.82 -21.69 -29.53
C SER B 3 26.72 -21.28 -28.52
N ARG B 4 27.07 -21.24 -27.24
CA ARG B 4 26.09 -20.78 -26.23
C ARG B 4 25.69 -19.34 -26.53
N LYS B 5 26.64 -18.51 -26.96
CA LYS B 5 26.28 -17.13 -27.28
C LYS B 5 25.27 -17.05 -28.43
N GLU B 6 25.43 -17.86 -29.46
CA GLU B 6 24.43 -17.86 -30.52
C GLU B 6 23.03 -18.26 -30.04
N LEU B 7 23.00 -19.27 -29.16
CA LEU B 7 21.72 -19.72 -28.61
C LEU B 7 21.08 -18.60 -27.79
N ALA B 8 21.89 -17.87 -27.01
CA ALA B 8 21.38 -16.74 -26.22
C ALA B 8 20.90 -15.59 -27.13
N ASN B 9 21.62 -15.42 -28.25
CA ASN B 9 21.24 -14.39 -29.17
C ASN B 9 19.89 -14.67 -29.81
N ALA B 10 19.45 -15.95 -29.85
CA ALA B 10 18.06 -16.18 -30.30
C ALA B 10 17.02 -15.41 -29.45
N ILE B 11 17.26 -15.39 -28.13
CA ILE B 11 16.39 -14.61 -27.23
C ILE B 11 16.51 -13.14 -27.57
N ARG B 12 17.74 -12.65 -27.77
CA ARG B 12 17.91 -11.22 -28.12
C ARG B 12 17.17 -10.81 -29.40
N ALA B 13 17.32 -11.63 -30.45
CA ALA B 13 16.64 -11.38 -31.71
C ALA B 13 15.11 -11.38 -31.55
N LEU B 14 14.58 -12.44 -30.96
CA LEU B 14 13.12 -12.48 -30.81
C LEU B 14 12.59 -11.32 -30.00
N SER B 15 13.32 -10.97 -28.95
CA SER B 15 12.87 -9.87 -28.09
C SER B 15 12.90 -8.52 -28.78
N MET B 16 14.01 -8.17 -29.44
CA MET B 16 14.07 -6.84 -30.02
C MET B 16 13.12 -6.77 -31.23
N ASP B 17 12.94 -7.91 -31.92
CA ASP B 17 12.07 -7.88 -33.09
C ASP B 17 10.58 -7.84 -32.67
N ALA B 18 10.22 -8.56 -31.61
CA ALA B 18 8.82 -8.53 -31.17
C ALA B 18 8.43 -7.16 -30.63
N VAL B 19 9.35 -6.56 -29.86
CA VAL B 19 9.13 -5.20 -29.38
C VAL B 19 9.02 -4.22 -30.56
N GLN B 20 9.86 -4.40 -31.58
CA GLN B 20 9.80 -3.49 -32.71
C GLN B 20 8.49 -3.59 -33.47
N LYS B 21 8.01 -4.82 -33.69
CA LYS B 21 6.75 -5.01 -34.40
C LYS B 21 5.58 -4.41 -33.58
N ALA B 22 5.60 -4.58 -32.25
CA ALA B 22 4.56 -3.98 -31.44
C ALA B 22 4.68 -2.45 -31.33
N LYS B 23 5.85 -1.94 -31.71
CA LYS B 23 6.20 -0.53 -31.45
C LYS B 23 6.04 -0.16 -29.97
N SER B 24 6.30 -1.13 -29.11
CA SER B 24 6.01 -1.01 -27.68
C SER B 24 6.76 -2.11 -26.94
N GLY B 25 7.33 -1.76 -25.80
CA GLY B 25 7.89 -2.80 -24.94
C GLY B 25 9.34 -2.55 -24.59
N HIS B 26 9.96 -3.56 -23.99
CA HIS B 26 11.23 -3.40 -23.29
C HIS B 26 12.29 -4.35 -23.81
N PRO B 27 13.22 -3.86 -24.63
CA PRO B 27 14.27 -4.75 -25.16
C PRO B 27 15.45 -4.91 -24.21
N GLY B 28 15.62 -3.97 -23.30
CA GLY B 28 16.86 -3.83 -22.56
C GLY B 28 17.15 -5.01 -21.68
N ALA B 29 16.22 -5.35 -20.77
CA ALA B 29 16.48 -6.44 -19.85
C ALA B 29 16.55 -7.80 -20.55
N PRO B 30 15.67 -8.08 -21.52
CA PRO B 30 15.84 -9.39 -22.17
C PRO B 30 17.23 -9.53 -22.82
N MET B 31 17.70 -8.45 -23.45
CA MET B 31 19.00 -8.48 -24.10
C MET B 31 20.13 -8.56 -23.08
N GLY B 32 19.96 -7.91 -21.94
CA GLY B 32 20.93 -8.02 -20.88
C GLY B 32 20.97 -9.35 -20.15
N MET B 33 19.85 -10.07 -20.07
CA MET B 33 19.84 -11.30 -19.29
CA MET B 33 19.78 -11.29 -19.29
C MET B 33 19.83 -12.56 -20.13
N ALA B 34 19.90 -12.41 -21.46
CA ALA B 34 19.82 -13.61 -22.30
C ALA B 34 20.87 -14.70 -22.04
N ASP B 35 22.12 -14.33 -21.73
CA ASP B 35 23.12 -15.36 -21.47
C ASP B 35 22.86 -16.12 -20.17
N ILE B 36 22.38 -15.40 -19.16
CA ILE B 36 22.02 -16.00 -17.88
C ILE B 36 20.86 -16.96 -18.10
N ALA B 37 19.85 -16.50 -18.85
CA ALA B 37 18.70 -17.36 -19.11
C ALA B 37 19.06 -18.62 -19.89
N GLU B 38 19.98 -18.47 -20.86
CA GLU B 38 20.40 -19.64 -21.63
C GLU B 38 21.06 -20.66 -20.73
N VAL B 39 21.96 -20.23 -19.85
CA VAL B 39 22.57 -21.23 -18.95
C VAL B 39 21.52 -21.84 -17.99
N LEU B 40 20.69 -21.02 -17.36
CA LEU B 40 19.74 -21.56 -16.38
C LEU B 40 18.77 -22.55 -17.05
N TRP B 41 18.18 -22.14 -18.17
CA TRP B 41 17.14 -22.95 -18.76
C TRP B 41 17.71 -24.18 -19.46
N ARG B 42 18.85 -24.05 -20.14
CA ARG B 42 19.36 -25.22 -20.87
C ARG B 42 20.14 -26.19 -19.99
N ASP B 43 20.81 -25.69 -18.96
CA ASP B 43 21.64 -26.58 -18.13
C ASP B 43 21.05 -27.03 -16.81
N PHE B 44 20.07 -26.31 -16.27
CA PHE B 44 19.63 -26.58 -14.89
C PHE B 44 18.13 -26.81 -14.73
N LEU B 45 17.32 -26.00 -15.41
CA LEU B 45 15.88 -25.97 -15.11
C LEU B 45 15.21 -27.32 -15.37
N LYS B 46 14.51 -27.84 -14.36
CA LYS B 46 13.77 -29.09 -14.47
C LYS B 46 12.33 -28.77 -14.84
N HIS B 47 11.94 -29.08 -16.07
CA HIS B 47 10.60 -28.72 -16.51
C HIS B 47 10.21 -29.56 -17.73
N ASN B 48 8.91 -29.63 -17.96
CA ASN B 48 8.39 -30.34 -19.14
C ASN B 48 7.44 -29.43 -19.92
N PRO B 49 7.90 -28.91 -21.07
CA PRO B 49 7.05 -28.04 -21.89
C PRO B 49 5.74 -28.69 -22.24
N GLN B 50 5.68 -30.03 -22.32
CA GLN B 50 4.42 -30.67 -22.66
C GLN B 50 3.45 -30.78 -21.50
N ASN B 51 3.92 -30.53 -20.27
CA ASN B 51 3.00 -30.46 -19.13
C ASN B 51 3.46 -29.37 -18.17
N PRO B 52 3.03 -28.15 -18.44
CA PRO B 52 3.41 -27.03 -17.56
C PRO B 52 2.85 -27.17 -16.14
N SER B 53 1.96 -28.12 -15.89
CA SER B 53 1.38 -28.29 -14.57
C SER B 53 2.01 -29.43 -13.78
N TRP B 54 3.11 -29.99 -14.28
CA TRP B 54 3.81 -31.07 -13.57
C TRP B 54 4.08 -30.62 -12.13
N ALA B 55 3.60 -31.39 -11.15
CA ALA B 55 3.64 -30.94 -9.77
C ALA B 55 5.04 -30.68 -9.25
N ASP B 56 6.02 -31.43 -9.72
CA ASP B 56 7.38 -31.32 -9.16
C ASP B 56 8.35 -30.55 -10.06
N ARG B 57 7.83 -29.82 -11.04
CA ARG B 57 8.68 -28.94 -11.84
C ARG B 57 9.39 -27.88 -11.00
N ASP B 58 10.56 -27.46 -11.46
CA ASP B 58 11.11 -26.21 -10.92
C ASP B 58 10.19 -25.07 -11.27
N ARG B 59 10.20 -24.02 -10.43
CA ARG B 59 9.43 -22.80 -10.74
C ARG B 59 10.39 -21.68 -11.10
N PHE B 60 10.12 -20.97 -12.19
CA PHE B 60 10.88 -19.79 -12.59
C PHE B 60 9.99 -18.55 -12.49
N VAL B 61 10.54 -17.47 -11.95
CA VAL B 61 9.80 -16.21 -11.82
C VAL B 61 10.62 -15.05 -12.37
N LEU B 62 10.01 -14.28 -13.26
CA LEU B 62 10.60 -13.05 -13.77
C LEU B 62 10.08 -11.84 -12.98
N SER B 63 10.81 -11.41 -11.93
CA SER B 63 10.34 -10.31 -11.09
C SER B 63 10.46 -8.96 -11.82
N ASN B 64 11.49 -8.81 -12.65
CA ASN B 64 11.57 -7.65 -13.55
C ASN B 64 10.71 -7.90 -14.79
N GLY B 65 9.40 -7.90 -14.57
CA GLY B 65 8.39 -8.43 -15.49
C GLY B 65 8.22 -7.61 -16.77
N HIS B 66 8.69 -6.37 -16.75
CA HIS B 66 8.74 -5.59 -17.99
C HIS B 66 9.56 -6.29 -19.07
N GLY B 67 10.52 -7.11 -18.67
CA GLY B 67 11.28 -7.88 -19.66
C GLY B 67 10.54 -9.12 -20.15
N SER B 68 9.23 -8.98 -20.37
CA SER B 68 8.36 -10.11 -20.70
C SER B 68 8.82 -10.88 -21.97
N MET B 69 9.44 -10.21 -22.96
CA MET B 69 9.89 -10.98 -24.12
C MET B 69 10.97 -12.01 -23.78
N LEU B 70 11.66 -11.85 -22.65
CA LEU B 70 12.60 -12.86 -22.21
C LEU B 70 11.86 -14.17 -21.94
N ILE B 71 10.78 -14.14 -21.16
CA ILE B 71 10.11 -15.39 -20.86
CA ILE B 71 10.09 -15.38 -20.85
C ILE B 71 9.32 -15.89 -22.08
N TYR B 72 8.74 -15.01 -22.91
CA TYR B 72 8.08 -15.55 -24.10
C TYR B 72 9.08 -16.22 -25.06
N SER B 73 10.28 -15.68 -25.17
CA SER B 73 11.31 -16.31 -26.01
C SER B 73 11.69 -17.66 -25.47
N LEU B 74 11.91 -17.73 -24.14
CA LEU B 74 12.26 -19.00 -23.51
C LEU B 74 11.18 -20.06 -23.70
N LEU B 75 9.91 -19.68 -23.48
CA LEU B 75 8.82 -20.66 -23.60
C LEU B 75 8.70 -21.11 -25.04
N HIS B 76 8.77 -20.18 -25.98
CA HIS B 76 8.71 -20.57 -27.36
C HIS B 76 9.86 -21.49 -27.77
N LEU B 77 11.09 -21.08 -27.47
CA LEU B 77 12.26 -21.83 -27.93
C LEU B 77 12.33 -23.22 -27.29
N THR B 78 11.89 -23.36 -26.02
CA THR B 78 12.04 -24.67 -25.37
C THR B 78 10.88 -25.61 -25.67
N GLY B 79 9.87 -25.16 -26.40
CA GLY B 79 8.84 -26.08 -26.89
C GLY B 79 7.48 -26.04 -26.22
N TYR B 80 7.20 -25.00 -25.42
CA TYR B 80 5.85 -24.83 -24.89
C TYR B 80 4.88 -24.48 -26.00
N ASP B 81 3.59 -24.61 -25.69
CA ASP B 81 2.56 -24.25 -26.65
C ASP B 81 2.39 -22.72 -26.74
N LEU B 82 3.37 -22.06 -27.34
CA LEU B 82 3.39 -20.62 -27.57
C LEU B 82 4.02 -20.42 -28.94
N PRO B 83 3.20 -20.50 -29.99
CA PRO B 83 3.75 -20.41 -31.36
C PRO B 83 4.32 -19.04 -31.73
N MET B 84 5.10 -19.02 -32.80
CA MET B 84 5.71 -17.78 -33.25
C MET B 84 4.67 -16.73 -33.57
N GLU B 85 3.50 -17.16 -34.07
CA GLU B 85 2.43 -16.19 -34.33
C GLU B 85 2.09 -15.38 -33.07
N GLU B 86 2.10 -16.04 -31.92
CA GLU B 86 1.82 -15.28 -30.70
C GLU B 86 2.91 -14.24 -30.39
N LEU B 87 4.17 -14.57 -30.66
CA LEU B 87 5.23 -13.57 -30.47
C LEU B 87 5.07 -12.41 -31.43
N LYS B 88 4.57 -12.69 -32.64
CA LYS B 88 4.26 -11.64 -33.59
C LYS B 88 3.06 -10.80 -33.14
N ASN B 89 2.32 -11.30 -32.14
CA ASN B 89 1.15 -10.57 -31.61
C ASN B 89 1.40 -10.03 -30.19
N PHE B 90 2.67 -9.87 -29.85
CA PHE B 90 3.08 -9.26 -28.57
C PHE B 90 2.31 -7.97 -28.34
N ARG B 91 1.72 -7.85 -27.17
CA ARG B 91 1.02 -6.61 -26.73
C ARG B 91 -0.26 -6.30 -27.55
N GLN B 92 -0.75 -7.28 -28.29
CA GLN B 92 -1.98 -7.10 -29.07
C GLN B 92 -3.18 -7.72 -28.37
N LEU B 93 -4.39 -7.21 -28.68
CA LEU B 93 -5.57 -7.60 -27.94
C LEU B 93 -5.79 -9.13 -28.01
N HIS B 94 -5.91 -9.72 -26.81
CA HIS B 94 -6.24 -11.13 -26.59
C HIS B 94 -5.15 -12.09 -27.05
N SER B 95 -3.93 -11.57 -27.22
CA SER B 95 -2.82 -12.49 -27.54
C SER B 95 -2.37 -13.25 -26.29
N LYS B 96 -1.60 -14.31 -26.51
CA LYS B 96 -1.00 -15.01 -25.39
C LYS B 96 0.30 -14.37 -24.94
N THR B 97 0.59 -13.17 -25.46
CA THR B 97 1.82 -12.45 -25.13
C THR B 97 1.53 -11.00 -24.68
N PRO B 98 0.80 -10.85 -23.56
CA PRO B 98 0.55 -9.48 -23.05
C PRO B 98 1.86 -8.83 -22.60
N GLY B 99 1.80 -7.50 -22.47
CA GLY B 99 2.97 -6.69 -22.19
C GLY B 99 3.76 -7.11 -20.94
N HIS B 100 3.02 -7.55 -19.91
CA HIS B 100 3.63 -8.17 -18.75
CA HIS B 100 3.62 -8.20 -18.74
C HIS B 100 3.08 -9.59 -18.67
N PRO B 101 3.92 -10.55 -18.21
CA PRO B 101 3.42 -11.93 -18.24
C PRO B 101 2.28 -12.14 -17.27
N GLU B 102 1.30 -12.95 -17.71
CA GLU B 102 0.06 -13.19 -16.95
C GLU B 102 -0.13 -14.68 -16.80
N VAL B 103 -0.26 -15.10 -15.55
CA VAL B 103 -0.54 -16.50 -15.27
C VAL B 103 -1.95 -16.85 -15.78
N GLY B 104 -2.04 -18.02 -16.41
CA GLY B 104 -3.27 -18.43 -17.09
C GLY B 104 -3.33 -18.06 -18.58
N TYR B 105 -2.66 -16.98 -18.97
CA TYR B 105 -2.77 -16.48 -20.34
C TYR B 105 -1.90 -17.31 -21.28
N THR B 106 -0.99 -18.06 -20.71
CA THR B 106 0.20 -18.42 -21.43
C THR B 106 0.84 -19.66 -20.79
N ALA B 107 1.00 -20.71 -21.57
CA ALA B 107 1.58 -21.96 -21.08
C ALA B 107 2.94 -21.68 -20.49
N GLY B 108 3.16 -22.09 -19.25
CA GLY B 108 4.47 -21.92 -18.64
C GLY B 108 4.73 -20.68 -17.80
N VAL B 109 3.84 -19.71 -17.87
CA VAL B 109 3.99 -18.52 -17.02
C VAL B 109 3.46 -18.83 -15.60
N GLU B 110 4.32 -18.63 -14.60
CA GLU B 110 3.97 -19.07 -13.23
C GLU B 110 3.22 -18.04 -12.38
N THR B 111 3.34 -16.78 -12.77
CA THR B 111 2.78 -15.70 -11.97
C THR B 111 2.68 -14.48 -12.86
N THR B 112 1.85 -13.53 -12.48
CA THR B 112 1.73 -12.26 -13.20
C THR B 112 2.65 -11.27 -12.50
N THR B 113 3.61 -10.71 -13.23
CA THR B 113 4.52 -9.76 -12.62
C THR B 113 4.49 -8.44 -13.40
N GLY B 114 5.33 -7.51 -12.98
CA GLY B 114 5.27 -6.16 -13.55
C GLY B 114 5.41 -5.15 -12.43
N PRO B 115 4.52 -5.22 -11.43
CA PRO B 115 4.70 -4.36 -10.25
C PRO B 115 5.96 -4.82 -9.52
N LEU B 116 6.97 -3.94 -9.48
CA LEU B 116 8.30 -4.39 -9.06
C LEU B 116 8.30 -4.88 -7.64
N GLY B 117 9.15 -5.87 -7.40
CA GLY B 117 9.28 -6.46 -6.09
C GLY B 117 8.35 -7.64 -5.83
N GLN B 118 7.20 -7.69 -6.49
CA GLN B 118 6.26 -8.75 -6.14
C GLN B 118 6.64 -10.11 -6.71
N GLY B 119 7.40 -10.14 -7.79
CA GLY B 119 7.83 -11.44 -8.31
C GLY B 119 8.78 -12.12 -7.33
N ILE B 120 9.77 -11.40 -6.79
CA ILE B 120 10.63 -12.08 -5.82
C ILE B 120 9.82 -12.51 -4.60
N ALA B 121 8.82 -11.74 -4.17
CA ALA B 121 7.96 -12.19 -3.10
C ALA B 121 7.20 -13.47 -3.46
N ASN B 122 6.66 -13.54 -4.68
CA ASN B 122 5.99 -14.75 -5.11
C ASN B 122 6.96 -15.92 -5.08
N ALA B 123 8.20 -15.72 -5.54
CA ALA B 123 9.19 -16.78 -5.56
C ALA B 123 9.50 -17.25 -4.15
N VAL B 124 9.63 -16.31 -3.19
CA VAL B 124 9.78 -16.73 -1.79
C VAL B 124 8.60 -17.61 -1.35
N GLY B 125 7.37 -17.24 -1.75
CA GLY B 125 6.23 -18.10 -1.43
C GLY B 125 6.27 -19.48 -2.08
N MET B 126 6.72 -19.54 -3.34
CA MET B 126 6.84 -20.83 -4.03
C MET B 126 7.89 -21.70 -3.33
N ALA B 127 8.99 -21.08 -2.88
CA ALA B 127 10.00 -21.85 -2.18
C ALA B 127 9.52 -22.30 -0.80
N ILE B 128 8.79 -21.45 -0.10
CA ILE B 128 8.18 -21.90 1.18
C ILE B 128 7.21 -23.06 0.95
N ALA B 129 6.44 -22.96 -0.12
CA ALA B 129 5.52 -24.04 -0.46
C ALA B 129 6.27 -25.34 -0.73
N GLU B 130 7.32 -25.31 -1.56
CA GLU B 130 8.09 -26.52 -1.82
C GLU B 130 8.67 -27.11 -0.54
N LYS B 131 9.27 -26.27 0.31
CA LYS B 131 9.91 -26.76 1.54
C LYS B 131 8.86 -27.44 2.45
N THR B 132 7.70 -26.80 2.58
CA THR B 132 6.65 -27.27 3.48
C THR B 132 6.00 -28.53 2.92
N LEU B 133 5.77 -28.54 1.61
CA LEU B 133 5.16 -29.73 1.01
C LEU B 133 6.11 -30.94 1.06
N ALA B 134 7.40 -30.71 0.84
CA ALA B 134 8.40 -31.77 0.98
C ALA B 134 8.42 -32.31 2.38
N ALA B 135 8.40 -31.41 3.36
CA ALA B 135 8.37 -31.88 4.74
C ALA B 135 7.09 -32.66 5.08
N GLN B 136 5.94 -32.22 4.57
CA GLN B 136 4.68 -32.94 4.88
C GLN B 136 4.58 -34.28 4.16
N PHE B 137 5.06 -34.38 2.91
CA PHE B 137 4.78 -35.57 2.11
C PHE B 137 5.95 -36.52 1.91
N ASN B 138 7.18 -36.05 1.95
CA ASN B 138 8.27 -36.97 1.62
C ASN B 138 8.36 -38.03 2.71
N ARG B 139 8.79 -39.22 2.30
CA ARG B 139 8.91 -40.38 3.21
C ARG B 139 10.22 -41.07 2.92
N PRO B 140 10.71 -41.88 3.89
CA PRO B 140 12.04 -42.46 3.65
C PRO B 140 12.05 -43.29 2.39
N GLY B 141 12.98 -43.02 1.46
CA GLY B 141 13.01 -43.70 0.19
C GLY B 141 12.07 -43.16 -0.87
N HIS B 142 11.31 -42.12 -0.52
CA HIS B 142 10.26 -41.56 -1.37
C HIS B 142 10.22 -40.03 -1.31
N ASP B 143 11.17 -39.37 -1.95
CA ASP B 143 11.21 -37.90 -1.97
C ASP B 143 10.46 -37.35 -3.18
N ILE B 144 9.13 -37.34 -3.09
CA ILE B 144 8.31 -36.97 -4.24
C ILE B 144 8.25 -35.45 -4.45
N VAL B 145 8.64 -34.68 -3.44
CA VAL B 145 8.77 -33.23 -3.64
C VAL B 145 10.24 -32.83 -3.57
N ASP B 146 10.77 -32.28 -4.66
CA ASP B 146 12.17 -31.87 -4.71
C ASP B 146 12.36 -30.99 -5.91
N HIS B 147 12.19 -29.70 -5.73
CA HIS B 147 12.41 -28.81 -6.85
C HIS B 147 12.87 -27.42 -6.40
N TYR B 148 13.52 -26.72 -7.32
CA TYR B 148 14.04 -25.38 -7.10
C TYR B 148 13.08 -24.28 -7.49
N THR B 149 13.35 -23.11 -6.94
CA THR B 149 12.67 -21.88 -7.31
C THR B 149 13.71 -20.88 -7.75
N TYR B 150 13.64 -20.46 -9.01
CA TYR B 150 14.62 -19.53 -9.56
C TYR B 150 13.95 -18.22 -9.87
N ALA B 151 14.58 -17.10 -9.51
CA ALA B 151 13.98 -15.79 -9.79
C ALA B 151 14.99 -14.87 -10.45
N PHE B 152 14.54 -14.08 -11.42
CA PHE B 152 15.34 -12.95 -11.96
C PHE B 152 14.78 -11.68 -11.37
N MET B 153 15.64 -10.74 -11.02
CA MET B 153 15.16 -9.45 -10.50
C MET B 153 16.19 -8.36 -10.85
N GLY B 154 15.73 -7.11 -10.88
CA GLY B 154 16.61 -6.00 -11.21
C GLY B 154 16.70 -4.96 -10.11
N ASP B 155 17.24 -3.80 -10.51
CA ASP B 155 17.42 -2.69 -9.56
C ASP B 155 16.12 -2.25 -8.95
N GLY B 156 15.06 -2.21 -9.74
CA GLY B 156 13.78 -1.75 -9.19
C GLY B 156 13.26 -2.64 -8.09
N CYS B 157 13.34 -3.95 -8.30
CA CYS B 157 12.94 -4.89 -7.27
C CYS B 157 13.80 -4.73 -6.04
N MET B 158 15.11 -4.55 -6.19
CA MET B 158 15.99 -4.32 -5.02
C MET B 158 15.72 -3.06 -4.22
N MET B 159 15.34 -1.98 -4.92
CA MET B 159 15.03 -0.72 -4.21
C MET B 159 13.71 -0.83 -3.45
N GLU B 160 12.74 -1.59 -3.98
CA GLU B 160 11.42 -1.68 -3.32
C GLU B 160 11.51 -2.29 -1.93
N GLY B 161 10.75 -1.73 -1.01
CA GLY B 161 10.73 -2.24 0.36
C GLY B 161 10.30 -3.70 0.46
N ILE B 162 9.42 -4.14 -0.43
CA ILE B 162 8.94 -5.51 -0.31
C ILE B 162 10.11 -6.51 -0.46
N SER B 163 11.17 -6.14 -1.20
CA SER B 163 12.33 -7.04 -1.29
C SER B 163 12.96 -7.26 0.07
N HIS B 164 13.00 -6.20 0.89
CA HIS B 164 13.50 -6.34 2.25
C HIS B 164 12.63 -7.28 3.07
N GLU B 165 11.31 -7.10 2.94
CA GLU B 165 10.43 -7.99 3.74
C GLU B 165 10.62 -9.47 3.40
N VAL B 166 10.58 -9.77 2.11
CA VAL B 166 10.51 -11.19 1.78
C VAL B 166 11.88 -11.83 1.78
N CYS B 167 12.94 -11.06 1.48
CA CYS B 167 14.26 -11.69 1.50
C CYS B 167 14.80 -11.82 2.93
N SER B 168 14.40 -10.91 3.83
CA SER B 168 14.66 -11.13 5.26
C SER B 168 14.03 -12.43 5.75
N LEU B 169 12.73 -12.60 5.46
CA LEU B 169 12.04 -13.81 5.92
C LEU B 169 12.62 -15.07 5.24
N ALA B 170 13.01 -15.01 3.98
CA ALA B 170 13.59 -16.15 3.29
C ALA B 170 14.88 -16.58 3.96
N GLY B 171 15.65 -15.60 4.47
CA GLY B 171 16.85 -15.93 5.22
C GLY B 171 16.51 -16.65 6.51
N THR B 172 15.53 -16.14 7.25
CA THR B 172 15.13 -16.82 8.49
C THR B 172 14.73 -18.26 8.25
N LEU B 173 14.00 -18.48 7.16
CA LEU B 173 13.48 -19.83 6.86
C LEU B 173 14.46 -20.73 6.11
N LYS B 174 15.67 -20.23 5.86
CA LYS B 174 16.77 -21.04 5.34
C LYS B 174 16.34 -21.76 4.06
N LEU B 175 15.84 -20.97 3.12
CA LEU B 175 15.28 -21.51 1.87
C LEU B 175 16.38 -21.85 0.87
N GLY B 176 17.02 -22.99 1.11
CA GLY B 176 18.16 -23.43 0.30
C GLY B 176 17.86 -23.79 -1.14
N LYS B 177 16.60 -23.93 -1.51
CA LYS B 177 16.28 -24.19 -2.91
C LYS B 177 15.79 -22.97 -3.64
N LEU B 178 15.90 -21.79 -3.02
CA LEU B 178 15.64 -20.53 -3.68
C LEU B 178 16.95 -19.94 -4.19
N ILE B 179 16.99 -19.64 -5.50
CA ILE B 179 18.19 -19.07 -6.10
C ILE B 179 17.76 -17.87 -6.97
N ALA B 180 18.21 -16.68 -6.59
CA ALA B 180 17.84 -15.45 -7.29
C ALA B 180 19.03 -14.90 -8.04
N PHE B 181 18.74 -14.35 -9.19
CA PHE B 181 19.73 -13.72 -10.06
C PHE B 181 19.43 -12.24 -10.13
N TYR B 182 20.37 -11.41 -9.69
CA TYR B 182 20.23 -9.96 -9.76
C TYR B 182 20.90 -9.43 -11.01
N ASP B 183 20.10 -8.77 -11.84
CA ASP B 183 20.54 -8.13 -13.06
C ASP B 183 21.17 -6.79 -12.71
N ASP B 184 22.45 -6.85 -12.38
CA ASP B 184 23.19 -5.70 -11.87
C ASP B 184 23.73 -4.92 -13.06
N ASN B 185 22.87 -4.07 -13.67
CA ASN B 185 23.27 -3.38 -14.89
C ASN B 185 23.45 -1.86 -14.75
N GLY B 186 23.30 -1.32 -13.53
CA GLY B 186 23.69 0.06 -13.27
C GLY B 186 22.71 1.11 -13.80
N ILE B 187 21.60 0.67 -14.38
CA ILE B 187 20.68 1.59 -15.08
C ILE B 187 19.25 1.43 -14.57
N SER B 188 18.57 2.55 -14.30
CA SER B 188 17.12 2.51 -14.12
C SER B 188 16.53 3.65 -14.97
N ILE B 189 15.25 3.96 -14.78
CA ILE B 189 14.62 4.86 -15.75
C ILE B 189 15.19 6.27 -15.67
N ASP B 190 15.54 6.75 -14.48
CA ASP B 190 16.12 8.09 -14.38
C ASP B 190 17.56 8.17 -14.86
N GLY B 191 18.18 7.01 -15.12
CA GLY B 191 19.55 6.98 -15.65
C GLY B 191 20.50 6.13 -14.83
N HIS B 192 21.72 6.62 -14.60
CA HIS B 192 22.71 5.84 -13.84
C HIS B 192 22.33 5.78 -12.37
N VAL B 193 22.21 4.56 -11.83
CA VAL B 193 21.54 4.44 -10.54
C VAL B 193 22.31 5.03 -9.37
N GLU B 194 23.59 5.34 -9.52
CA GLU B 194 24.36 5.84 -8.37
C GLU B 194 23.80 7.13 -7.78
N GLY B 195 22.99 7.87 -8.54
CA GLY B 195 22.41 9.08 -7.96
C GLY B 195 21.32 8.85 -6.92
N TRP B 196 20.84 7.61 -6.85
CA TRP B 196 19.72 7.29 -5.96
C TRP B 196 19.78 5.88 -5.36
N PHE B 197 20.76 5.06 -5.75
CA PHE B 197 20.82 3.67 -5.28
C PHE B 197 22.27 3.28 -5.15
N THR B 198 22.74 3.25 -3.91
CA THR B 198 24.16 3.06 -3.63
C THR B 198 24.42 1.94 -2.62
N ASP B 199 23.41 1.13 -2.32
CA ASP B 199 23.61 0.00 -1.38
C ASP B 199 24.74 -0.91 -1.78
N ASP B 200 25.44 -1.45 -0.78
CA ASP B 200 26.24 -2.67 -0.99
C ASP B 200 25.23 -3.81 -0.92
N THR B 201 24.61 -4.14 -2.05
CA THR B 201 23.54 -5.12 -2.06
C THR B 201 24.00 -6.50 -1.59
N ALA B 202 25.23 -6.88 -1.90
CA ALA B 202 25.74 -8.19 -1.44
C ALA B 202 25.78 -8.22 0.09
N MET B 203 26.31 -7.13 0.69
CA MET B 203 26.39 -7.05 2.14
C MET B 203 24.97 -7.07 2.78
N ARG B 204 24.02 -6.40 2.13
CA ARG B 204 22.65 -6.38 2.61
C ARG B 204 22.08 -7.79 2.65
N PHE B 205 22.25 -8.53 1.57
CA PHE B 205 21.70 -9.88 1.52
C PHE B 205 22.45 -10.84 2.42
N GLU B 206 23.74 -10.61 2.64
CA GLU B 206 24.46 -11.39 3.66
C GLU B 206 23.86 -11.12 5.05
N ALA B 207 23.44 -9.87 5.28
CA ALA B 207 22.79 -9.54 6.57
C ALA B 207 21.47 -10.30 6.76
N TYR B 208 20.82 -10.66 5.65
CA TYR B 208 19.63 -11.49 5.72
C TYR B 208 19.89 -12.97 5.89
N GLY B 209 21.14 -13.39 5.78
CA GLY B 209 21.41 -14.82 5.87
C GLY B 209 21.40 -15.53 4.51
N TRP B 210 21.57 -14.78 3.43
CA TRP B 210 21.74 -15.38 2.10
C TRP B 210 23.18 -15.68 1.78
N HIS B 211 23.36 -16.71 0.95
CA HIS B 211 24.66 -16.94 0.33
C HIS B 211 24.76 -16.08 -0.90
N VAL B 212 25.71 -15.16 -0.92
CA VAL B 212 25.82 -14.22 -2.06
C VAL B 212 27.07 -14.52 -2.89
N ILE B 213 26.90 -14.59 -4.21
CA ILE B 213 28.02 -14.80 -5.14
C ILE B 213 28.23 -13.48 -5.86
N ARG B 214 29.37 -12.84 -5.59
CA ARG B 214 29.68 -11.53 -6.15
C ARG B 214 30.30 -11.57 -7.55
N ASP B 215 30.15 -10.46 -8.26
CA ASP B 215 30.96 -10.15 -9.44
C ASP B 215 30.93 -11.24 -10.51
N ILE B 216 29.74 -11.75 -10.80
CA ILE B 216 29.59 -12.73 -11.87
C ILE B 216 29.54 -11.98 -13.21
N ASP B 217 30.32 -12.42 -14.17
CA ASP B 217 30.18 -11.87 -15.52
C ASP B 217 28.94 -12.45 -16.16
N GLY B 218 27.89 -11.62 -16.25
CA GLY B 218 26.60 -12.05 -16.72
C GLY B 218 26.55 -12.30 -18.22
N HIS B 219 27.67 -12.06 -18.93
CA HIS B 219 27.75 -12.36 -20.36
C HIS B 219 28.70 -13.50 -20.65
N ASP B 220 29.08 -14.22 -19.59
CA ASP B 220 29.98 -15.35 -19.76
C ASP B 220 29.35 -16.62 -19.24
N ALA B 221 28.96 -17.48 -20.16
CA ALA B 221 28.26 -18.71 -19.76
C ALA B 221 29.00 -19.54 -18.71
N ALA B 222 30.33 -19.67 -18.82
CA ALA B 222 31.05 -20.50 -17.85
C ALA B 222 30.96 -19.90 -16.45
N SER B 223 31.07 -18.57 -16.34
CA SER B 223 30.99 -17.89 -15.04
CA SER B 223 30.99 -17.85 -15.06
C SER B 223 29.61 -18.08 -14.42
N ILE B 224 28.60 -17.91 -15.26
CA ILE B 224 27.23 -18.09 -14.77
C ILE B 224 27.02 -19.54 -14.28
N LYS B 225 27.43 -20.51 -15.09
CA LYS B 225 27.25 -21.91 -14.73
C LYS B 225 27.94 -22.26 -13.42
N ARG B 226 29.18 -21.78 -13.26
CA ARG B 226 29.89 -22.04 -12.00
C ARG B 226 29.11 -21.48 -10.83
N ALA B 227 28.56 -20.27 -11.00
CA ALA B 227 27.82 -19.66 -9.91
C ALA B 227 26.55 -20.47 -9.57
N VAL B 228 25.81 -20.92 -10.59
CA VAL B 228 24.62 -21.70 -10.29
C VAL B 228 24.96 -23.02 -9.60
N GLU B 229 26.03 -23.68 -10.04
CA GLU B 229 26.48 -24.89 -9.30
C GLU B 229 26.81 -24.59 -7.82
N GLU B 230 27.48 -23.46 -7.58
CA GLU B 230 27.81 -23.07 -6.21
C GLU B 230 26.53 -22.87 -5.37
N ALA B 231 25.57 -22.13 -5.91
CA ALA B 231 24.28 -21.92 -5.24
C ALA B 231 23.53 -23.20 -4.98
N ARG B 232 23.59 -24.15 -5.92
CA ARG B 232 22.90 -25.43 -5.71
C ARG B 232 23.61 -26.28 -4.65
N ALA B 233 24.89 -26.06 -4.45
CA ALA B 233 25.61 -26.81 -3.42
C ALA B 233 25.34 -26.27 -2.00
N VAL B 234 24.77 -25.06 -1.89
CA VAL B 234 24.50 -24.48 -0.59
C VAL B 234 23.06 -24.81 -0.26
N THR B 235 22.88 -25.74 0.66
CA THR B 235 21.55 -26.27 0.87
C THR B 235 20.82 -25.60 2.04
N ASP B 236 21.48 -24.70 2.80
CA ASP B 236 20.90 -24.17 4.01
C ASP B 236 20.66 -22.67 3.98
N LYS B 237 20.80 -22.06 2.81
CA LYS B 237 20.58 -20.62 2.65
C LYS B 237 20.05 -20.34 1.25
N PRO B 238 19.14 -19.38 1.11
CA PRO B 238 18.83 -18.88 -0.25
C PRO B 238 20.06 -18.20 -0.82
N SER B 239 20.18 -18.21 -2.13
CA SER B 239 21.36 -17.68 -2.83
C SER B 239 21.01 -16.52 -3.74
N LEU B 240 21.87 -15.50 -3.72
CA LEU B 240 21.79 -14.33 -4.61
C LEU B 240 23.03 -14.31 -5.49
N LEU B 241 22.80 -14.39 -6.80
CA LEU B 241 23.86 -14.28 -7.79
C LEU B 241 23.92 -12.86 -8.31
N MET B 242 24.99 -12.14 -8.03
CA MET B 242 25.18 -10.75 -8.47
CA MET B 242 25.07 -10.77 -8.52
C MET B 242 25.70 -10.77 -9.91
N CYS B 243 24.82 -10.60 -10.89
CA CYS B 243 25.20 -10.77 -12.30
C CYS B 243 25.43 -9.42 -12.94
N LYS B 244 26.68 -9.13 -13.26
CA LYS B 244 26.98 -7.88 -13.93
C LYS B 244 26.60 -8.03 -15.40
N THR B 245 25.63 -7.23 -15.85
CA THR B 245 25.20 -7.27 -17.24
C THR B 245 25.19 -5.88 -17.81
N ILE B 246 25.11 -5.87 -19.15
CA ILE B 246 24.94 -4.65 -19.91
C ILE B 246 23.51 -4.60 -20.47
N ILE B 247 22.71 -3.64 -20.00
CA ILE B 247 21.36 -3.51 -20.51
C ILE B 247 21.42 -3.31 -22.04
N GLY B 248 20.55 -3.98 -22.78
CA GLY B 248 20.58 -3.79 -24.23
C GLY B 248 21.83 -4.39 -24.90
N PHE B 249 22.50 -5.35 -24.24
CA PHE B 249 23.69 -6.02 -24.79
C PHE B 249 23.49 -6.33 -26.26
N GLY B 250 24.42 -5.84 -27.09
CA GLY B 250 24.38 -6.08 -28.53
C GLY B 250 24.12 -4.82 -29.36
N SER B 251 23.42 -3.86 -28.79
CA SER B 251 23.13 -2.59 -29.46
C SER B 251 24.34 -1.65 -29.35
N PRO B 252 24.98 -1.27 -30.48
CA PRO B 252 26.14 -0.39 -30.37
C PRO B 252 25.82 0.96 -29.77
N ASN B 253 24.65 1.50 -30.06
CA ASN B 253 24.37 2.84 -29.60
C ASN B 253 23.49 2.95 -28.38
N LYS B 254 22.82 1.88 -27.99
CA LYS B 254 21.89 1.98 -26.85
C LYS B 254 22.26 1.01 -25.72
N ALA B 255 23.20 0.10 -25.92
CA ALA B 255 23.59 -0.77 -24.79
C ALA B 255 24.16 0.11 -23.67
N GLY B 256 23.83 -0.27 -22.44
CA GLY B 256 24.38 0.45 -21.29
C GLY B 256 23.74 1.81 -21.09
N THR B 257 22.60 2.08 -21.74
CA THR B 257 21.91 3.36 -21.59
C THR B 257 20.47 3.14 -21.20
N HIS B 258 19.88 4.16 -20.59
CA HIS B 258 18.45 4.10 -20.26
C HIS B 258 17.59 4.04 -21.52
N ASP B 259 18.14 4.45 -22.66
CA ASP B 259 17.39 4.42 -23.90
C ASP B 259 16.99 3.00 -24.31
N SER B 260 17.71 2.00 -23.82
CA SER B 260 17.36 0.64 -24.16
C SER B 260 16.34 0.03 -23.22
N HIS B 261 16.01 0.72 -22.12
CA HIS B 261 15.11 0.12 -21.13
C HIS B 261 13.70 -0.20 -21.64
N GLY B 262 13.06 0.78 -22.30
CA GLY B 262 11.60 0.72 -22.35
C GLY B 262 10.97 1.23 -23.63
N ALA B 263 11.74 1.28 -24.70
CA ALA B 263 11.20 1.64 -26.00
C ALA B 263 11.85 0.79 -27.05
N PRO B 264 11.18 0.62 -28.20
CA PRO B 264 11.81 -0.13 -29.29
C PRO B 264 13.18 0.45 -29.62
N LEU B 265 14.11 -0.42 -30.01
CA LEU B 265 15.42 0.06 -30.40
C LEU B 265 15.39 0.95 -31.65
N GLY B 266 14.47 0.65 -32.57
CA GLY B 266 14.40 1.31 -33.86
C GLY B 266 14.97 0.40 -34.93
N ASP B 267 14.45 0.49 -36.15
CA ASP B 267 14.87 -0.45 -37.19
C ASP B 267 16.35 -0.27 -37.56
N ALA B 268 16.83 0.97 -37.61
CA ALA B 268 18.24 1.16 -37.95
C ALA B 268 19.16 0.55 -36.87
N GLU B 269 18.77 0.73 -35.61
CA GLU B 269 19.57 0.23 -34.53
C GLU B 269 19.51 -1.29 -34.46
N ILE B 270 18.35 -1.88 -34.78
CA ILE B 270 18.25 -3.34 -34.85
C ILE B 270 19.17 -3.90 -35.94
N ALA B 271 19.23 -3.25 -37.09
CA ALA B 271 20.21 -3.69 -38.11
C ALA B 271 21.66 -3.68 -37.58
N LEU B 272 22.01 -2.59 -36.91
CA LEU B 272 23.34 -2.55 -36.31
C LEU B 272 23.57 -3.61 -35.21
N THR B 273 22.51 -3.93 -34.47
CA THR B 273 22.59 -4.93 -33.40
C THR B 273 22.79 -6.33 -33.98
N ARG B 274 22.03 -6.65 -35.03
CA ARG B 274 22.29 -7.90 -35.77
C ARG B 274 23.73 -7.99 -36.22
N GLU B 275 24.29 -6.89 -36.72
CA GLU B 275 25.70 -6.94 -37.18
C GLU B 275 26.67 -7.15 -36.02
N GLN B 276 26.40 -6.49 -34.90
CA GLN B 276 27.31 -6.65 -33.76
C GLN B 276 27.23 -8.07 -33.18
N LEU B 277 26.02 -8.63 -33.12
CA LEU B 277 25.83 -9.95 -32.54
C LEU B 277 26.16 -11.09 -33.50
N GLY B 278 26.34 -10.77 -34.79
CA GLY B 278 26.48 -11.80 -35.80
C GLY B 278 25.26 -12.68 -36.02
N TRP B 279 24.07 -12.07 -35.82
CA TRP B 279 22.80 -12.77 -35.95
C TRP B 279 22.21 -12.50 -37.32
N LYS B 280 22.20 -13.53 -38.18
CA LYS B 280 21.85 -13.30 -39.60
C LYS B 280 20.38 -13.46 -39.91
N TYR B 281 19.61 -14.08 -39.01
CA TYR B 281 18.25 -14.46 -39.39
C TYR B 281 17.31 -13.27 -39.35
N ALA B 282 16.31 -13.32 -40.23
CA ALA B 282 15.26 -12.29 -40.35
C ALA B 282 14.37 -12.30 -39.11
N PRO B 283 13.59 -11.25 -38.90
CA PRO B 283 12.68 -11.28 -37.76
C PRO B 283 11.74 -12.50 -37.73
N PHE B 284 11.65 -13.11 -36.54
CA PHE B 284 10.77 -14.25 -36.25
C PHE B 284 11.21 -15.52 -37.00
N GLU B 285 12.45 -15.51 -37.48
CA GLU B 285 13.03 -16.69 -38.11
C GLU B 285 14.05 -17.34 -37.20
N ILE B 286 13.87 -18.64 -36.96
CA ILE B 286 14.77 -19.43 -36.16
C ILE B 286 15.06 -20.71 -36.92
N PRO B 287 16.35 -21.01 -37.18
CA PRO B 287 16.66 -22.26 -37.90
C PRO B 287 16.44 -23.54 -37.09
N SER B 288 16.19 -24.63 -37.79
CA SER B 288 15.93 -25.88 -37.12
C SER B 288 17.05 -26.32 -36.16
N GLU B 289 18.31 -26.04 -36.47
CA GLU B 289 19.41 -26.46 -35.62
CA GLU B 289 19.39 -26.48 -35.58
C GLU B 289 19.38 -25.73 -34.25
N ILE B 290 18.90 -24.49 -34.27
CA ILE B 290 18.82 -23.75 -33.03
C ILE B 290 17.63 -24.24 -32.20
N TYR B 291 16.50 -24.49 -32.83
CA TYR B 291 15.42 -25.17 -32.09
C TYR B 291 15.88 -26.50 -31.51
N ALA B 292 16.69 -27.24 -32.26
CA ALA B 292 17.11 -28.55 -31.80
C ALA B 292 17.91 -28.43 -30.52
N GLN B 293 18.76 -27.38 -30.43
CA GLN B 293 19.49 -27.23 -29.16
C GLN B 293 18.66 -26.64 -28.03
N TRP B 294 17.68 -25.83 -28.36
CA TRP B 294 16.85 -25.19 -27.34
C TRP B 294 15.72 -26.08 -26.83
N ASP B 295 15.26 -27.03 -27.65
CA ASP B 295 14.01 -27.73 -27.28
C ASP B 295 14.20 -28.62 -26.04
N ALA B 296 13.18 -28.59 -25.18
CA ALA B 296 13.22 -29.31 -23.92
C ALA B 296 12.18 -30.43 -23.83
N LYS B 297 11.50 -30.75 -24.93
CA LYS B 297 10.44 -31.76 -24.89
C LYS B 297 10.97 -33.15 -24.54
N GLU B 298 12.08 -33.57 -25.14
CA GLU B 298 12.56 -34.95 -24.86
C GLU B 298 13.10 -35.09 -23.43
N ALA B 299 13.95 -34.15 -23.02
CA ALA B 299 14.46 -34.18 -21.64
C ALA B 299 13.32 -34.03 -20.64
N GLY B 300 12.39 -33.13 -20.96
CA GLY B 300 11.30 -32.87 -20.04
C GLY B 300 10.40 -34.08 -19.87
N GLN B 301 10.08 -34.74 -20.99
CA GLN B 301 9.31 -35.99 -20.94
C GLN B 301 10.01 -37.03 -20.08
N ALA B 302 11.32 -37.20 -20.28
CA ALA B 302 12.05 -38.19 -19.52
C ALA B 302 11.99 -37.92 -18.02
N LYS B 303 12.14 -36.64 -17.67
CA LYS B 303 12.17 -36.28 -16.24
C LYS B 303 10.80 -36.47 -15.62
N GLU B 304 9.76 -36.02 -16.32
CA GLU B 304 8.43 -36.20 -15.74
C GLU B 304 8.04 -37.68 -15.68
N SER B 305 8.43 -38.47 -16.68
CA SER B 305 8.15 -39.89 -16.64
CA SER B 305 8.17 -39.90 -16.65
C SER B 305 8.82 -40.57 -15.45
N ALA B 306 10.09 -40.21 -15.19
CA ALA B 306 10.77 -40.76 -14.02
C ALA B 306 10.04 -40.33 -12.74
N TRP B 307 9.59 -39.07 -12.68
CA TRP B 307 8.88 -38.64 -11.48
C TRP B 307 7.56 -39.38 -11.32
N ASN B 308 6.87 -39.63 -12.42
CA ASN B 308 5.61 -40.37 -12.31
C ASN B 308 5.85 -41.77 -11.81
N GLU B 309 6.96 -42.39 -12.24
CA GLU B 309 7.31 -43.70 -11.65
C GLU B 309 7.55 -43.64 -10.14
N LYS B 310 8.27 -42.59 -9.71
CA LYS B 310 8.49 -42.36 -8.28
C LYS B 310 7.15 -42.19 -7.55
N PHE B 311 6.25 -41.40 -8.12
CA PHE B 311 4.97 -41.14 -7.47
C PHE B 311 4.10 -42.41 -7.40
N ALA B 312 4.18 -43.24 -8.44
CA ALA B 312 3.47 -44.52 -8.41
C ALA B 312 4.01 -45.43 -7.29
N ALA B 313 5.34 -45.44 -7.10
CA ALA B 313 5.89 -46.23 -5.97
C ALA B 313 5.44 -45.68 -4.63
N TYR B 314 5.41 -44.35 -4.55
CA TYR B 314 4.94 -43.70 -3.34
C TYR B 314 3.50 -44.09 -3.03
N ALA B 315 2.68 -44.09 -4.05
CA ALA B 315 1.27 -44.33 -3.89
C ALA B 315 1.05 -45.77 -3.46
N LYS B 316 1.91 -46.68 -3.92
CA LYS B 316 1.79 -48.06 -3.44
C LYS B 316 2.11 -48.16 -1.96
N ALA B 317 3.16 -47.45 -1.53
CA ALA B 317 3.58 -47.54 -0.12
C ALA B 317 2.76 -46.66 0.86
N TYR B 318 2.25 -45.54 0.33
CA TYR B 318 1.54 -44.52 1.11
C TYR B 318 0.25 -44.11 0.37
N PRO B 319 -0.75 -45.00 0.28
CA PRO B 319 -1.84 -44.66 -0.62
C PRO B 319 -2.72 -43.45 -0.18
N GLN B 320 -2.97 -43.31 1.11
CA GLN B 320 -3.74 -42.18 1.58
C GLN B 320 -3.00 -40.88 1.34
N GLU B 321 -1.70 -40.87 1.64
CA GLU B 321 -0.86 -39.67 1.46
C GLU B 321 -0.85 -39.30 -0.03
N ALA B 322 -0.71 -40.29 -0.91
CA ALA B 322 -0.72 -40.01 -2.33
C ALA B 322 -2.03 -39.41 -2.81
N ALA B 323 -3.15 -39.96 -2.32
CA ALA B 323 -4.46 -39.42 -2.68
C ALA B 323 -4.59 -37.97 -2.21
N GLU B 324 -4.06 -37.68 -1.01
CA GLU B 324 -4.06 -36.29 -0.51
C GLU B 324 -3.19 -35.36 -1.35
N PHE B 325 -2.05 -35.87 -1.78
CA PHE B 325 -1.14 -35.05 -2.60
C PHE B 325 -1.82 -34.66 -3.89
N THR B 326 -2.40 -35.65 -4.54
CA THR B 326 -3.12 -35.37 -5.78
C THR B 326 -4.28 -34.39 -5.59
N ARG B 327 -5.10 -34.63 -4.57
CA ARG B 327 -6.21 -33.72 -4.27
C ARG B 327 -5.72 -32.27 -4.07
N ARG B 328 -4.70 -32.15 -3.23
CA ARG B 328 -4.22 -30.83 -2.88
C ARG B 328 -3.52 -30.11 -4.03
N MET B 329 -2.77 -30.83 -4.85
CA MET B 329 -2.11 -30.19 -5.98
C MET B 329 -3.14 -29.73 -7.03
N LYS B 330 -4.26 -30.43 -7.11
CA LYS B 330 -5.37 -30.02 -7.99
C LYS B 330 -6.22 -28.88 -7.40
N GLY B 331 -6.06 -28.53 -6.12
CA GLY B 331 -6.85 -27.47 -5.52
C GLY B 331 -8.27 -27.91 -5.23
N GLU B 332 -8.51 -29.22 -5.22
CA GLU B 332 -9.83 -29.76 -4.92
C GLU B 332 -10.11 -29.80 -3.43
N MET B 333 -11.37 -29.61 -3.07
CA MET B 333 -11.76 -29.75 -1.67
C MET B 333 -12.08 -31.18 -1.25
N PRO B 334 -11.95 -31.48 0.06
CA PRO B 334 -12.37 -32.80 0.53
C PRO B 334 -13.84 -33.04 0.19
N SER B 335 -14.20 -34.27 -0.19
CA SER B 335 -15.56 -34.52 -0.61
C SER B 335 -16.61 -34.26 0.47
N ASP B 336 -16.25 -34.40 1.75
CA ASP B 336 -17.22 -34.20 2.82
C ASP B 336 -17.13 -32.80 3.44
N PHE B 337 -16.34 -31.93 2.85
CA PHE B 337 -16.19 -30.61 3.46
C PHE B 337 -17.51 -29.82 3.46
N ASP B 338 -18.18 -29.74 2.32
CA ASP B 338 -19.41 -28.99 2.23
C ASP B 338 -20.40 -29.44 3.33
N ALA B 339 -20.57 -30.74 3.51
CA ALA B 339 -21.57 -31.22 4.47
C ALA B 339 -21.16 -30.89 5.89
N LYS B 340 -19.88 -31.07 6.22
CA LYS B 340 -19.40 -30.82 7.57
C LYS B 340 -19.45 -29.32 7.86
N ALA B 341 -19.12 -28.49 6.89
CA ALA B 341 -19.18 -27.05 7.11
C ALA B 341 -20.61 -26.59 7.31
N LYS B 342 -21.54 -27.14 6.52
CA LYS B 342 -22.95 -26.78 6.71
C LYS B 342 -23.45 -27.23 8.09
N GLU B 343 -22.97 -28.39 8.56
CA GLU B 343 -23.36 -28.88 9.89
C GLU B 343 -22.86 -27.88 10.96
N PHE B 344 -21.64 -27.37 10.77
CA PHE B 344 -21.09 -26.41 11.71
C PHE B 344 -21.94 -25.12 11.73
N ILE B 345 -22.23 -24.61 10.54
CA ILE B 345 -23.01 -23.38 10.42
C ILE B 345 -24.41 -23.52 11.07
N ALA B 346 -25.06 -24.65 10.84
CA ALA B 346 -26.39 -24.92 11.41
C ALA B 346 -26.30 -24.98 12.92
N LYS B 347 -25.24 -25.61 13.43
CA LYS B 347 -25.02 -25.69 14.89
C LYS B 347 -24.88 -24.29 15.48
N LEU B 348 -24.11 -23.45 14.83
CA LEU B 348 -23.99 -22.07 15.34
C LEU B 348 -25.34 -21.35 15.36
N GLN B 349 -26.10 -21.47 14.26
CA GLN B 349 -27.39 -20.74 14.21
C GLN B 349 -28.31 -21.23 15.35
N ALA B 350 -28.18 -22.51 15.73
CA ALA B 350 -29.04 -23.05 16.79
C ALA B 350 -28.56 -22.76 18.19
N ASN B 351 -27.31 -22.30 18.30
CA ASN B 351 -26.67 -22.12 19.61
C ASN B 351 -26.00 -20.77 19.68
N PRO B 352 -26.80 -19.73 19.90
CA PRO B 352 -26.25 -18.37 19.82
C PRO B 352 -25.10 -18.09 20.79
N ALA B 353 -24.17 -17.27 20.31
CA ALA B 353 -23.05 -16.81 21.10
C ALA B 353 -22.72 -15.40 20.66
N LYS B 354 -22.65 -14.48 21.60
CA LYS B 354 -22.36 -13.06 21.32
C LYS B 354 -20.87 -12.89 21.54
N ILE B 355 -20.14 -13.05 20.43
CA ILE B 355 -18.66 -13.04 20.43
C ILE B 355 -18.21 -12.12 19.31
N ALA B 356 -16.94 -11.71 19.35
CA ALA B 356 -16.42 -10.86 18.31
C ALA B 356 -16.32 -11.64 17.03
N SER B 357 -16.50 -11.01 15.86
CA SER B 357 -16.35 -11.84 14.67
C SER B 357 -14.89 -12.27 14.47
N ARG B 358 -13.91 -11.60 15.08
CA ARG B 358 -12.54 -12.18 15.03
C ARG B 358 -12.48 -13.53 15.76
N LYS B 359 -13.24 -13.64 16.87
CA LYS B 359 -13.29 -14.92 17.58
C LYS B 359 -14.11 -15.95 16.80
N ALA B 360 -15.20 -15.52 16.16
CA ALA B 360 -15.96 -16.42 15.30
C ALA B 360 -15.10 -16.96 14.16
N SER B 361 -14.19 -16.12 13.66
CA SER B 361 -13.24 -16.52 12.65
C SER B 361 -12.30 -17.59 13.20
N GLN B 362 -11.74 -17.36 14.38
CA GLN B 362 -10.88 -18.37 14.99
C GLN B 362 -11.66 -19.70 15.14
N ASN B 363 -12.93 -19.61 15.55
CA ASN B 363 -13.71 -20.80 15.74
C ASN B 363 -13.92 -21.53 14.42
N ALA B 364 -14.07 -20.78 13.33
CA ALA B 364 -14.18 -21.43 12.01
C ALA B 364 -12.87 -22.06 11.60
N ILE B 365 -11.73 -21.43 11.89
CA ILE B 365 -10.44 -22.06 11.61
C ILE B 365 -10.32 -23.37 12.44
N GLU B 366 -10.71 -23.33 13.70
CA GLU B 366 -10.65 -24.52 14.55
C GLU B 366 -11.55 -25.62 13.98
N ALA B 367 -12.72 -25.25 13.47
CA ALA B 367 -13.64 -26.24 12.90
C ALA B 367 -13.15 -26.81 11.57
N PHE B 368 -12.58 -25.96 10.73
CA PHE B 368 -12.18 -26.36 9.38
C PHE B 368 -10.79 -27.00 9.36
N GLY B 369 -9.96 -26.62 10.30
CA GLY B 369 -8.55 -27.06 10.34
C GLY B 369 -8.36 -28.56 10.19
N PRO B 370 -9.14 -29.34 10.94
CA PRO B 370 -9.00 -30.80 10.82
C PRO B 370 -9.40 -31.32 9.44
N LEU B 371 -10.18 -30.55 8.69
CA LEU B 371 -10.69 -30.99 7.40
C LEU B 371 -9.81 -30.51 6.25
N LEU B 372 -9.02 -29.48 6.50
CA LEU B 372 -8.23 -28.81 5.46
C LEU B 372 -6.74 -28.81 5.82
N PRO B 373 -6.09 -29.97 5.71
CA PRO B 373 -4.64 -30.04 5.97
C PRO B 373 -3.84 -29.17 5.04
N GLU B 374 -4.45 -28.73 3.96
CA GLU B 374 -3.80 -27.78 3.04
C GLU B 374 -3.69 -26.36 3.56
N PHE B 375 -4.36 -25.99 4.66
CA PHE B 375 -4.17 -24.63 5.17
C PHE B 375 -2.67 -24.33 5.38
N LEU B 376 -2.25 -23.15 4.95
CA LEU B 376 -0.92 -22.63 5.32
C LEU B 376 -1.21 -21.17 5.68
N GLY B 377 -1.42 -20.96 6.97
CA GLY B 377 -1.96 -19.70 7.46
C GLY B 377 -0.92 -18.88 8.17
N GLY B 378 -1.21 -17.62 8.43
CA GLY B 378 -0.29 -16.82 9.19
C GLY B 378 -0.83 -15.43 9.51
N SER B 379 -0.07 -14.71 10.32
CA SER B 379 -0.39 -13.32 10.66
C SER B 379 0.89 -12.53 10.65
N ALA B 380 0.76 -11.25 10.33
CA ALA B 380 1.91 -10.33 10.35
C ALA B 380 2.15 -9.79 11.78
N ASP B 381 2.70 -10.67 12.63
CA ASP B 381 3.01 -10.38 14.04
C ASP B 381 1.77 -10.00 14.88
N LEU B 382 0.60 -10.54 14.53
CA LEU B 382 -0.60 -10.21 15.30
C LEU B 382 -1.41 -11.46 15.65
N ALA B 383 -0.76 -12.60 15.81
CA ALA B 383 -1.53 -13.81 16.14
C ALA B 383 -2.50 -13.64 17.35
N PRO B 384 -2.06 -13.01 18.45
CA PRO B 384 -2.96 -12.89 19.61
C PRO B 384 -4.11 -11.93 19.41
N TYR B 385 -4.07 -11.10 18.37
CA TYR B 385 -5.13 -10.14 18.11
C TYR B 385 -6.01 -10.57 16.93
N ASN B 386 -5.39 -11.08 15.88
CA ASN B 386 -6.12 -11.54 14.70
C ASN B 386 -6.76 -12.89 14.95
N LEU B 387 -6.26 -13.64 15.94
CA LEU B 387 -6.78 -14.96 16.34
C LEU B 387 -6.71 -15.96 15.17
N THR B 388 -5.51 -16.06 14.62
CA THR B 388 -5.18 -16.94 13.48
C THR B 388 -4.68 -18.32 13.88
N LEU B 389 -4.34 -18.53 15.16
CA LEU B 389 -3.90 -19.85 15.63
C LEU B 389 -5.10 -20.70 16.02
N TRP B 390 -5.08 -21.96 15.63
CA TRP B 390 -6.01 -22.93 16.21
C TRP B 390 -5.21 -24.02 16.89
N SER B 391 -5.89 -24.96 17.52
CA SER B 391 -5.16 -25.92 18.34
C SER B 391 -4.19 -26.78 17.53
N GLY B 392 -4.43 -26.92 16.23
CA GLY B 392 -3.59 -27.70 15.35
C GLY B 392 -2.55 -26.89 14.60
N SER B 393 -2.44 -25.58 14.88
CA SER B 393 -1.40 -24.79 14.23
C SER B 393 -0.01 -25.23 14.66
N LYS B 394 0.91 -25.27 13.69
CA LYS B 394 2.30 -25.53 13.99
C LYS B 394 3.16 -24.62 13.10
N ALA B 395 3.96 -23.75 13.73
CA ALA B 395 4.77 -22.82 12.95
C ALA B 395 5.89 -23.49 12.18
N ILE B 396 6.05 -23.10 10.90
CA ILE B 396 7.04 -23.79 10.06
C ILE B 396 8.50 -23.44 10.41
N ASN B 397 8.72 -22.40 11.21
CA ASN B 397 10.09 -22.12 11.69
C ASN B 397 10.42 -23.08 12.83
N GLU B 398 9.39 -23.71 13.42
CA GLU B 398 9.61 -24.74 14.45
C GLU B 398 9.66 -26.16 13.87
N ASP B 399 8.77 -26.45 12.93
CA ASP B 399 8.71 -27.76 12.30
C ASP B 399 8.37 -27.50 10.85
N ALA B 400 9.22 -27.92 9.92
CA ALA B 400 9.02 -27.58 8.53
C ALA B 400 7.77 -28.22 7.93
N ALA B 401 7.22 -29.24 8.59
CA ALA B 401 6.00 -29.88 8.13
C ALA B 401 4.75 -29.22 8.67
N GLY B 402 4.93 -28.06 9.29
CA GLY B 402 3.82 -27.34 9.86
C GLY B 402 2.92 -26.65 8.87
N ASN B 403 2.10 -25.77 9.40
CA ASN B 403 1.00 -25.20 8.63
C ASN B 403 0.75 -23.72 8.94
N TYR B 404 1.70 -23.09 9.62
CA TYR B 404 1.47 -21.74 10.12
C TYR B 404 2.77 -20.97 9.90
N ILE B 405 2.65 -19.72 9.48
CA ILE B 405 3.81 -18.86 9.25
C ILE B 405 3.72 -17.60 10.12
N HIS B 406 4.72 -17.41 10.99
CA HIS B 406 4.93 -16.11 11.64
C HIS B 406 5.59 -15.17 10.65
N TYR B 407 4.80 -14.27 10.06
CA TYR B 407 5.32 -13.43 8.99
C TYR B 407 6.11 -12.23 9.46
N GLY B 408 6.05 -11.91 10.76
CA GLY B 408 6.64 -10.67 11.21
C GLY B 408 5.85 -9.46 10.74
N VAL B 409 6.42 -8.28 10.95
CA VAL B 409 5.69 -7.04 10.66
C VAL B 409 5.95 -6.67 9.20
N ARG B 410 5.27 -7.44 8.33
CA ARG B 410 5.60 -7.48 6.90
C ARG B 410 4.32 -7.70 6.11
N GLU B 411 3.41 -6.74 6.12
CA GLU B 411 2.08 -7.05 5.52
C GLU B 411 2.12 -7.25 4.01
N PHE B 412 2.86 -6.39 3.30
CA PHE B 412 2.94 -6.48 1.85
C PHE B 412 3.63 -7.77 1.45
N GLY B 413 4.80 -8.00 2.05
CA GLY B 413 5.54 -9.24 1.80
C GLY B 413 4.70 -10.47 2.12
N MET B 414 4.00 -10.47 3.25
CA MET B 414 3.12 -11.59 3.61
C MET B 414 2.14 -11.88 2.50
N THR B 415 1.48 -10.84 2.00
CA THR B 415 0.39 -11.09 1.07
C THR B 415 0.93 -11.55 -0.28
N ALA B 416 2.06 -10.99 -0.72
CA ALA B 416 2.62 -11.44 -2.01
C ALA B 416 3.29 -12.84 -1.88
N ILE B 417 3.83 -13.16 -0.69
CA ILE B 417 4.30 -14.52 -0.44
C ILE B 417 3.12 -15.48 -0.55
N ALA B 418 1.98 -15.13 0.07
CA ALA B 418 0.82 -16.00 -0.03
C ALA B 418 0.33 -16.14 -1.45
N ASN B 419 0.46 -15.08 -2.27
CA ASN B 419 0.17 -15.27 -3.69
C ASN B 419 1.07 -16.34 -4.30
N GLY B 420 2.35 -16.33 -3.95
CA GLY B 420 3.23 -17.41 -4.37
C GLY B 420 2.82 -18.81 -3.87
N ILE B 421 2.41 -18.88 -2.62
CA ILE B 421 1.90 -20.15 -2.05
C ILE B 421 0.66 -20.65 -2.80
N SER B 422 -0.28 -19.78 -3.12
CA SER B 422 -1.46 -20.20 -3.86
CA SER B 422 -1.46 -20.16 -3.89
C SER B 422 -1.11 -20.61 -5.31
N LEU B 423 -0.16 -19.91 -5.92
CA LEU B 423 0.23 -20.22 -7.28
C LEU B 423 0.97 -21.54 -7.33
N HIS B 424 1.66 -21.91 -6.28
CA HIS B 424 2.45 -23.14 -6.33
C HIS B 424 1.60 -24.39 -6.47
N GLY B 425 0.47 -24.39 -5.78
CA GLY B 425 -0.32 -25.59 -5.63
C GLY B 425 -0.01 -26.32 -4.36
N GLY B 426 -1.02 -26.97 -3.81
CA GLY B 426 -0.85 -27.83 -2.65
C GLY B 426 -1.35 -27.25 -1.34
N PHE B 427 -1.59 -25.94 -1.34
CA PHE B 427 -2.00 -25.23 -0.14
C PHE B 427 -3.14 -24.31 -0.37
N LEU B 428 -3.77 -23.95 0.74
CA LEU B 428 -4.78 -22.90 0.78
C LEU B 428 -4.28 -21.88 1.81
N PRO B 429 -3.71 -20.77 1.32
CA PRO B 429 -3.13 -19.80 2.27
C PRO B 429 -4.19 -18.88 2.86
N TYR B 430 -3.97 -18.52 4.12
CA TYR B 430 -4.69 -17.38 4.71
C TYR B 430 -3.68 -16.49 5.37
N THR B 431 -3.94 -15.19 5.29
CA THR B 431 -3.04 -14.15 5.81
C THR B 431 -3.85 -13.25 6.70
N SER B 432 -3.19 -12.47 7.55
CA SER B 432 -3.97 -11.66 8.49
C SER B 432 -3.19 -10.46 9.00
N THR B 433 -3.92 -9.37 9.22
CA THR B 433 -3.38 -8.20 9.92
C THR B 433 -4.58 -7.40 10.36
N PHE B 434 -4.35 -6.32 11.10
CA PHE B 434 -5.42 -5.33 11.31
C PHE B 434 -5.87 -4.80 9.96
N LEU B 435 -7.16 -4.52 9.80
CA LEU B 435 -7.65 -4.05 8.52
C LEU B 435 -6.93 -2.79 8.02
N MET B 436 -6.59 -1.87 8.92
CA MET B 436 -5.91 -0.67 8.43
C MET B 436 -4.70 -1.02 7.55
N PHE B 437 -4.00 -2.09 7.91
CA PHE B 437 -2.71 -2.31 7.24
C PHE B 437 -2.86 -3.16 6.00
N VAL B 438 -4.11 -3.44 5.60
CA VAL B 438 -4.34 -3.79 4.20
C VAL B 438 -3.73 -2.68 3.32
N GLU B 439 -3.69 -1.43 3.81
CA GLU B 439 -3.13 -0.37 2.95
C GLU B 439 -1.65 -0.59 2.66
N TYR B 440 -0.89 -1.21 3.56
CA TYR B 440 0.50 -1.54 3.30
C TYR B 440 0.60 -2.62 2.23
N ALA B 441 -0.36 -3.52 2.16
CA ALA B 441 -0.31 -4.68 1.25
C ALA B 441 -1.19 -4.51 0.03
N ARG B 442 -1.67 -3.29 -0.20
CA ARG B 442 -2.80 -3.10 -1.09
C ARG B 442 -2.62 -3.66 -2.52
N ASN B 443 -1.45 -3.48 -3.11
CA ASN B 443 -1.29 -3.95 -4.48
C ASN B 443 -1.15 -5.48 -4.54
N ALA B 444 -0.63 -6.11 -3.48
CA ALA B 444 -0.61 -7.58 -3.48
C ALA B 444 -2.01 -8.20 -3.38
N VAL B 445 -2.90 -7.51 -2.66
CA VAL B 445 -4.29 -7.92 -2.63
C VAL B 445 -4.90 -7.80 -4.05
N ARG B 446 -4.68 -6.64 -4.67
CA ARG B 446 -5.11 -6.48 -6.05
C ARG B 446 -4.55 -7.57 -6.97
N MET B 447 -3.28 -7.91 -6.81
CA MET B 447 -2.67 -8.91 -7.67
C MET B 447 -3.26 -10.31 -7.45
N ALA B 448 -3.64 -10.62 -6.20
CA ALA B 448 -4.37 -11.88 -5.95
C ALA B 448 -5.68 -11.92 -6.72
N ALA B 449 -6.39 -10.78 -6.72
CA ALA B 449 -7.64 -10.73 -7.50
C ALA B 449 -7.43 -10.82 -9.03
N LEU B 450 -6.41 -10.12 -9.53
CA LEU B 450 -6.08 -10.14 -10.95
C LEU B 450 -5.69 -11.53 -11.40
N MET B 451 -4.94 -12.25 -10.54
CA MET B 451 -4.48 -13.60 -10.88
C MET B 451 -5.49 -14.71 -10.56
N LYS B 452 -6.68 -14.33 -10.10
CA LYS B 452 -7.78 -15.25 -9.79
C LYS B 452 -7.35 -16.32 -8.78
N GLN B 453 -6.63 -15.88 -7.74
CA GLN B 453 -6.10 -16.80 -6.73
C GLN B 453 -6.97 -16.91 -5.52
N ARG B 454 -7.11 -18.13 -5.01
CA ARG B 454 -7.72 -18.43 -3.74
C ARG B 454 -6.80 -18.15 -2.58
N GLN B 455 -7.19 -17.18 -1.75
CA GLN B 455 -6.47 -16.80 -0.52
C GLN B 455 -7.52 -16.17 0.37
N VAL B 456 -7.52 -16.52 1.66
CA VAL B 456 -8.45 -15.88 2.59
C VAL B 456 -7.64 -14.85 3.37
N MET B 457 -8.12 -13.61 3.33
CA MET B 457 -7.45 -12.49 3.98
CA MET B 457 -7.44 -12.49 4.01
C MET B 457 -8.26 -12.13 5.21
N VAL B 458 -7.69 -12.34 6.39
CA VAL B 458 -8.39 -12.19 7.66
C VAL B 458 -8.04 -10.81 8.25
N TYR B 459 -8.96 -9.86 8.14
CA TYR B 459 -8.61 -8.49 8.52
C TYR B 459 -9.44 -8.10 9.70
N THR B 460 -8.78 -7.97 10.85
CA THR B 460 -9.57 -7.75 12.07
C THR B 460 -9.46 -6.31 12.56
N HIS B 461 -10.29 -5.98 13.53
CA HIS B 461 -10.27 -4.65 14.16
C HIS B 461 -10.69 -3.62 13.12
N ASP B 462 -11.96 -3.72 12.77
CA ASP B 462 -12.45 -3.17 11.51
C ASP B 462 -13.04 -1.77 11.57
N SER B 463 -13.11 -1.13 12.72
CA SER B 463 -13.78 0.17 12.76
C SER B 463 -13.36 0.95 13.98
N ILE B 464 -14.05 2.05 14.18
CA ILE B 464 -13.92 2.82 15.43
C ILE B 464 -14.26 1.99 16.66
N GLY B 465 -14.91 0.85 16.47
CA GLY B 465 -15.10 -0.06 17.58
C GLY B 465 -13.84 -0.56 18.22
N LEU B 466 -12.67 -0.37 17.60
CA LEU B 466 -11.47 -0.84 18.27
C LEU B 466 -11.06 0.15 19.39
N GLY B 467 -11.61 1.38 19.39
CA GLY B 467 -11.51 2.29 20.52
C GLY B 467 -10.22 3.10 20.65
N GLU B 468 -9.57 3.00 21.81
CA GLU B 468 -8.53 3.94 22.23
C GLU B 468 -7.32 4.07 21.32
N THR B 469 -7.02 3.05 20.52
CA THR B 469 -5.87 3.10 19.67
C THR B 469 -5.91 4.32 18.72
N GLY B 470 -7.11 4.77 18.32
CA GLY B 470 -7.23 6.03 17.60
C GLY B 470 -7.13 5.98 16.09
N PRO B 471 -7.15 7.15 15.45
CA PRO B 471 -7.42 7.22 14.00
C PRO B 471 -6.36 6.64 13.09
N THR B 472 -5.13 6.44 13.55
CA THR B 472 -4.13 5.83 12.66
C THR B 472 -4.47 4.38 12.37
N HIS B 473 -5.24 3.76 13.27
CA HIS B 473 -5.58 2.33 13.14
C HIS B 473 -7.04 2.07 12.88
N GLN B 474 -7.91 3.04 13.12
CA GLN B 474 -9.36 2.83 12.91
C GLN B 474 -9.77 2.92 11.45
N PRO B 475 -10.15 1.79 10.85
CA PRO B 475 -10.54 1.87 9.44
C PRO B 475 -11.77 2.73 9.24
N VAL B 476 -11.80 3.42 8.08
CA VAL B 476 -12.98 4.17 7.70
C VAL B 476 -13.25 3.84 6.23
N GLU B 477 -12.26 4.03 5.36
CA GLU B 477 -12.50 3.94 3.92
C GLU B 477 -11.93 2.66 3.28
N GLN B 478 -11.34 1.79 4.11
CA GLN B 478 -10.65 0.61 3.57
C GLN B 478 -11.58 -0.43 2.99
N VAL B 479 -12.70 -0.68 3.66
CA VAL B 479 -13.64 -1.66 3.11
C VAL B 479 -14.20 -1.21 1.78
N ALA B 480 -14.55 0.05 1.64
CA ALA B 480 -14.99 0.58 0.35
C ALA B 480 -13.96 0.33 -0.74
N SER B 481 -12.70 0.46 -0.41
CA SER B 481 -11.63 0.26 -1.39
C SER B 481 -11.61 -1.17 -1.86
N LEU B 482 -11.77 -2.10 -0.94
CA LEU B 482 -11.85 -3.53 -1.31
C LEU B 482 -13.08 -3.83 -2.14
N ARG B 483 -14.21 -3.21 -1.75
CA ARG B 483 -15.47 -3.49 -2.44
C ARG B 483 -15.47 -3.10 -3.90
N VAL B 484 -14.69 -2.10 -4.26
CA VAL B 484 -14.70 -1.66 -5.67
C VAL B 484 -13.53 -2.31 -6.46
N THR B 485 -12.85 -3.28 -5.87
CA THR B 485 -11.75 -3.96 -6.57
C THR B 485 -12.30 -5.10 -7.42
N PRO B 486 -12.03 -5.11 -8.74
CA PRO B 486 -12.51 -6.22 -9.57
C PRO B 486 -12.04 -7.57 -9.03
N ASN B 487 -12.97 -8.51 -9.06
CA ASN B 487 -12.76 -9.90 -8.62
C ASN B 487 -12.37 -10.08 -7.16
N MET B 488 -12.52 -9.06 -6.33
CA MET B 488 -12.31 -9.26 -4.90
CA MET B 488 -12.32 -9.19 -4.91
C MET B 488 -13.64 -9.63 -4.27
N SER B 489 -13.60 -10.51 -3.27
CA SER B 489 -14.80 -10.78 -2.50
C SER B 489 -14.53 -10.29 -1.11
N THR B 490 -15.47 -9.55 -0.55
CA THR B 490 -15.32 -8.89 0.74
C THR B 490 -16.54 -9.17 1.60
N TRP B 491 -16.31 -9.73 2.79
CA TRP B 491 -17.40 -10.11 3.73
C TRP B 491 -17.23 -9.37 5.01
N ARG B 492 -18.30 -8.74 5.51
CA ARG B 492 -18.29 -8.07 6.80
C ARG B 492 -19.41 -8.69 7.64
N PRO B 493 -19.14 -9.84 8.27
CA PRO B 493 -20.21 -10.62 8.90
C PRO B 493 -20.73 -9.97 10.16
N CYS B 494 -22.03 -10.13 10.42
CA CYS B 494 -22.63 -9.45 11.54
C CYS B 494 -22.68 -10.26 12.82
N ASP B 495 -22.34 -11.54 12.72
CA ASP B 495 -22.38 -12.44 13.90
C ASP B 495 -21.59 -13.69 13.59
N GLN B 496 -21.60 -14.64 14.52
CA GLN B 496 -20.71 -15.81 14.34
C GLN B 496 -21.17 -16.71 13.19
N VAL B 497 -22.46 -16.64 12.86
CA VAL B 497 -23.04 -17.48 11.81
C VAL B 497 -22.62 -16.91 10.43
N GLU B 498 -22.80 -15.58 10.23
CA GLU B 498 -22.32 -15.00 8.98
C GLU B 498 -20.82 -15.17 8.87
N SER B 499 -20.11 -15.17 9.99
CA SER B 499 -18.64 -15.36 9.95
C SER B 499 -18.27 -16.72 9.40
N ALA B 500 -18.99 -17.77 9.87
CA ALA B 500 -18.72 -19.10 9.38
C ALA B 500 -19.10 -19.26 7.91
N VAL B 501 -20.21 -18.64 7.52
CA VAL B 501 -20.62 -18.69 6.13
C VAL B 501 -19.55 -18.03 5.23
N ALA B 502 -19.03 -16.90 5.68
CA ALA B 502 -18.03 -16.16 4.92
C ALA B 502 -16.74 -16.97 4.78
N TRP B 503 -16.36 -17.64 5.88
CA TRP B 503 -15.17 -18.49 5.80
C TRP B 503 -15.39 -19.66 4.83
N LYS B 504 -16.58 -20.29 4.88
CA LYS B 504 -16.87 -21.38 3.93
C LYS B 504 -16.80 -20.88 2.48
N TYR B 505 -17.41 -19.71 2.26
CA TYR B 505 -17.36 -19.10 0.93
C TYR B 505 -15.92 -18.87 0.46
N GLY B 506 -15.08 -18.36 1.35
CA GLY B 506 -13.69 -18.05 1.02
C GLY B 506 -12.89 -19.29 0.67
N VAL B 507 -13.00 -20.35 1.47
CA VAL B 507 -12.20 -21.52 1.15
C VAL B 507 -12.72 -22.27 -0.06
N GLU B 508 -14.00 -22.13 -0.37
CA GLU B 508 -14.55 -22.80 -1.56
C GLU B 508 -14.43 -21.94 -2.83
N ARG B 509 -13.98 -20.68 -2.70
CA ARG B 509 -13.85 -19.79 -3.85
C ARG B 509 -12.55 -20.07 -4.59
N GLN B 510 -12.66 -20.67 -5.76
CA GLN B 510 -11.48 -21.17 -6.46
C GLN B 510 -10.82 -20.15 -7.36
N ASP B 511 -11.54 -19.08 -7.68
CA ASP B 511 -11.14 -18.18 -8.76
C ASP B 511 -10.94 -16.74 -8.29
N GLY B 512 -10.66 -16.55 -7.01
CA GLY B 512 -10.28 -15.25 -6.52
C GLY B 512 -10.27 -15.26 -5.02
N PRO B 513 -9.75 -14.18 -4.44
CA PRO B 513 -9.53 -14.10 -3.01
C PRO B 513 -10.75 -13.59 -2.25
N THR B 514 -10.69 -13.79 -0.95
CA THR B 514 -11.82 -13.42 -0.09
CA THR B 514 -11.80 -13.40 -0.09
C THR B 514 -11.31 -12.72 1.16
N ALA B 515 -11.74 -11.49 1.38
CA ALA B 515 -11.35 -10.74 2.57
C ALA B 515 -12.46 -10.78 3.59
N LEU B 516 -12.09 -11.09 4.81
CA LEU B 516 -13.01 -11.09 5.93
C LEU B 516 -12.76 -9.88 6.80
N ILE B 517 -13.81 -9.11 7.03
CA ILE B 517 -13.75 -7.87 7.78
C ILE B 517 -14.36 -8.11 9.15
N LEU B 518 -13.50 -8.18 10.16
CA LEU B 518 -13.87 -8.77 11.45
C LEU B 518 -13.72 -7.78 12.59
N SER B 519 -14.65 -7.88 13.53
CA SER B 519 -14.69 -6.91 14.66
C SER B 519 -13.76 -7.25 15.80
N GLN B 520 -13.35 -6.21 16.51
CA GLN B 520 -12.69 -6.35 17.78
C GLN B 520 -13.67 -6.85 18.82
N GLN B 521 -14.88 -6.29 18.77
CA GLN B 521 -15.88 -6.40 19.86
C GLN B 521 -16.98 -7.39 19.60
N ASN B 522 -17.66 -7.79 20.67
CA ASN B 522 -18.70 -8.82 20.55
C ASN B 522 -19.90 -8.37 19.73
N LEU B 523 -20.38 -9.27 18.87
CA LEU B 523 -21.52 -9.02 18.00
C LEU B 523 -22.72 -9.92 18.35
N ALA B 524 -23.91 -9.33 18.41
CA ALA B 524 -25.14 -10.08 18.68
C ALA B 524 -25.49 -11.04 17.58
N GLN B 525 -25.86 -12.25 17.98
CA GLN B 525 -26.38 -13.19 16.98
C GLN B 525 -27.82 -12.85 16.61
N GLN B 526 -28.12 -12.90 15.31
CA GLN B 526 -29.47 -12.64 14.82
C GLN B 526 -30.24 -13.95 14.60
N GLU B 527 -31.55 -13.88 14.77
CA GLU B 527 -32.42 -15.02 14.50
CA GLU B 527 -32.43 -15.01 14.50
C GLU B 527 -32.60 -15.20 13.00
N ARG B 528 -32.58 -16.46 12.55
CA ARG B 528 -32.77 -16.77 11.13
C ARG B 528 -33.60 -18.03 10.96
N THR B 529 -34.51 -17.96 10.02
CA THR B 529 -35.16 -19.17 9.50
C THR B 529 -34.18 -20.00 8.66
N GLU B 530 -34.56 -21.22 8.28
CA GLU B 530 -33.70 -22.03 7.41
C GLU B 530 -33.40 -21.29 6.09
N GLU B 531 -34.43 -20.67 5.54
CA GLU B 531 -34.28 -19.90 4.33
C GLU B 531 -33.30 -18.73 4.50
N GLN B 532 -33.44 -18.00 5.59
CA GLN B 532 -32.52 -16.87 5.82
C GLN B 532 -31.09 -17.34 6.02
N LEU B 533 -30.96 -18.43 6.77
CA LEU B 533 -29.63 -19.03 6.95
C LEU B 533 -28.97 -19.35 5.60
N ALA B 534 -29.76 -19.93 4.67
CA ALA B 534 -29.21 -20.25 3.37
C ALA B 534 -28.93 -18.99 2.56
N ASN B 535 -29.69 -17.92 2.83
CA ASN B 535 -29.51 -16.68 2.06
C ASN B 535 -28.33 -15.84 2.47
N ILE B 536 -27.71 -16.14 3.63
CA ILE B 536 -26.48 -15.39 3.93
C ILE B 536 -25.47 -15.43 2.78
N ALA B 537 -25.31 -16.60 2.17
CA ALA B 537 -24.31 -16.76 1.11
C ALA B 537 -24.65 -15.99 -0.16
N ARG B 538 -25.88 -15.48 -0.28
CA ARG B 538 -26.25 -14.61 -1.41
C ARG B 538 -25.82 -13.18 -1.20
N GLY B 539 -25.14 -12.91 -0.09
CA GLY B 539 -24.45 -11.63 0.06
C GLY B 539 -25.26 -10.52 0.70
N GLY B 540 -26.52 -10.46 0.34
CA GLY B 540 -27.45 -9.48 0.89
C GLY B 540 -28.78 -10.22 0.99
N TYR B 541 -29.48 -10.07 2.10
CA TYR B 541 -30.74 -10.80 2.28
C TYR B 541 -31.61 -10.07 3.27
N VAL B 542 -32.91 -10.38 3.22
CA VAL B 542 -33.88 -9.79 4.15
C VAL B 542 -33.78 -10.51 5.50
N LEU B 543 -33.45 -9.75 6.53
CA LEU B 543 -33.27 -10.25 7.88
C LEU B 543 -34.52 -9.98 8.72
N LYS B 544 -35.11 -8.79 8.55
CA LYS B 544 -36.37 -8.44 9.27
C LYS B 544 -37.31 -7.86 8.23
N ASP B 545 -38.62 -8.13 8.34
CA ASP B 545 -39.53 -7.66 7.30
C ASP B 545 -40.83 -7.21 7.88
N CYS B 546 -41.67 -6.71 6.99
CA CYS B 546 -43.03 -6.28 7.31
C CYS B 546 -43.97 -6.86 6.27
N ALA B 547 -45.27 -6.75 6.54
CA ALA B 547 -46.27 -7.13 5.56
C ALA B 547 -46.48 -5.94 4.63
N GLY B 548 -46.53 -6.23 3.34
CA GLY B 548 -46.70 -5.19 2.33
C GLY B 548 -45.40 -4.46 2.05
N GLN B 549 -45.52 -3.41 1.24
CA GLN B 549 -44.34 -2.60 0.87
C GLN B 549 -43.78 -1.83 2.06
N PRO B 550 -42.46 -2.03 2.37
CA PRO B 550 -41.89 -1.25 3.46
C PRO B 550 -41.88 0.25 3.17
N GLU B 551 -42.13 1.04 4.22
CA GLU B 551 -41.91 2.48 4.20
C GLU B 551 -40.43 2.83 4.32
N LEU B 552 -39.62 1.92 4.87
CA LEU B 552 -38.21 2.15 5.18
C LEU B 552 -37.50 0.82 5.00
N ILE B 553 -36.36 0.83 4.31
CA ILE B 553 -35.46 -0.32 4.32
C ILE B 553 -34.13 0.11 4.92
N PHE B 554 -33.72 -0.54 6.00
CA PHE B 554 -32.37 -0.39 6.54
C PHE B 554 -31.45 -1.37 5.88
N ILE B 555 -30.27 -0.91 5.48
CA ILE B 555 -29.25 -1.80 4.92
C ILE B 555 -28.06 -1.69 5.84
N ALA B 556 -27.62 -2.81 6.40
CA ALA B 556 -26.56 -2.72 7.41
C ALA B 556 -25.61 -3.88 7.22
N THR B 557 -24.41 -3.69 7.76
CA THR B 557 -23.37 -4.71 7.69
C THR B 557 -22.68 -4.86 9.04
N GLY B 558 -22.04 -6.03 9.25
CA GLY B 558 -21.14 -6.21 10.38
C GLY B 558 -21.75 -5.78 11.71
N SER B 559 -20.92 -5.07 12.49
CA SER B 559 -21.33 -4.66 13.84
C SER B 559 -22.55 -3.72 13.86
N GLU B 560 -22.96 -3.17 12.71
CA GLU B 560 -24.09 -2.23 12.72
C GLU B 560 -25.41 -2.92 12.47
N VAL B 561 -25.40 -4.22 12.15
CA VAL B 561 -26.72 -4.87 12.01
C VAL B 561 -27.54 -4.82 13.32
N GLU B 562 -26.87 -5.01 14.46
CA GLU B 562 -27.55 -4.94 15.73
C GLU B 562 -28.24 -3.58 15.92
N LEU B 563 -27.54 -2.51 15.55
CA LEU B 563 -28.09 -1.15 15.66
C LEU B 563 -29.31 -1.00 14.72
N ALA B 564 -29.19 -1.54 13.51
CA ALA B 564 -30.27 -1.37 12.56
C ALA B 564 -31.49 -2.14 13.01
N VAL B 565 -31.24 -3.31 13.64
CA VAL B 565 -32.36 -4.12 14.08
C VAL B 565 -33.06 -3.39 15.24
N ALA B 566 -32.27 -2.72 16.10
CA ALA B 566 -32.88 -2.00 17.21
C ALA B 566 -33.75 -0.87 16.68
N ALA B 567 -33.30 -0.23 15.61
CA ALA B 567 -34.07 0.87 15.06
C ALA B 567 -35.34 0.35 14.40
N TYR B 568 -35.21 -0.79 13.72
CA TYR B 568 -36.34 -1.43 13.12
C TYR B 568 -37.36 -1.76 14.20
N GLU B 569 -36.89 -2.21 15.37
CA GLU B 569 -37.89 -2.62 16.37
CA GLU B 569 -37.87 -2.63 16.39
C GLU B 569 -38.62 -1.39 16.90
N LYS B 570 -37.89 -0.30 17.08
CA LYS B 570 -38.50 0.91 17.60
C LYS B 570 -39.57 1.37 16.64
N LEU B 571 -39.23 1.31 15.35
CA LEU B 571 -40.11 1.91 14.36
C LEU B 571 -41.30 1.01 14.21
N THR B 572 -41.07 -0.29 14.34
CA THR B 572 -42.15 -1.24 14.13
C THR B 572 -43.14 -1.04 15.26
N ALA B 573 -42.62 -0.73 16.45
CA ALA B 573 -43.53 -0.61 17.61
C ALA B 573 -44.38 0.64 17.46
N GLU B 574 -43.94 1.59 16.62
CA GLU B 574 -44.67 2.83 16.41
C GLU B 574 -45.64 2.68 15.24
N GLY B 575 -45.65 1.51 14.61
CA GLY B 575 -46.55 1.25 13.50
C GLY B 575 -45.97 1.51 12.12
N VAL B 576 -44.69 1.84 12.07
CA VAL B 576 -44.03 2.00 10.80
C VAL B 576 -43.69 0.65 10.16
N LYS B 577 -43.91 0.54 8.86
CA LYS B 577 -43.59 -0.65 8.08
C LYS B 577 -42.14 -0.61 7.65
N ALA B 578 -41.29 -1.43 8.26
CA ALA B 578 -39.87 -1.37 7.96
C ALA B 578 -39.30 -2.74 7.66
N ARG B 579 -38.11 -2.74 7.03
CA ARG B 579 -37.38 -3.95 6.67
C ARG B 579 -35.93 -3.74 7.02
N VAL B 580 -35.25 -4.82 7.43
CA VAL B 580 -33.79 -4.80 7.59
C VAL B 580 -33.17 -5.78 6.65
N VAL B 581 -32.25 -5.28 5.83
CA VAL B 581 -31.40 -6.09 4.94
C VAL B 581 -29.99 -6.17 5.54
N SER B 582 -29.51 -7.38 5.78
CA SER B 582 -28.12 -7.58 6.12
C SER B 582 -27.34 -7.78 4.84
N MET B 583 -26.25 -7.03 4.68
CA MET B 583 -25.45 -7.04 3.45
CA MET B 583 -25.45 -7.14 3.45
C MET B 583 -24.00 -7.46 3.78
N PRO B 584 -23.77 -8.71 4.17
CA PRO B 584 -22.38 -9.07 4.52
C PRO B 584 -21.45 -9.02 3.33
N SER B 585 -21.94 -9.23 2.09
CA SER B 585 -21.05 -9.09 0.95
C SER B 585 -21.74 -8.44 -0.21
N THR B 586 -21.31 -7.22 -0.50
CA THR B 586 -21.83 -6.50 -1.65
C THR B 586 -21.49 -7.19 -2.97
N ASP B 587 -20.29 -7.77 -3.05
CA ASP B 587 -19.92 -8.40 -4.31
C ASP B 587 -20.74 -9.64 -4.55
N ALA B 588 -21.02 -10.44 -3.51
CA ALA B 588 -21.84 -11.62 -3.75
C ALA B 588 -23.26 -11.18 -4.06
N PHE B 589 -23.77 -10.14 -3.37
CA PHE B 589 -25.13 -9.65 -3.68
C PHE B 589 -25.23 -9.20 -5.15
N ASP B 590 -24.23 -8.47 -5.61
CA ASP B 590 -24.26 -7.93 -6.98
C ASP B 590 -24.26 -9.06 -8.01
N LYS B 591 -23.71 -10.23 -7.64
CA LYS B 591 -23.65 -11.37 -8.56
C LYS B 591 -24.94 -12.15 -8.60
N GLN B 592 -25.89 -11.83 -7.71
CA GLN B 592 -27.18 -12.50 -7.77
C GLN B 592 -28.02 -11.95 -8.92
N ASP B 593 -28.97 -12.73 -9.40
CA ASP B 593 -29.72 -12.23 -10.56
C ASP B 593 -30.69 -11.11 -10.18
N ALA B 594 -31.19 -10.45 -11.22
CA ALA B 594 -32.00 -9.25 -11.03
C ALA B 594 -33.24 -9.52 -10.21
N ALA B 595 -33.85 -10.67 -10.38
CA ALA B 595 -35.04 -10.97 -9.61
C ALA B 595 -34.76 -11.07 -8.11
N TYR B 596 -33.65 -11.71 -7.75
CA TYR B 596 -33.34 -11.81 -6.33
C TYR B 596 -33.01 -10.41 -5.75
N ARG B 597 -32.20 -9.65 -6.48
CA ARG B 597 -31.83 -8.32 -5.97
C ARG B 597 -33.06 -7.45 -5.81
N GLU B 598 -34.00 -7.53 -6.75
CA GLU B 598 -35.28 -6.80 -6.62
C GLU B 598 -36.05 -7.27 -5.41
N SER B 599 -36.04 -8.58 -5.12
CA SER B 599 -36.76 -9.04 -3.93
C SER B 599 -36.22 -8.48 -2.63
N VAL B 600 -34.91 -8.20 -2.59
CA VAL B 600 -34.28 -7.68 -1.36
C VAL B 600 -34.34 -6.14 -1.27
N LEU B 601 -34.00 -5.49 -2.37
CA LEU B 601 -34.03 -4.01 -2.49
C LEU B 601 -34.99 -3.60 -3.63
N PRO B 602 -36.29 -3.61 -3.35
CA PRO B 602 -37.27 -3.33 -4.41
C PRO B 602 -37.15 -1.93 -4.95
N LYS B 603 -37.22 -1.79 -6.27
CA LYS B 603 -37.03 -0.49 -6.91
C LYS B 603 -38.12 0.50 -6.47
N ALA B 604 -39.28 0.01 -6.04
CA ALA B 604 -40.34 0.90 -5.55
C ALA B 604 -39.99 1.64 -4.28
N VAL B 605 -39.02 1.13 -3.53
CA VAL B 605 -38.75 1.70 -2.21
C VAL B 605 -37.52 2.56 -2.30
N THR B 606 -37.70 3.87 -2.22
CA THR B 606 -36.58 4.79 -2.27
C THR B 606 -36.07 5.19 -0.88
N ALA B 607 -36.88 4.97 0.16
CA ALA B 607 -36.51 5.39 1.50
C ALA B 607 -35.63 4.33 2.17
N ARG B 608 -34.36 4.41 1.81
CA ARG B 608 -33.35 3.43 2.19
C ARG B 608 -32.35 4.09 3.12
N VAL B 609 -32.03 3.39 4.21
CA VAL B 609 -31.09 3.96 5.22
C VAL B 609 -29.93 2.99 5.40
N ALA B 610 -28.70 3.37 4.98
CA ALA B 610 -27.54 2.51 5.18
C ALA B 610 -26.97 2.80 6.53
N VAL B 611 -26.51 1.77 7.21
CA VAL B 611 -25.87 1.94 8.52
C VAL B 611 -24.58 1.11 8.53
N GLU B 612 -23.44 1.81 8.61
CA GLU B 612 -22.15 1.14 8.65
C GLU B 612 -21.11 2.10 9.17
N ALA B 613 -20.27 1.61 10.08
CA ALA B 613 -19.20 2.44 10.64
C ALA B 613 -18.04 2.45 9.66
N GLY B 614 -18.31 2.98 8.47
CA GLY B 614 -17.32 3.12 7.41
C GLY B 614 -17.73 4.30 6.54
N ILE B 615 -16.90 4.62 5.55
CA ILE B 615 -17.10 5.83 4.79
C ILE B 615 -18.47 5.83 4.11
N ALA B 616 -19.17 6.94 4.26
CA ALA B 616 -20.54 7.01 3.85
C ALA B 616 -20.72 6.97 2.33
N ASP B 617 -19.81 7.61 1.58
CA ASP B 617 -20.01 7.81 0.13
C ASP B 617 -20.22 6.50 -0.64
N TYR B 618 -19.59 5.44 -0.17
CA TYR B 618 -19.79 4.14 -0.81
C TYR B 618 -21.30 3.79 -1.02
N TRP B 619 -22.09 4.12 0.00
CA TRP B 619 -23.44 3.56 0.10
C TRP B 619 -24.44 4.19 -0.83
N TYR B 620 -24.04 5.28 -1.54
CA TYR B 620 -24.97 5.76 -2.57
C TYR B 620 -25.31 4.68 -3.58
N LYS B 621 -24.43 3.67 -3.73
CA LYS B 621 -24.74 2.61 -4.68
C LYS B 621 -26.06 1.89 -4.36
N TYR B 622 -26.36 1.75 -3.07
CA TYR B 622 -27.56 0.99 -2.69
C TYR B 622 -28.65 1.87 -2.13
N VAL B 623 -28.33 3.07 -1.66
CA VAL B 623 -29.43 3.91 -1.17
CA VAL B 623 -29.34 3.98 -1.13
C VAL B 623 -29.91 4.97 -2.15
N GLY B 624 -29.14 5.28 -3.19
CA GLY B 624 -29.58 6.28 -4.14
C GLY B 624 -29.54 7.68 -3.52
N LEU B 625 -30.18 8.64 -4.20
CA LEU B 625 -30.13 10.04 -3.82
C LEU B 625 -31.29 10.50 -2.94
N ASN B 626 -32.18 9.58 -2.58
CA ASN B 626 -33.36 9.93 -1.80
C ASN B 626 -33.49 9.15 -0.52
N GLY B 627 -32.35 8.77 0.03
CA GLY B 627 -32.35 8.01 1.27
C GLY B 627 -31.51 8.69 2.34
N ALA B 628 -30.89 7.86 3.19
CA ALA B 628 -30.01 8.39 4.23
C ALA B 628 -28.85 7.41 4.44
N ILE B 629 -27.74 7.95 4.90
CA ILE B 629 -26.58 7.13 5.22
C ILE B 629 -26.10 7.54 6.60
N VAL B 630 -26.07 6.56 7.49
CA VAL B 630 -25.50 6.74 8.82
C VAL B 630 -24.14 6.07 8.74
N GLY B 631 -23.11 6.86 8.48
CA GLY B 631 -21.77 6.36 8.24
C GLY B 631 -20.76 7.31 8.79
N MET B 632 -19.51 7.06 8.42
CA MET B 632 -18.41 7.96 8.78
CA MET B 632 -18.43 7.97 8.75
C MET B 632 -18.11 8.91 7.62
N THR B 633 -17.73 10.15 7.95
CA THR B 633 -17.30 11.10 6.91
C THR B 633 -15.93 11.69 7.24
N THR B 634 -15.32 11.20 8.32
CA THR B 634 -14.08 11.75 8.87
C THR B 634 -13.18 10.60 9.28
N PHE B 635 -11.94 10.91 9.65
CA PHE B 635 -11.13 9.99 10.44
C PHE B 635 -11.72 9.76 11.83
N GLY B 636 -11.23 8.72 12.50
CA GLY B 636 -11.69 8.44 13.85
C GLY B 636 -11.03 9.31 14.90
N GLU B 637 -11.08 8.85 16.14
CA GLU B 637 -10.55 9.58 17.32
C GLU B 637 -10.15 8.58 18.37
N SER B 638 -9.20 8.96 19.21
CA SER B 638 -8.77 8.11 20.33
C SER B 638 -9.67 8.28 21.53
N ALA B 639 -10.47 7.25 21.83
CA ALA B 639 -11.37 7.26 22.99
C ALA B 639 -11.93 5.88 23.15
N PRO B 640 -12.52 5.58 24.32
CA PRO B 640 -13.28 4.35 24.47
C PRO B 640 -14.31 4.18 23.35
N ALA B 641 -14.43 2.96 22.83
CA ALA B 641 -15.27 2.71 21.66
C ALA B 641 -16.72 3.11 21.89
N GLU B 642 -17.25 2.90 23.10
CA GLU B 642 -18.68 3.25 23.27
C GLU B 642 -18.94 4.76 23.10
N LEU B 643 -17.97 5.58 23.53
CA LEU B 643 -18.08 7.01 23.35
C LEU B 643 -17.92 7.38 21.89
N LEU B 644 -17.07 6.66 21.15
CA LEU B 644 -16.92 6.94 19.72
C LEU B 644 -18.19 6.59 18.97
N PHE B 645 -18.80 5.45 19.27
CA PHE B 645 -20.05 5.16 18.56
C PHE B 645 -21.09 6.24 18.86
N GLU B 646 -21.20 6.69 20.11
CA GLU B 646 -22.14 7.79 20.38
C GLU B 646 -21.79 9.07 19.62
N GLU B 647 -20.52 9.47 19.73
CA GLU B 647 -20.06 10.70 19.09
C GLU B 647 -20.28 10.76 17.59
N PHE B 648 -20.14 9.62 16.93
CA PHE B 648 -20.24 9.58 15.47
C PHE B 648 -21.62 9.21 14.98
N GLY B 649 -22.59 9.10 15.89
CA GLY B 649 -23.98 8.93 15.47
C GLY B 649 -24.51 7.51 15.38
N PHE B 650 -23.75 6.53 15.84
CA PHE B 650 -24.19 5.13 15.79
C PHE B 650 -24.98 4.81 17.06
N THR B 651 -26.15 5.44 17.15
CA THR B 651 -27.06 5.30 18.28
C THR B 651 -28.45 5.04 17.72
N VAL B 652 -29.27 4.34 18.50
CA VAL B 652 -30.62 4.08 18.08
C VAL B 652 -31.36 5.39 17.84
N ASP B 653 -31.20 6.39 18.71
CA ASP B 653 -31.95 7.61 18.53
C ASP B 653 -31.56 8.30 17.21
N ASN B 654 -30.27 8.31 16.88
CA ASN B 654 -29.87 9.00 15.65
C ASN B 654 -30.34 8.26 14.39
N VAL B 655 -30.24 6.93 14.42
CA VAL B 655 -30.66 6.15 13.27
C VAL B 655 -32.16 6.28 13.06
N VAL B 656 -32.91 6.22 14.15
CA VAL B 656 -34.37 6.42 14.03
C VAL B 656 -34.70 7.83 13.54
N ALA B 657 -34.00 8.85 14.05
CA ALA B 657 -34.27 10.23 13.60
C ALA B 657 -34.00 10.40 12.10
N LYS B 658 -32.84 9.89 11.64
CA LYS B 658 -32.48 9.98 10.22
C LYS B 658 -33.48 9.20 9.36
N ALA B 659 -33.94 8.04 9.82
CA ALA B 659 -34.98 7.33 9.09
C ALA B 659 -36.29 8.11 9.02
N LYS B 660 -36.69 8.71 10.13
CA LYS B 660 -37.97 9.39 10.16
C LYS B 660 -37.96 10.62 9.23
N GLU B 661 -36.77 11.17 8.96
CA GLU B 661 -36.71 12.27 7.96
C GLU B 661 -37.17 11.86 6.55
N LEU B 662 -37.22 10.56 6.28
CA LEU B 662 -37.61 10.04 4.98
C LEU B 662 -39.08 9.71 4.91
N LEU B 663 -39.71 9.72 6.08
CA LEU B 663 -41.13 9.52 6.21
C LEU B 663 -41.66 10.92 6.15
N HIS B 664 -40.81 11.87 6.56
CA HIS B 664 -41.15 13.29 6.54
C HIS B 664 -40.85 13.99 5.19
N HIS B 665 -39.91 13.44 4.42
CA HIS B 665 -39.43 14.08 3.18
C HIS B 665 -40.10 13.47 1.96
N HIS B 666 -40.09 12.15 1.88
CA HIS B 666 -40.80 11.44 0.82
C HIS B 666 -42.30 11.73 0.90
N HIS B 667 -42.75 12.15 2.08
CA HIS B 667 -44.11 12.66 2.26
C HIS B 667 -44.24 14.10 1.76
N HIS B 668 -43.47 14.99 2.38
CA HIS B 668 -43.48 16.41 2.01
C HIS B 668 -42.32 16.72 1.06
C1 EDO C . -16.73 -3.67 -8.29
O1 EDO C . -18.16 -3.74 -8.19
C2 EDO C . -16.29 -4.33 -9.59
O2 EDO C . -16.94 -3.61 -10.66
CA CA D . 10.57 -5.10 19.99
N1' TPP E . 1.60 -3.00 11.21
C2' TPP E . 1.88 -1.69 11.13
CM2 TPP E . 2.29 -1.14 9.81
N3' TPP E . 1.75 -0.88 12.16
C4' TPP E . 1.33 -1.36 13.35
N4' TPP E . 1.24 -0.46 14.36
C5' TPP E . 1.03 -2.79 13.50
C6' TPP E . 1.18 -3.55 12.38
C7' TPP E . 0.55 -3.44 14.82
N3 TPP E . 1.64 -3.42 15.76
C2 TPP E . 1.78 -2.41 16.67
S1 TPP E . 3.22 -2.65 17.59
C5 TPP E . 3.62 -4.12 16.76
C4 TPP E . 2.62 -4.35 15.78
CM4 TPP E . 2.71 -5.57 14.94
C6 TPP E . 4.82 -4.93 17.05
C7 TPP E . 5.58 -4.26 18.14
O7 TPP E . 6.87 -4.71 17.85
PA TPP E . 7.98 -3.64 18.23
O1A TPP E . 9.17 -4.51 18.30
O2A TPP E . 8.01 -2.51 17.30
O3A TPP E . 7.37 -3.24 19.65
PB TPP E . 7.94 -3.14 21.15
O1B TPP E . 9.21 -3.91 21.36
O2B TPP E . 8.27 -1.66 21.19
O3B TPP E . 6.80 -3.24 22.11
C1 EDO F . 18.56 17.83 -12.51
O1 EDO F . 19.66 18.08 -11.60
C2 EDO F . 17.91 16.46 -12.26
O2 EDO F . 18.86 15.38 -12.28
C1 EDO G . -12.16 7.63 -25.39
O1 EDO G . -12.44 8.85 -26.10
C2 EDO G . -12.24 7.96 -23.89
O2 EDO G . -11.08 8.74 -23.52
C1 EDO H . 17.01 22.65 25.97
O1 EDO H . 17.71 22.33 24.75
C2 EDO H . 17.35 21.67 27.11
O2 EDO H . 18.76 21.68 27.33
C1 EDO I . 11.88 31.75 11.52
O1 EDO I . 11.02 31.57 12.65
C2 EDO I . 12.41 33.18 11.48
O2 EDO I . 11.32 34.05 11.19
C1 EDO J . 16.93 32.32 -0.35
O1 EDO J . 16.78 32.98 -1.62
C2 EDO J . 17.92 31.16 -0.47
O2 EDO J . 17.38 30.15 -1.34
C1 EDO K . 11.10 17.75 20.01
O1 EDO K . 10.91 17.36 18.64
C2 EDO K . 12.40 18.53 20.16
O2 EDO K . 12.19 19.76 19.50
C1 EDO L . -8.43 13.35 35.20
O1 EDO L . -9.75 13.79 34.88
C2 EDO L . -8.39 12.14 36.14
O2 EDO L . -9.65 11.48 36.33
C1 EDO M . 11.30 21.70 -7.83
O1 EDO M . 11.73 23.00 -8.24
C2 EDO M . 12.12 20.71 -8.65
O2 EDO M . 11.57 20.51 -9.86
C1 EDO N . 4.99 19.79 12.19
O1 EDO N . 5.49 21.07 11.83
C2 EDO N . 5.83 19.24 13.32
O2 EDO N . 7.05 18.66 12.85
C1 EDO O . -6.76 22.50 -28.64
O1 EDO O . -7.28 21.18 -28.46
C2 EDO O . -5.57 22.60 -29.60
O2 EDO O . -6.04 22.21 -30.90
C1 EDO P . 14.00 -10.88 25.80
O1 EDO P . 13.40 -11.66 26.84
C2 EDO P . 15.24 -10.18 26.34
O2 EDO P . 14.94 -9.34 27.47
C1 EDO Q . 24.58 12.93 -2.10
O1 EDO Q . 23.95 14.04 -1.44
C2 EDO Q . 25.88 12.62 -1.36
O2 EDO Q . 26.69 13.79 -1.18
C1 EDO R . -10.44 29.52 -11.49
O1 EDO R . -10.92 28.26 -11.99
C2 EDO R . -9.13 29.86 -12.18
O2 EDO R . -8.14 29.53 -11.20
C1 EDO S . 4.80 20.98 18.02
O1 EDO S . 3.69 21.60 18.72
C2 EDO S . 5.18 21.72 16.74
O2 EDO S . 4.78 20.93 15.61
C1 EDO T . 23.82 -17.22 -37.11
O1 EDO T . 23.91 -15.83 -37.50
C2 EDO T . 23.31 -17.30 -35.69
O2 EDO T . 24.34 -16.73 -34.90
C1 EDO U . -19.04 -19.32 -3.91
O1 EDO U . -19.17 -20.48 -4.74
C2 EDO U . -17.57 -19.19 -3.50
O2 EDO U . -17.27 -20.25 -2.58
C1 EDO V . -26.51 -19.15 -6.25
O1 EDO V . -26.28 -18.59 -4.95
C2 EDO V . -27.62 -18.34 -6.91
O2 EDO V . -27.09 -17.03 -7.18
C1 EDO W . -17.14 -17.38 -6.84
O1 EDO W . -16.14 -16.53 -7.49
C2 EDO W . -18.49 -17.33 -7.55
O2 EDO W . -18.85 -15.98 -7.93
C1 EDO X . -3.21 -23.61 9.38
O1 EDO X . -3.56 -24.86 9.98
C2 EDO X . -2.43 -22.92 10.50
O2 EDO X . -3.25 -22.46 11.50
C1 EDO Y . 1.68 -22.67 -16.52
O1 EDO Y . 0.72 -22.95 -17.57
C2 EDO Y . 1.38 -23.36 -15.18
O2 EDO Y . 1.11 -22.36 -14.18
C1 EDO Z . -22.99 0.82 17.72
O1 EDO Z . -24.10 0.03 18.18
C2 EDO Z . -22.69 0.40 16.28
O2 EDO Z . -21.94 -0.82 16.30
C1 EDO AA . 13.75 -21.93 10.26
O1 EDO AA . 12.89 -22.58 9.31
C2 EDO AA . 15.16 -22.31 9.84
O2 EDO AA . 15.46 -23.70 10.13
C1 EDO BA . -15.68 -1.73 8.39
O1 EDO BA . -14.27 -1.54 8.25
C2 EDO BA . -16.22 -0.34 8.15
O2 EDO BA . -15.07 0.45 8.44
C1 EDO CA . 0.21 -36.42 -8.73
O1 EDO CA . -1.17 -36.74 -8.96
C2 EDO CA . 0.36 -34.91 -8.76
O2 EDO CA . 0.16 -34.43 -10.09
N1' TPP DA . 7.03 1.00 -9.48
C2' TPP DA . 6.60 -0.29 -9.42
CM2 TPP DA . 6.22 -0.83 -8.08
N3' TPP DA . 6.57 -1.09 -10.48
C4' TPP DA . 6.90 -0.60 -11.69
N4' TPP DA . 6.80 -1.40 -12.76
C5' TPP DA . 7.33 0.80 -11.82
C6' TPP DA . 7.37 1.57 -10.66
C7' TPP DA . 7.72 1.41 -13.18
N3 TPP DA . 8.99 0.81 -13.61
C2 TPP DA . 9.12 -0.31 -14.42
S1 TPP DA . 10.78 -0.79 -14.61
C5 TPP DA . 11.31 0.55 -13.63
C4 TPP DA . 10.18 1.28 -13.15
CM4 TPP DA . 10.36 2.47 -12.23
C6 TPP DA . 12.75 0.78 -13.36
C7 TPP DA . 13.49 -0.10 -14.27
O7 TPP DA . 14.48 -0.50 -13.39
PA TPP DA . 15.09 -1.97 -13.43
O1A TPP DA . 16.49 -1.73 -12.96
O2A TPP DA . 14.28 -2.92 -12.63
O3A TPP DA . 14.96 -2.16 -15.00
PB TPP DA . 15.95 -2.63 -16.17
O1B TPP DA . 17.38 -2.48 -15.83
O2B TPP DA . 15.53 -4.06 -16.31
O3B TPP DA . 15.44 -1.97 -17.42
CA CA EA . 18.53 -1.90 -13.93
C1 EDO FA . 9.72 -32.25 9.36
O1 EDO FA . 9.00 -32.62 10.54
C2 EDO FA . 9.83 -33.48 8.47
O2 EDO FA . 10.11 -34.63 9.28
C1 EDO GA . 23.20 -0.58 -7.13
O1 EDO GA . 24.13 -1.10 -8.10
C2 EDO GA . 23.30 -1.39 -5.84
O2 EDO GA . 23.14 -2.82 -6.03
C1 EDO HA . -10.65 -1.08 28.88
O1 EDO HA . -11.59 -0.50 29.80
C2 EDO HA . -10.33 -0.07 27.81
O2 EDO HA . -11.53 0.47 27.25
C1 EDO IA . 0.95 -5.18 -35.78
O1 EDO IA . 1.99 -5.70 -36.63
C2 EDO IA . 1.42 -5.30 -34.33
O2 EDO IA . 1.52 -6.68 -34.07
C1 EDO JA . 2.52 -22.67 16.86
O1 EDO JA . 3.77 -23.34 16.57
C2 EDO JA . 2.65 -21.16 16.71
O2 EDO JA . 3.94 -20.70 17.14
C1 EDO KA . 8.95 -22.75 -15.58
O1 EDO KA . 8.47 -22.14 -14.35
C2 EDO KA . 9.74 -24.00 -15.23
O2 EDO KA . 8.81 -25.03 -14.93
C1 EDO LA . -6.38 -10.30 22.81
O1 EDO LA . -7.13 -10.95 21.79
C2 EDO LA . -6.33 -8.80 22.55
O2 EDO LA . -7.61 -8.22 22.72
C1 EDO MA . -1.37 -31.69 -9.98
O1 EDO MA . -2.43 -31.32 -10.86
C2 EDO MA . -0.03 -31.15 -10.46
O2 EDO MA . 0.18 -29.73 -10.27
C1 EDO NA . 14.50 3.44 -27.62
O1 EDO NA . 15.34 2.30 -27.35
C2 EDO NA . 15.09 4.80 -27.23
O2 EDO NA . 14.05 5.78 -27.32
C1 EDO OA . -23.26 -21.21 -5.57
O1 EDO OA . -22.05 -21.86 -5.15
C2 EDO OA . -22.90 -20.03 -6.44
O2 EDO OA . -21.72 -19.49 -5.87
C1 EDO PA . 27.53 -4.77 -24.99
O1 EDO PA . 26.76 -4.44 -26.14
C2 EDO PA . 28.77 -5.50 -25.48
O2 EDO PA . 29.54 -4.57 -26.25
#